data_3W9K
# 
_entry.id   3W9K 
# 
_audit_conform.dict_name       mmcif_pdbx.dic 
_audit_conform.dict_version    5.381 
_audit_conform.dict_location   http://mmcif.pdb.org/dictionaries/ascii/mmcif_pdbx.dic 
# 
loop_
_database_2.database_id 
_database_2.database_code 
_database_2.pdbx_database_accession 
_database_2.pdbx_DOI 
PDB   3W9K         pdb_00003w9k 10.2210/pdb3w9k/pdb 
RCSB  RCSB096057   ?            ?                   
WWPDB D_1000096057 ?            ?                   
# 
_pdbx_database_related.db_name        PDB 
_pdbx_database_related.db_id          2EJX 
_pdbx_database_related.details        . 
_pdbx_database_related.content_type   unspecified 
# 
_pdbx_database_status.status_code                     REL 
_pdbx_database_status.entry_id                        3W9K 
_pdbx_database_status.recvd_initial_deposition_date   2013-04-05 
_pdbx_database_status.deposit_site                    PDBJ 
_pdbx_database_status.process_site                    PDBJ 
_pdbx_database_status.methods_development_category    ? 
_pdbx_database_status.status_code_sf                  REL 
_pdbx_database_status.status_code_mr                  ? 
_pdbx_database_status.SG_entry                        ? 
_pdbx_database_status.status_code_cs                  ? 
_pdbx_database_status.pdb_format_compatible           Y 
_pdbx_database_status.status_code_nmr_data            ? 
# 
loop_
_audit_author.name 
_audit_author.pdbx_ordinal 
'Miyakawa, T.' 1 
'Sawano, Y.'   2 
'Miyazono, K.' 3 
'Miyauchi, Y.' 4 
'Hatano, K.'   5 
'Tanokura, M.' 6 
# 
_citation.id                        primary 
_citation.title                     
'A thermoacidophile-specific protein family, DUF3211, functions as a fatty acid carrier with novel binding mode.' 
_citation.journal_abbrev            J.Bacteriol. 
_citation.journal_volume            195 
_citation.page_first                4005 
_citation.page_last                 4012 
_citation.year                      2013 
_citation.journal_id_ASTM           JOBAAY 
_citation.country                   US 
_citation.journal_id_ISSN           1098-5530 
_citation.journal_id_CSD            0767 
_citation.book_publisher            ? 
_citation.pdbx_database_id_PubMed   23836863 
_citation.pdbx_database_id_DOI      10.1128/JB.00432-13 
# 
loop_
_citation_author.citation_id 
_citation_author.name 
_citation_author.ordinal 
_citation_author.identifier_ORCID 
primary 'Miyakawa, T.' 1 ? 
primary 'Sawano, Y.'   2 ? 
primary 'Miyazono, K.' 3 ? 
primary 'Miyauchi, Y.' 4 ? 
primary 'Hatano, K.'   5 ? 
primary 'Tanokura, M.' 6 ? 
# 
_cell.entry_id           3W9K 
_cell.length_a           53.93 
_cell.length_b           70.58 
_cell.length_c           35.25 
_cell.angle_alpha        90.00 
_cell.angle_beta         90.00 
_cell.angle_gamma        90.00 
_cell.Z_PDB              4 
_cell.pdbx_unique_axis   ? 
_cell.length_a_esd       ? 
_cell.length_b_esd       ? 
_cell.length_c_esd       ? 
_cell.angle_alpha_esd    ? 
_cell.angle_beta_esd     ? 
_cell.angle_gamma_esd    ? 
# 
_symmetry.entry_id                         3W9K 
_symmetry.space_group_name_H-M             'P 21 21 2' 
_symmetry.pdbx_full_space_group_name_H-M   ? 
_symmetry.cell_setting                     ? 
_symmetry.Int_Tables_number                18 
_symmetry.space_group_name_Hall            ? 
# 
loop_
_entity.id 
_entity.type 
_entity.src_method 
_entity.pdbx_description 
_entity.formula_weight 
_entity.pdbx_number_of_molecules 
_entity.pdbx_ec 
_entity.pdbx_mutation 
_entity.pdbx_fragment 
_entity.details 
1 polymer     man 'FATTY ACID-BINDING PROTEIN' 16015.574 1   ? ? ? ? 
2 non-polymer syn 'MYRISTIC ACID'              228.371   1   ? ? ? ? 
3 water       nat water                        18.015    103 ? ? ? ? 
# 
_entity_poly.entity_id                      1 
_entity_poly.type                           'polypeptide(L)' 
_entity_poly.nstd_linkage                   no 
_entity_poly.nstd_monomer                   no 
_entity_poly.pdbx_seq_one_letter_code       
;GSHMMKVEKEIKTNQDIDVVMTIFSDPAFTIPQIFPGIASIKCIEPEIFEAEGKFLAFSYKVKGRVYKGVDEVRIIYDSD
RGNGILYIRKKDNNTLQIILEHDNKLTAFLGKPYVSSNLDRLAENIDEIIRLERIKRKI
;
_entity_poly.pdbx_seq_one_letter_code_can   
;GSHMMKVEKEIKTNQDIDVVMTIFSDPAFTIPQIFPGIASIKCIEPEIFEAEGKFLAFSYKVKGRVYKGVDEVRIIYDSD
RGNGILYIRKKDNNTLQIILEHDNKLTAFLGKPYVSSNLDRLAENIDEIIRLERIKRKI
;
_entity_poly.pdbx_strand_id                 A 
_entity_poly.pdbx_target_identifier         ? 
# 
loop_
_entity_poly_seq.entity_id 
_entity_poly_seq.num 
_entity_poly_seq.mon_id 
_entity_poly_seq.hetero 
1 1   GLY n 
1 2   SER n 
1 3   HIS n 
1 4   MET n 
1 5   MET n 
1 6   LYS n 
1 7   VAL n 
1 8   GLU n 
1 9   LYS n 
1 10  GLU n 
1 11  ILE n 
1 12  LYS n 
1 13  THR n 
1 14  ASN n 
1 15  GLN n 
1 16  ASP n 
1 17  ILE n 
1 18  ASP n 
1 19  VAL n 
1 20  VAL n 
1 21  MET n 
1 22  THR n 
1 23  ILE n 
1 24  PHE n 
1 25  SER n 
1 26  ASP n 
1 27  PRO n 
1 28  ALA n 
1 29  PHE n 
1 30  THR n 
1 31  ILE n 
1 32  PRO n 
1 33  GLN n 
1 34  ILE n 
1 35  PHE n 
1 36  PRO n 
1 37  GLY n 
1 38  ILE n 
1 39  ALA n 
1 40  SER n 
1 41  ILE n 
1 42  LYS n 
1 43  CYS n 
1 44  ILE n 
1 45  GLU n 
1 46  PRO n 
1 47  GLU n 
1 48  ILE n 
1 49  PHE n 
1 50  GLU n 
1 51  ALA n 
1 52  GLU n 
1 53  GLY n 
1 54  LYS n 
1 55  PHE n 
1 56  LEU n 
1 57  ALA n 
1 58  PHE n 
1 59  SER n 
1 60  TYR n 
1 61  LYS n 
1 62  VAL n 
1 63  LYS n 
1 64  GLY n 
1 65  ARG n 
1 66  VAL n 
1 67  TYR n 
1 68  LYS n 
1 69  GLY n 
1 70  VAL n 
1 71  ASP n 
1 72  GLU n 
1 73  VAL n 
1 74  ARG n 
1 75  ILE n 
1 76  ILE n 
1 77  TYR n 
1 78  ASP n 
1 79  SER n 
1 80  ASP n 
1 81  ARG n 
1 82  GLY n 
1 83  ASN n 
1 84  GLY n 
1 85  ILE n 
1 86  LEU n 
1 87  TYR n 
1 88  ILE n 
1 89  ARG n 
1 90  LYS n 
1 91  LYS n 
1 92  ASP n 
1 93  ASN n 
1 94  ASN n 
1 95  THR n 
1 96  LEU n 
1 97  GLN n 
1 98  ILE n 
1 99  ILE n 
1 100 LEU n 
1 101 GLU n 
1 102 HIS n 
1 103 ASP n 
1 104 ASN n 
1 105 LYS n 
1 106 LEU n 
1 107 THR n 
1 108 ALA n 
1 109 PHE n 
1 110 LEU n 
1 111 GLY n 
1 112 LYS n 
1 113 PRO n 
1 114 TYR n 
1 115 VAL n 
1 116 SER n 
1 117 SER n 
1 118 ASN n 
1 119 LEU n 
1 120 ASP n 
1 121 ARG n 
1 122 LEU n 
1 123 ALA n 
1 124 GLU n 
1 125 ASN n 
1 126 ILE n 
1 127 ASP n 
1 128 GLU n 
1 129 ILE n 
1 130 ILE n 
1 131 ARG n 
1 132 LEU n 
1 133 GLU n 
1 134 ARG n 
1 135 ILE n 
1 136 LYS n 
1 137 ARG n 
1 138 LYS n 
1 139 ILE n 
# 
_entity_src_gen.entity_id                          1 
_entity_src_gen.pdbx_src_id                        1 
_entity_src_gen.pdbx_alt_source_flag               sample 
_entity_src_gen.pdbx_seq_type                      ? 
_entity_src_gen.pdbx_beg_seq_num                   ? 
_entity_src_gen.pdbx_end_seq_num                   ? 
_entity_src_gen.gene_src_common_name               ? 
_entity_src_gen.gene_src_genus                     ? 
_entity_src_gen.pdbx_gene_src_gene                 STK_08120 
_entity_src_gen.gene_src_species                   ? 
_entity_src_gen.gene_src_strain                    7 
_entity_src_gen.gene_src_tissue                    ? 
_entity_src_gen.gene_src_tissue_fraction           ? 
_entity_src_gen.gene_src_details                   ? 
_entity_src_gen.pdbx_gene_src_fragment             ? 
_entity_src_gen.pdbx_gene_src_scientific_name      'Sulfolobus tokodaii' 
_entity_src_gen.pdbx_gene_src_ncbi_taxonomy_id     273063 
_entity_src_gen.pdbx_gene_src_variant              ? 
_entity_src_gen.pdbx_gene_src_cell_line            ? 
_entity_src_gen.pdbx_gene_src_atcc                 ? 
_entity_src_gen.pdbx_gene_src_organ                ? 
_entity_src_gen.pdbx_gene_src_organelle            ? 
_entity_src_gen.pdbx_gene_src_cell                 ? 
_entity_src_gen.pdbx_gene_src_cellular_location    ? 
_entity_src_gen.host_org_common_name               ? 
_entity_src_gen.pdbx_host_org_scientific_name      'Escherichia coli' 
_entity_src_gen.pdbx_host_org_ncbi_taxonomy_id     562 
_entity_src_gen.host_org_genus                     ? 
_entity_src_gen.pdbx_host_org_gene                 ? 
_entity_src_gen.pdbx_host_org_organ                ? 
_entity_src_gen.host_org_species                   ? 
_entity_src_gen.pdbx_host_org_tissue               ? 
_entity_src_gen.pdbx_host_org_tissue_fraction      ? 
_entity_src_gen.pdbx_host_org_strain               ? 
_entity_src_gen.pdbx_host_org_variant              ? 
_entity_src_gen.pdbx_host_org_cell_line            ? 
_entity_src_gen.pdbx_host_org_atcc                 ? 
_entity_src_gen.pdbx_host_org_culture_collection   ? 
_entity_src_gen.pdbx_host_org_cell                 ? 
_entity_src_gen.pdbx_host_org_organelle            ? 
_entity_src_gen.pdbx_host_org_cellular_location    ? 
_entity_src_gen.pdbx_host_org_vector_type          plasmid 
_entity_src_gen.pdbx_host_org_vector               ? 
_entity_src_gen.host_org_details                   ? 
_entity_src_gen.expression_system_id               ? 
_entity_src_gen.plasmid_name                       ? 
_entity_src_gen.plasmid_details                    ? 
_entity_src_gen.pdbx_description                   ? 
# 
_struct_ref.id                         1 
_struct_ref.db_name                    UNP 
_struct_ref.db_code                    Q973T5_SULTO 
_struct_ref.pdbx_db_accession          Q973T5 
_struct_ref.entity_id                  1 
_struct_ref.pdbx_seq_one_letter_code   
;MMKVEKEIKTNQDIDVVMTIFSDPAFTIPQIFPGIASIKCIEPEIFEAEGKFLAFSYKVKGRVYKGVDEVRIIYDSDRGN
GILYIRKKDNNTLQIILEHDNKLTAFLGKPYVSSNLDRLAENIDEIIRLERIKRKI
;
_struct_ref.pdbx_align_begin           1 
_struct_ref.pdbx_db_isoform            ? 
# 
_struct_ref_seq.align_id                      1 
_struct_ref_seq.ref_id                        1 
_struct_ref_seq.pdbx_PDB_id_code              3W9K 
_struct_ref_seq.pdbx_strand_id                A 
_struct_ref_seq.seq_align_beg                 4 
_struct_ref_seq.pdbx_seq_align_beg_ins_code   ? 
_struct_ref_seq.seq_align_end                 139 
_struct_ref_seq.pdbx_seq_align_end_ins_code   ? 
_struct_ref_seq.pdbx_db_accession             Q973T5 
_struct_ref_seq.db_align_beg                  1 
_struct_ref_seq.pdbx_db_align_beg_ins_code    ? 
_struct_ref_seq.db_align_end                  136 
_struct_ref_seq.pdbx_db_align_end_ins_code    ? 
_struct_ref_seq.pdbx_auth_seq_align_beg       1 
_struct_ref_seq.pdbx_auth_seq_align_end       136 
# 
loop_
_struct_ref_seq_dif.align_id 
_struct_ref_seq_dif.pdbx_pdb_id_code 
_struct_ref_seq_dif.mon_id 
_struct_ref_seq_dif.pdbx_pdb_strand_id 
_struct_ref_seq_dif.seq_num 
_struct_ref_seq_dif.pdbx_pdb_ins_code 
_struct_ref_seq_dif.pdbx_seq_db_name 
_struct_ref_seq_dif.pdbx_seq_db_accession_code 
_struct_ref_seq_dif.db_mon_id 
_struct_ref_seq_dif.pdbx_seq_db_seq_num 
_struct_ref_seq_dif.details 
_struct_ref_seq_dif.pdbx_auth_seq_num 
_struct_ref_seq_dif.pdbx_ordinal 
1 3W9K GLY A 1 ? UNP Q973T5 ? ? 'expression tag' -2 1 
1 3W9K SER A 2 ? UNP Q973T5 ? ? 'expression tag' -1 2 
1 3W9K HIS A 3 ? UNP Q973T5 ? ? 'expression tag' 0  3 
# 
loop_
_chem_comp.id 
_chem_comp.type 
_chem_comp.mon_nstd_flag 
_chem_comp.name 
_chem_comp.pdbx_synonyms 
_chem_comp.formula 
_chem_comp.formula_weight 
ALA 'L-peptide linking' y ALANINE         ? 'C3 H7 N O2'     89.093  
ARG 'L-peptide linking' y ARGININE        ? 'C6 H15 N4 O2 1' 175.209 
ASN 'L-peptide linking' y ASPARAGINE      ? 'C4 H8 N2 O3'    132.118 
ASP 'L-peptide linking' y 'ASPARTIC ACID' ? 'C4 H7 N O4'     133.103 
CYS 'L-peptide linking' y CYSTEINE        ? 'C3 H7 N O2 S'   121.158 
GLN 'L-peptide linking' y GLUTAMINE       ? 'C5 H10 N2 O3'   146.144 
GLU 'L-peptide linking' y 'GLUTAMIC ACID' ? 'C5 H9 N O4'     147.129 
GLY 'peptide linking'   y GLYCINE         ? 'C2 H5 N O2'     75.067  
HIS 'L-peptide linking' y HISTIDINE       ? 'C6 H10 N3 O2 1' 156.162 
HOH non-polymer         . WATER           ? 'H2 O'           18.015  
ILE 'L-peptide linking' y ISOLEUCINE      ? 'C6 H13 N O2'    131.173 
LEU 'L-peptide linking' y LEUCINE         ? 'C6 H13 N O2'    131.173 
LYS 'L-peptide linking' y LYSINE          ? 'C6 H15 N2 O2 1' 147.195 
MET 'L-peptide linking' y METHIONINE      ? 'C5 H11 N O2 S'  149.211 
MYR non-polymer         . 'MYRISTIC ACID' ? 'C14 H28 O2'     228.371 
PHE 'L-peptide linking' y PHENYLALANINE   ? 'C9 H11 N O2'    165.189 
PRO 'L-peptide linking' y PROLINE         ? 'C5 H9 N O2'     115.130 
SER 'L-peptide linking' y SERINE          ? 'C3 H7 N O3'     105.093 
THR 'L-peptide linking' y THREONINE       ? 'C4 H9 N O3'     119.119 
TYR 'L-peptide linking' y TYROSINE        ? 'C9 H11 N O3'    181.189 
VAL 'L-peptide linking' y VALINE          ? 'C5 H11 N O2'    117.146 
# 
_exptl.entry_id          3W9K 
_exptl.method            'X-RAY DIFFRACTION' 
_exptl.crystals_number   1 
# 
_exptl_crystal.id                    1 
_exptl_crystal.density_meas          ? 
_exptl_crystal.density_Matthews      2.09 
_exptl_crystal.density_percent_sol   41.27 
_exptl_crystal.description           ? 
_exptl_crystal.F_000                 ? 
_exptl_crystal.preparation           ? 
# 
_exptl_crystal_grow.crystal_id      1 
_exptl_crystal_grow.method          'VAPOR DIFFUSION, SITTING DROP' 
_exptl_crystal_grow.temp            293 
_exptl_crystal_grow.temp_details    ? 
_exptl_crystal_grow.pH              8.0 
_exptl_crystal_grow.pdbx_details    
'23% (v/v) isopropanol, 0.2M ammonium acetate, 0.1M Tris-HCl, pH 8.0 , VAPOR DIFFUSION, SITTING DROP, temperature 293K' 
_exptl_crystal_grow.pdbx_pH_range   ? 
# 
_diffrn.id                     1 
_diffrn.ambient_temp           77 
_diffrn.ambient_temp_details   ? 
_diffrn.crystal_id             1 
# 
_diffrn_detector.diffrn_id              1 
_diffrn_detector.detector               CCD 
_diffrn_detector.type                   'ADSC QUANTUM 210' 
_diffrn_detector.pdbx_collection_date   2011-11-30 
_diffrn_detector.details                ? 
# 
_diffrn_radiation.diffrn_id                        1 
_diffrn_radiation.wavelength_id                    1 
_diffrn_radiation.pdbx_monochromatic_or_laue_m_l   M 
_diffrn_radiation.monochromator                    ? 
_diffrn_radiation.pdbx_diffrn_protocol             'SINGLE WAVELENGTH' 
_diffrn_radiation.pdbx_scattering_type             x-ray 
# 
_diffrn_radiation_wavelength.id           1 
_diffrn_radiation_wavelength.wavelength   1.00000 
_diffrn_radiation_wavelength.wt           1.0 
# 
_diffrn_source.diffrn_id                   1 
_diffrn_source.source                      SYNCHROTRON 
_diffrn_source.type                        'PHOTON FACTORY BEAMLINE BL-17A' 
_diffrn_source.pdbx_synchrotron_site       'Photon Factory' 
_diffrn_source.pdbx_synchrotron_beamline   BL-17A 
_diffrn_source.pdbx_wavelength             ? 
_diffrn_source.pdbx_wavelength_list        1.00000 
# 
_reflns.entry_id                     3W9K 
_reflns.observed_criterion_sigma_I   45.4 
_reflns.observed_criterion_sigma_F   ? 
_reflns.d_resolution_low             50.0 
_reflns.d_resolution_high            1.80 
_reflns.number_obs                   13006 
_reflns.number_all                   ? 
_reflns.percent_possible_obs         ? 
_reflns.pdbx_Rmerge_I_obs            ? 
_reflns.pdbx_Rsym_value              ? 
_reflns.pdbx_netI_over_sigmaI        ? 
_reflns.B_iso_Wilson_estimate        ? 
_reflns.pdbx_redundancy              ? 
_reflns.R_free_details               ? 
_reflns.limit_h_max                  ? 
_reflns.limit_h_min                  ? 
_reflns.limit_k_max                  ? 
_reflns.limit_k_min                  ? 
_reflns.limit_l_max                  ? 
_reflns.limit_l_min                  ? 
_reflns.observed_criterion_F_max     ? 
_reflns.observed_criterion_F_min     ? 
_reflns.pdbx_chi_squared             ? 
_reflns.pdbx_scaling_rejects         ? 
_reflns.pdbx_ordinal                 1 
_reflns.pdbx_diffrn_id               1 
# 
_reflns_shell.d_res_high                  1.80 
_reflns_shell.d_res_low                   1.86 
_reflns_shell.percent_possible_all        99.6 
_reflns_shell.Rmerge_I_obs                ? 
_reflns_shell.pdbx_Rsym_value             0.214 
_reflns_shell.meanI_over_sigI_obs         8.5 
_reflns_shell.pdbx_redundancy             6.1 
_reflns_shell.percent_possible_obs        ? 
_reflns_shell.number_unique_all           ? 
_reflns_shell.number_measured_all         ? 
_reflns_shell.number_measured_obs         ? 
_reflns_shell.number_unique_obs           ? 
_reflns_shell.pdbx_chi_squared            ? 
_reflns_shell.pdbx_rejects                ? 
_reflns_shell.pdbx_netI_over_sigmaI_obs   ? 
_reflns_shell.number_possible             ? 
_reflns_shell.Rmerge_F_all                ? 
_reflns_shell.Rmerge_F_obs                ? 
_reflns_shell.Rmerge_I_all                ? 
_reflns_shell.meanI_over_sigI_all         ? 
_reflns_shell.pdbx_Rrim_I_all             ? 
_reflns_shell.pdbx_Rpim_I_all             ? 
_reflns_shell.pdbx_ordinal                1 
_reflns_shell.pdbx_diffrn_id              1 
# 
_refine.entry_id                                 3W9K 
_refine.ls_number_reflns_obs                     12356 
_refine.ls_number_reflns_all                     ? 
_refine.pdbx_ls_sigma_I                          ? 
_refine.pdbx_ls_sigma_F                          ? 
_refine.pdbx_data_cutoff_high_absF               ? 
_refine.pdbx_data_cutoff_low_absF                ? 
_refine.pdbx_data_cutoff_high_rms_absF           ? 
_refine.ls_d_res_low                             20.00 
_refine.ls_d_res_high                            1.80 
_refine.ls_percent_reflns_obs                    99.86 
_refine.ls_R_factor_obs                          0.183 
_refine.ls_R_factor_all                          ? 
_refine.ls_R_factor_R_work                       0.181 
_refine.ls_R_factor_R_free                       0.232 
_refine.ls_R_factor_R_free_error                 ? 
_refine.ls_R_factor_R_free_error_details         ? 
_refine.ls_percent_reflns_R_free                 4.9 
_refine.ls_number_reflns_R_free                  633 
_refine.ls_number_parameters                     ? 
_refine.ls_number_restraints                     ? 
_refine.occupancy_min                            ? 
_refine.occupancy_max                            ? 
_refine.correlation_coeff_Fo_to_Fc               0.953 
_refine.correlation_coeff_Fo_to_Fc_free          0.935 
_refine.B_iso_mean                               18.58 
_refine.aniso_B[1][1]                            0.19 
_refine.aniso_B[2][2]                            -0.28 
_refine.aniso_B[3][3]                            0.09 
_refine.aniso_B[1][2]                            0.00 
_refine.aniso_B[1][3]                            0.00 
_refine.aniso_B[2][3]                            0.00 
_refine.solvent_model_details                    MASK 
_refine.solvent_model_param_ksol                 ? 
_refine.solvent_model_param_bsol                 ? 
_refine.pdbx_solvent_vdw_probe_radii             1.40 
_refine.pdbx_solvent_ion_probe_radii             0.80 
_refine.pdbx_solvent_shrinkage_radii             0.80 
_refine.pdbx_ls_cross_valid_method               THROUGHOUT 
_refine.details                                  'HYDROGENS HAVE BEEN ADDED IN THE RIDING POSITIONS' 
_refine.pdbx_starting_model                      2EJX 
_refine.pdbx_method_to_determine_struct          'MOLECULAR REPLACEMENT' 
_refine.pdbx_isotropic_thermal_model             ? 
_refine.pdbx_stereochemistry_target_values       'MAXIMUM LIKELIHOOD' 
_refine.pdbx_stereochem_target_val_spec_case     ? 
_refine.pdbx_R_Free_selection_details            RANDOM 
_refine.pdbx_overall_ESU_R                       0.134 
_refine.pdbx_overall_ESU_R_Free                  0.134 
_refine.overall_SU_ML                            0.081 
_refine.pdbx_overall_phase_error                 ? 
_refine.overall_SU_B                             2.566 
_refine.overall_SU_R_Cruickshank_DPI             ? 
_refine.ls_redundancy_reflns_obs                 ? 
_refine.B_iso_min                                ? 
_refine.B_iso_max                                ? 
_refine.overall_SU_R_free                        ? 
_refine.ls_wR_factor_R_free                      ? 
_refine.ls_wR_factor_R_work                      ? 
_refine.overall_FOM_free_R_set                   ? 
_refine.overall_FOM_work_R_set                   ? 
_refine.pdbx_diffrn_id                           1 
_refine.pdbx_refine_id                           'X-RAY DIFFRACTION' 
_refine.pdbx_TLS_residual_ADP_flag               ? 
_refine.pdbx_overall_SU_R_free_Cruickshank_DPI   ? 
_refine.pdbx_overall_SU_R_Blow_DPI               ? 
_refine.pdbx_overall_SU_R_free_Blow_DPI          ? 
# 
_refine_hist.pdbx_refine_id                   'X-RAY DIFFRACTION' 
_refine_hist.cycle_id                         LAST 
_refine_hist.pdbx_number_atoms_protein        1098 
_refine_hist.pdbx_number_atoms_nucleic_acid   0 
_refine_hist.pdbx_number_atoms_ligand         16 
_refine_hist.number_atoms_solvent             103 
_refine_hist.number_atoms_total               1217 
_refine_hist.d_res_high                       1.80 
_refine_hist.d_res_low                        20.00 
# 
loop_
_refine_ls_restr.type 
_refine_ls_restr.dev_ideal 
_refine_ls_restr.dev_ideal_target 
_refine_ls_restr.weight 
_refine_ls_restr.number 
_refine_ls_restr.pdbx_restraint_function 
_refine_ls_restr.pdbx_refine_id 
r_bond_refined_d       0.023  0.022  ? 1130 ? 'X-RAY DIFFRACTION' 
r_angle_refined_deg    1.984  1.994  ? 1514 ? 'X-RAY DIFFRACTION' 
r_dihedral_angle_1_deg 6.458  5.000  ? 134  ? 'X-RAY DIFFRACTION' 
r_dihedral_angle_2_deg 32.031 24.423 ? 52   ? 'X-RAY DIFFRACTION' 
r_dihedral_angle_3_deg 13.517 15.000 ? 222  ? 'X-RAY DIFFRACTION' 
r_dihedral_angle_4_deg 13.438 15.000 ? 8    ? 'X-RAY DIFFRACTION' 
r_chiral_restr         0.139  0.200  ? 170  ? 'X-RAY DIFFRACTION' 
r_gen_planes_refined   0.009  0.021  ? 823  ? 'X-RAY DIFFRACTION' 
r_mcbond_it            1.233  1.500  ? 673  ? 'X-RAY DIFFRACTION' 
r_mcangle_it           2.156  2.000  ? 1100 ? 'X-RAY DIFFRACTION' 
r_scbond_it            3.775  3.000  ? 457  ? 'X-RAY DIFFRACTION' 
r_scangle_it           6.081  4.500  ? 414  ? 'X-RAY DIFFRACTION' 
# 
_refine_ls_shell.pdbx_refine_id                   'X-RAY DIFFRACTION' 
_refine_ls_shell.pdbx_total_number_of_bins_used   20 
_refine_ls_shell.d_res_high                       1.800 
_refine_ls_shell.d_res_low                        1.847 
_refine_ls_shell.number_reflns_R_work             869 
_refine_ls_shell.R_factor_R_work                  0.221 
_refine_ls_shell.percent_reflns_obs               98.82 
_refine_ls_shell.R_factor_R_free                  0.294 
_refine_ls_shell.R_factor_R_free_error            ? 
_refine_ls_shell.percent_reflns_R_free            ? 
_refine_ls_shell.number_reflns_R_free             56 
_refine_ls_shell.number_reflns_all                ? 
_refine_ls_shell.R_factor_all                     ? 
_refine_ls_shell.number_reflns_obs                ? 
_refine_ls_shell.redundancy_reflns_obs            ? 
# 
_struct.entry_id                  3W9K 
_struct.title                     'Crystal structure of thermoacidophile-specific protein STK_08120 complexed with myristic acid' 
_struct.pdbx_model_details        ? 
_struct.pdbx_CASP_flag            ? 
_struct.pdbx_model_type_details   ? 
# 
_struct_keywords.entry_id        3W9K 
_struct_keywords.pdbx_keywords   'LIPID BINDING PROTEIN' 
_struct_keywords.text            'Helix-Grip Fold, Fatty Acid Binding, LIPID BINDING PROTEIN' 
# 
loop_
_struct_asym.id 
_struct_asym.pdbx_blank_PDB_chainid_flag 
_struct_asym.pdbx_modified 
_struct_asym.entity_id 
_struct_asym.details 
A N N 1 ? 
B N N 2 ? 
C N N 3 ? 
# 
_struct_biol.id        1 
_struct_biol.details   ? 
# 
loop_
_struct_conf.conf_type_id 
_struct_conf.id 
_struct_conf.pdbx_PDB_helix_id 
_struct_conf.beg_label_comp_id 
_struct_conf.beg_label_asym_id 
_struct_conf.beg_label_seq_id 
_struct_conf.pdbx_beg_PDB_ins_code 
_struct_conf.end_label_comp_id 
_struct_conf.end_label_asym_id 
_struct_conf.end_label_seq_id 
_struct_conf.pdbx_end_PDB_ins_code 
_struct_conf.beg_auth_comp_id 
_struct_conf.beg_auth_asym_id 
_struct_conf.beg_auth_seq_id 
_struct_conf.end_auth_comp_id 
_struct_conf.end_auth_asym_id 
_struct_conf.end_auth_seq_id 
_struct_conf.pdbx_PDB_helix_class 
_struct_conf.details 
_struct_conf.pdbx_PDB_helix_length 
HELX_P HELX_P1 1 ASP A 16  ? SER A 25  ? ASP A 13  SER A 22  1 ? 10 
HELX_P HELX_P2 2 ASP A 26  ? PHE A 35  ? ASP A 23  PHE A 32  1 ? 10 
HELX_P HELX_P3 3 ASN A 104 ? LYS A 138 ? ASN A 101 LYS A 135 1 ? 35 
# 
_struct_conf_type.id          HELX_P 
_struct_conf_type.criteria    ? 
_struct_conf_type.reference   ? 
# 
_struct_sheet.id               A 
_struct_sheet.type             ? 
_struct_sheet.number_strands   7 
_struct_sheet.details          ? 
# 
loop_
_struct_sheet_order.sheet_id 
_struct_sheet_order.range_id_1 
_struct_sheet_order.range_id_2 
_struct_sheet_order.offset 
_struct_sheet_order.sense 
A 1 2 ? anti-parallel 
A 2 3 ? anti-parallel 
A 3 4 ? anti-parallel 
A 4 5 ? anti-parallel 
A 5 6 ? anti-parallel 
A 6 7 ? anti-parallel 
# 
loop_
_struct_sheet_range.sheet_id 
_struct_sheet_range.id 
_struct_sheet_range.beg_label_comp_id 
_struct_sheet_range.beg_label_asym_id 
_struct_sheet_range.beg_label_seq_id 
_struct_sheet_range.pdbx_beg_PDB_ins_code 
_struct_sheet_range.end_label_comp_id 
_struct_sheet_range.end_label_asym_id 
_struct_sheet_range.end_label_seq_id 
_struct_sheet_range.pdbx_end_PDB_ins_code 
_struct_sheet_range.beg_auth_comp_id 
_struct_sheet_range.beg_auth_asym_id 
_struct_sheet_range.beg_auth_seq_id 
_struct_sheet_range.end_auth_comp_id 
_struct_sheet_range.end_auth_asym_id 
_struct_sheet_range.end_auth_seq_id 
A 1 LYS A 6  ? LYS A 12  ? LYS A 3  LYS A 9  
A 2 THR A 95 ? HIS A 102 ? THR A 92 HIS A 99 
A 3 GLY A 84 ? ASP A 92  ? GLY A 81 ASP A 89 
A 4 GLU A 72 ? SER A 79  ? GLU A 69 SER A 76 
A 5 PHE A 58 ? GLY A 69  ? PHE A 55 GLY A 66 
A 6 ILE A 48 ? PHE A 55  ? ILE A 45 PHE A 52 
A 7 ILE A 38 ? GLU A 45  ? ILE A 35 GLU A 42 
# 
loop_
_pdbx_struct_sheet_hbond.sheet_id 
_pdbx_struct_sheet_hbond.range_id_1 
_pdbx_struct_sheet_hbond.range_id_2 
_pdbx_struct_sheet_hbond.range_1_label_atom_id 
_pdbx_struct_sheet_hbond.range_1_label_comp_id 
_pdbx_struct_sheet_hbond.range_1_label_asym_id 
_pdbx_struct_sheet_hbond.range_1_label_seq_id 
_pdbx_struct_sheet_hbond.range_1_PDB_ins_code 
_pdbx_struct_sheet_hbond.range_1_auth_atom_id 
_pdbx_struct_sheet_hbond.range_1_auth_comp_id 
_pdbx_struct_sheet_hbond.range_1_auth_asym_id 
_pdbx_struct_sheet_hbond.range_1_auth_seq_id 
_pdbx_struct_sheet_hbond.range_2_label_atom_id 
_pdbx_struct_sheet_hbond.range_2_label_comp_id 
_pdbx_struct_sheet_hbond.range_2_label_asym_id 
_pdbx_struct_sheet_hbond.range_2_label_seq_id 
_pdbx_struct_sheet_hbond.range_2_PDB_ins_code 
_pdbx_struct_sheet_hbond.range_2_auth_atom_id 
_pdbx_struct_sheet_hbond.range_2_auth_comp_id 
_pdbx_struct_sheet_hbond.range_2_auth_asym_id 
_pdbx_struct_sheet_hbond.range_2_auth_seq_id 
A 1 2 N VAL A 7  ? N VAL A 4  O LEU A 100 ? O LEU A 97 
A 2 3 O ILE A 99 ? O ILE A 96 N TYR A 87  ? N TYR A 84 
A 3 4 O LEU A 86 ? O LEU A 83 N ILE A 75  ? N ILE A 72 
A 4 5 O ARG A 74 ? O ARG A 71 N TYR A 67  ? N TYR A 64 
A 5 6 O VAL A 62 ? O VAL A 59 N ALA A 51  ? N ALA A 48 
A 6 7 O GLU A 50 ? O GLU A 47 N LYS A 42  ? N LYS A 39 
# 
_struct_site.id                   AC1 
_struct_site.pdbx_evidence_code   Software 
_struct_site.pdbx_auth_asym_id    A 
_struct_site.pdbx_auth_comp_id    MYR 
_struct_site.pdbx_auth_seq_id     201 
_struct_site.pdbx_auth_ins_code   ? 
_struct_site.pdbx_num_residues    4 
_struct_site.details              'BINDING SITE FOR RESIDUE MYR A 201' 
# 
loop_
_struct_site_gen.id 
_struct_site_gen.site_id 
_struct_site_gen.pdbx_num_res 
_struct_site_gen.label_comp_id 
_struct_site_gen.label_asym_id 
_struct_site_gen.label_seq_id 
_struct_site_gen.pdbx_auth_ins_code 
_struct_site_gen.auth_comp_id 
_struct_site_gen.auth_asym_id 
_struct_site_gen.auth_seq_id 
_struct_site_gen.label_atom_id 
_struct_site_gen.label_alt_id 
_struct_site_gen.symmetry 
_struct_site_gen.details 
1 AC1 4 LYS A 6   ? LYS A 3   . ? 1_555 ? 
2 AC1 4 PHE A 35  ? PHE A 32  . ? 1_555 ? 
3 AC1 4 SER A 79  ? SER A 76  . ? 1_555 ? 
4 AC1 4 ALA A 108 ? ALA A 105 . ? 1_555 ? 
# 
_atom_sites.entry_id                    3W9K 
_atom_sites.fract_transf_matrix[1][1]   0.00111206 
_atom_sites.fract_transf_matrix[1][2]   0.00859357 
_atom_sites.fract_transf_matrix[1][3]   0.01639493 
_atom_sites.fract_transf_matrix[2][1]   -0.01404414 
_atom_sites.fract_transf_matrix[2][2]   0.00186914 
_atom_sites.fract_transf_matrix[2][3]   -0.00002712 
_atom_sites.fract_transf_matrix[3][1]   -0.00333372 
_atom_sites.fract_transf_matrix[3][2]   -0.02485615 
_atom_sites.fract_transf_matrix[3][3]   0.01325474 
_atom_sites.fract_transf_vector[1]      -0.270787 
_atom_sites.fract_transf_vector[2]      0.026357 
_atom_sites.fract_transf_vector[3]      -0.429288 
# 
loop_
_atom_type.symbol 
C 
N 
O 
S 
# 
loop_
_atom_site.group_PDB 
_atom_site.id 
_atom_site.type_symbol 
_atom_site.label_atom_id 
_atom_site.label_alt_id 
_atom_site.label_comp_id 
_atom_site.label_asym_id 
_atom_site.label_entity_id 
_atom_site.label_seq_id 
_atom_site.pdbx_PDB_ins_code 
_atom_site.Cartn_x 
_atom_site.Cartn_y 
_atom_site.Cartn_z 
_atom_site.occupancy 
_atom_site.B_iso_or_equiv 
_atom_site.pdbx_formal_charge 
_atom_site.auth_seq_id 
_atom_site.auth_comp_id 
_atom_site.auth_asym_id 
_atom_site.auth_atom_id 
_atom_site.pdbx_PDB_model_num 
ATOM   1    N N   . MET A 1 5   ? -7.557  11.516  9.716   1.00 25.98 ? 2   MET A N   1 
ATOM   2    C CA  . MET A 1 5   ? -8.500  10.441  9.200   1.00 26.65 ? 2   MET A CA  1 
ATOM   3    C C   . MET A 1 5   ? -7.785  9.187   8.646   1.00 25.48 ? 2   MET A C   1 
ATOM   4    O O   . MET A 1 5   ? -7.169  9.251   7.568   1.00 25.94 ? 2   MET A O   1 
ATOM   5    C CB  . MET A 1 5   ? -9.376  10.967  8.074   1.00 27.28 ? 2   MET A CB  1 
ATOM   6    C CG  . MET A 1 5   ? -10.411 12.034  8.498   1.00 31.53 ? 2   MET A CG  1 
ATOM   7    S SD  . MET A 1 5   ? -11.249 12.756  7.053   1.00 36.43 ? 2   MET A SD  1 
ATOM   8    C CE  . MET A 1 5   ? -10.030 13.997  6.484   1.00 32.55 ? 2   MET A CE  1 
ATOM   9    N N   . LYS A 1 6   ? -7.997  8.053   9.301   1.00 22.77 ? 3   LYS A N   1 
ATOM   10   C CA  . LYS A 1 6   ? -7.199  6.888   8.994   1.00 20.24 ? 3   LYS A CA  1 
ATOM   11   C C   . LYS A 1 6   ? -7.937  5.574   8.956   1.00 18.97 ? 3   LYS A C   1 
ATOM   12   O O   . LYS A 1 6   ? -8.943  5.361   9.661   1.00 16.64 ? 3   LYS A O   1 
ATOM   13   C CB  . LYS A 1 6   ? -5.970  6.796   9.938   1.00 21.46 ? 3   LYS A CB  1 
ATOM   14   C CG  . LYS A 1 6   ? -6.235  6.464   11.380  1.00 26.12 ? 3   LYS A CG  1 
ATOM   15   C CD  . LYS A 1 6   ? -4.957  6.745   12.245  1.00 27.10 ? 3   LYS A CD  1 
ATOM   16   C CE  . LYS A 1 6   ? -5.263  6.813   13.800  1.00 32.54 ? 3   LYS A CE  1 
ATOM   17   N NZ  . LYS A 1 6   ? -5.310  5.444   14.394  1.00 31.80 ? 3   LYS A NZ  1 
ATOM   18   N N   . VAL A 1 7   ? -7.418  4.662   8.150   1.00 15.57 ? 4   VAL A N   1 
ATOM   19   C CA  . VAL A 1 7   ? -7.960  3.313   8.172   1.00 16.98 ? 4   VAL A CA  1 
ATOM   20   C C   . VAL A 1 7   ? -6.723  2.395   8.327   1.00 15.89 ? 4   VAL A C   1 
ATOM   21   O O   . VAL A 1 7   ? -5.666  2.677   7.750   1.00 15.44 ? 4   VAL A O   1 
ATOM   22   C CB  . VAL A 1 7   ? -8.793  2.979   6.913   1.00 17.41 ? 4   VAL A CB  1 
ATOM   23   C CG1 . VAL A 1 7   ? -7.995  3.118   5.675   1.00 18.39 ? 4   VAL A CG1 1 
ATOM   24   C CG2 . VAL A 1 7   ? -9.387  1.590   6.995   1.00 17.83 ? 4   VAL A CG2 1 
ATOM   25   N N   . GLU A 1 8   ? -6.877  1.335   9.116   1.00 15.14 ? 5   GLU A N   1 
ATOM   26   C CA  . GLU A 1 8   ? -5.702  0.539   9.551   1.00 15.77 ? 5   GLU A CA  1 
ATOM   27   C C   . GLU A 1 8   ? -5.998  -0.936  9.390   1.00 15.11 ? 5   GLU A C   1 
ATOM   28   O O   . GLU A 1 8   ? -7.173  -1.334  9.429   1.00 15.88 ? 5   GLU A O   1 
ATOM   29   C CB  . GLU A 1 8   ? -5.446  0.772   11.042  1.00 18.26 ? 5   GLU A CB  1 
ATOM   30   C CG  . GLU A 1 8   ? -5.011  2.163   11.348  1.00 22.53 ? 5   GLU A CG  1 
ATOM   31   C CD  . GLU A 1 8   ? -4.288  2.258   12.645  1.00 26.24 ? 5   GLU A CD  1 
ATOM   32   O OE1 . GLU A 1 8   ? -3.772  1.236   13.116  1.00 21.69 ? 5   GLU A OE1 1 
ATOM   33   O OE2 . GLU A 1 8   ? -4.159  3.386   13.158  1.00 28.87 ? 5   GLU A OE2 1 
ATOM   34   N N   . LYS A 1 9   ? -4.956  -1.775  9.235   1.00 13.54 ? 6   LYS A N   1 
ATOM   35   C CA  . LYS A 1 9   ? -5.176  -3.214  9.245   1.00 11.35 ? 6   LYS A CA  1 
ATOM   36   C C   . LYS A 1 9   ? -3.951  -3.895  9.805   1.00 11.85 ? 6   LYS A C   1 
ATOM   37   O O   . LYS A 1 9   ? -2.819  -3.609  9.369   1.00 11.14 ? 6   LYS A O   1 
ATOM   38   C CB  . LYS A 1 9   ? -5.459  -3.779  7.807   1.00 11.81 ? 6   LYS A CB  1 
ATOM   39   C CG  . LYS A 1 9   ? -5.745  -5.330  7.713   1.00 14.85 ? 6   LYS A CG  1 
ATOM   40   C CD  . LYS A 1 9   ? -7.222  -5.613  8.136   1.00 15.26 ? 6   LYS A CD  1 
ATOM   41   C CE  . LYS A 1 9   ? -7.442  -7.121  8.311   1.00 21.32 ? 6   LYS A CE  1 
ATOM   42   N NZ  . LYS A 1 9   ? -8.920  -7.319  8.343   1.00 21.66 ? 6   LYS A NZ  1 
ATOM   43   N N   . GLU A 1 10  ? -4.194  -4.872  10.674  1.00 10.25 ? 7   GLU A N   1 
ATOM   44   C CA  . GLU A 1 10  ? -3.084  -5.730  11.110  1.00 12.61 ? 7   GLU A CA  1 
ATOM   45   C C   . GLU A 1 10  ? -2.932  -6.899  10.152  1.00 12.40 ? 7   GLU A C   1 
ATOM   46   O O   . GLU A 1 10  ? -3.936  -7.435  9.685   1.00 12.97 ? 7   GLU A O   1 
ATOM   47   C CB  . GLU A 1 10  ? -3.320  -6.232  12.528  1.00 10.27 ? 7   GLU A CB  1 
ATOM   48   C CG  . GLU A 1 10  ? -2.240  -7.213  13.043  1.00 12.90 ? 7   GLU A CG  1 
ATOM   49   C CD  . GLU A 1 10  ? -2.504  -7.611  14.492  1.00 19.81 ? 7   GLU A CD  1 
ATOM   50   O OE1 . GLU A 1 10  ? -3.262  -8.576  14.649  1.00 19.99 ? 7   GLU A OE1 1 
ATOM   51   O OE2 . GLU A 1 10  ? -2.013  -6.939  15.433  1.00 18.46 ? 7   GLU A OE2 1 
ATOM   52   N N   . ILE A 1 11  ? -1.690  -7.268  9.848   1.00 12.01 ? 8   ILE A N   1 
ATOM   53   C CA  . ILE A 1 11  ? -1.389  -8.392  9.004   1.00 11.82 ? 8   ILE A CA  1 
ATOM   54   C C   . ILE A 1 11  ? -0.485  -9.364  9.793   1.00 14.01 ? 8   ILE A C   1 
ATOM   55   O O   . ILE A 1 11  ? 0.567   -8.981  10.300  1.00 12.62 ? 8   ILE A O   1 
ATOM   56   C CB  . ILE A 1 11  ? -0.713  -7.930  7.687   1.00 13.14 ? 8   ILE A CB  1 
ATOM   57   C CG1 . ILE A 1 11  ? -1.667  -6.974  6.929   1.00 15.54 ? 8   ILE A CG1 1 
ATOM   58   C CG2 . ILE A 1 11  ? -0.312  -9.158  6.826   1.00 12.45 ? 8   ILE A CG2 1 
ATOM   59   C CD1 . ILE A 1 11  ? -1.857  -7.179  5.501   1.00 25.15 ? 8   ILE A CD1 1 
ATOM   60   N N   . LYS A 1 12  ? -0.901  -10.629 9.826   1.00 13.15 ? 9   LYS A N   1 
ATOM   61   C CA  . LYS A 1 12  ? -0.096  -11.699 10.442  1.00 14.77 ? 9   LYS A CA  1 
ATOM   62   C C   . LYS A 1 12  ? 0.540   -12.477 9.308   1.00 13.81 ? 9   LYS A C   1 
ATOM   63   O O   . LYS A 1 12  ? -0.127  -12.853 8.325   1.00 14.17 ? 9   LYS A O   1 
ATOM   64   C CB  . LYS A 1 12  ? -0.970  -12.648 11.294  1.00 13.31 ? 9   LYS A CB  1 
ATOM   65   C CG  . LYS A 1 12  ? -1.542  -11.927 12.547  1.00 18.16 ? 9   LYS A CG  1 
ATOM   66   C CD  . LYS A 1 12  ? -0.382  -11.906 13.576  1.00 24.66 ? 9   LYS A CD  1 
ATOM   67   C CE  . LYS A 1 12  ? -0.815  -11.361 14.922  1.00 27.12 ? 9   LYS A CE  1 
ATOM   68   N NZ  . LYS A 1 12  ? 0.415   -11.268 15.812  1.00 25.19 ? 9   LYS A NZ  1 
ATOM   69   N N   . THR A 1 13  ? 1.809   -12.794 9.474   1.00 15.61 ? 10  THR A N   1 
ATOM   70   C CA  . THR A 1 13  ? 2.537   -13.496 8.433   1.00 14.32 ? 10  THR A CA  1 
ATOM   71   C C   . THR A 1 13  ? 3.512   -14.492 9.054   1.00 14.65 ? 10  THR A C   1 
ATOM   72   O O   . THR A 1 13  ? 4.088   -14.223 10.083  1.00 15.72 ? 10  THR A O   1 
ATOM   73   C CB  . THR A 1 13  ? 3.310   -12.441 7.527   1.00 15.27 ? 10  THR A CB  1 
ATOM   74   O OG1 . THR A 1 13  ? 4.008   -13.133 6.521   1.00 15.87 ? 10  THR A OG1 1 
ATOM   75   C CG2 . THR A 1 13  ? 4.315   -11.550 8.352   1.00 17.02 ? 10  THR A CG2 1 
ATOM   76   N N   . ASN A 1 14  ? 3.719   -15.604 8.386   1.00 15.30 ? 11  ASN A N   1 
ATOM   77   C CA  . ASN A 1 14  ? 4.796   -16.525 8.708   1.00 15.34 ? 11  ASN A CA  1 
ATOM   78   C C   . ASN A 1 14  ? 5.887   -16.499 7.654   1.00 15.31 ? 11  ASN A C   1 
ATOM   79   O O   . ASN A 1 14  ? 6.760   -17.370 7.613   1.00 16.17 ? 11  ASN A O   1 
ATOM   80   C CB  . ASN A 1 14  ? 4.214   -17.919 8.900   1.00 18.49 ? 11  ASN A CB  1 
ATOM   81   C CG  . ASN A 1 14  ? 3.396   -17.992 10.171  1.00 20.73 ? 11  ASN A CG  1 
ATOM   82   O OD1 . ASN A 1 14  ? 3.774   -17.417 11.217  1.00 30.96 ? 11  ASN A OD1 1 
ATOM   83   N ND2 . ASN A 1 14  ? 2.258   -18.579 10.078  1.00 25.93 ? 11  ASN A ND2 1 
ATOM   84   N N   . GLN A 1 15  ? 5.833   -15.504 6.763   1.00 15.10 ? 12  GLN A N   1 
ATOM   85   C CA  . GLN A 1 15  ? 6.911   -15.298 5.791   1.00 14.61 ? 12  GLN A CA  1 
ATOM   86   C C   . GLN A 1 15  ? 8.005   -14.494 6.489   1.00 16.34 ? 12  GLN A C   1 
ATOM   87   O O   . GLN A 1 15  ? 7.761   -13.930 7.573   1.00 18.79 ? 12  GLN A O   1 
ATOM   88   C CB  . GLN A 1 15  ? 6.356   -14.527 4.585   1.00 13.98 ? 12  GLN A CB  1 
ATOM   89   C CG  . GLN A 1 15  ? 5.871   -15.355 3.456   1.00 12.43 ? 12  GLN A CG  1 
ATOM   90   C CD  . GLN A 1 15  ? 7.069   -15.885 2.644   1.00 19.86 ? 12  GLN A CD  1 
ATOM   91   O OE1 . GLN A 1 15  ? 8.186   -15.427 2.827   1.00 26.04 ? 12  GLN A OE1 1 
ATOM   92   N NE2 . GLN A 1 15  ? 6.840   -16.861 1.804   1.00 25.22 ? 12  GLN A NE2 1 
ATOM   93   N N   . ASP A 1 16  ? 9.233   -14.536 5.972   1.00 14.88 ? 13  ASP A N   1 
ATOM   94   C CA  . ASP A 1 16  ? 10.339  -13.735 6.539   1.00 16.57 ? 13  ASP A CA  1 
ATOM   95   C C   . ASP A 1 16  ? 9.917   -12.265 6.559   1.00 16.12 ? 13  ASP A C   1 
ATOM   96   O O   . ASP A 1 16  ? 9.766   -11.625 5.494   1.00 14.22 ? 13  ASP A O   1 
ATOM   97   C CB  . ASP A 1 16  ? 11.555  -13.875 5.647   1.00 17.00 ? 13  ASP A CB  1 
ATOM   98   C CG  . ASP A 1 16  ? 12.766  -13.112 6.128   1.00 23.96 ? 13  ASP A CG  1 
ATOM   99   O OD1 . ASP A 1 16  ? 12.716  -11.953 6.620   1.00 25.41 ? 13  ASP A OD1 1 
ATOM   100  O OD2 . ASP A 1 16  ? 13.835  -13.738 5.944   1.00 31.68 ? 13  ASP A OD2 1 
ATOM   101  N N   . ILE A 1 17  ? 9.811   -11.723 7.769   1.00 16.61 ? 14  ILE A N   1 
ATOM   102  C CA  . ILE A 1 17  ? 9.161   -10.433 7.992   1.00 17.79 ? 14  ILE A CA  1 
ATOM   103  C C   . ILE A 1 17  ? 9.930   -9.315  7.290   1.00 17.36 ? 14  ILE A C   1 
ATOM   104  O O   . ILE A 1 17  ? 9.337   -8.356  6.788   1.00 17.63 ? 14  ILE A O   1 
ATOM   105  C CB  . ILE A 1 17  ? 9.086   -10.109 9.532   1.00 20.26 ? 14  ILE A CB  1 
ATOM   106  C CG1 . ILE A 1 17  ? 8.267   -8.845  9.740   1.00 22.96 ? 14  ILE A CG1 1 
ATOM   107  C CG2 . ILE A 1 17  ? 10.570  -10.001 10.183  1.00 19.87 ? 14  ILE A CG2 1 
ATOM   108  C CD1 . ILE A 1 17  ? 6.809   -9.021  9.387   1.00 24.03 ? 14  ILE A CD1 1 
ATOM   109  N N   . ASP A 1 18  ? 11.232  -9.439  7.214   1.00 17.33 ? 15  ASP A N   1 
ATOM   110  C CA  . ASP A 1 18  ? 12.011  -8.406  6.536   1.00 18.44 ? 15  ASP A CA  1 
ATOM   111  C C   . ASP A 1 18  ? 11.913  -8.417  5.030   1.00 17.31 ? 15  ASP A C   1 
ATOM   112  O O   . ASP A 1 18  ? 11.944  -7.355  4.416   1.00 16.63 ? 15  ASP A O   1 
ATOM   113  C CB  . ASP A 1 18  ? 13.435  -8.448  7.031   1.00 20.61 ? 15  ASP A CB  1 
ATOM   114  C CG  . ASP A 1 18  ? 13.496  -8.123  8.529   1.00 22.91 ? 15  ASP A CG  1 
ATOM   115  O OD1 . ASP A 1 18  ? 12.719  -7.217  9.054   1.00 23.99 ? 15  ASP A OD1 1 
ATOM   116  O OD2 . ASP A 1 18  ? 14.186  -8.876  9.200   1.00 23.60 ? 15  ASP A OD2 1 
ATOM   117  N N   . VAL A 1 19  ? 11.755  -9.594  4.430   1.00 14.07 ? 16  VAL A N   1 
ATOM   118  C CA  . VAL A 1 19  ? 11.421  -9.681  2.997   1.00 12.45 ? 16  VAL A CA  1 
ATOM   119  C C   . VAL A 1 19  ? 10.046  -9.111  2.796   1.00 11.71 ? 16  VAL A C   1 
ATOM   120  O O   . VAL A 1 19  ? 9.851   -8.375  1.830   1.00 10.87 ? 16  VAL A O   1 
ATOM   121  C CB  . VAL A 1 19  ? 11.488  -11.144 2.489   1.00 13.33 ? 16  VAL A CB  1 
ATOM   122  C CG1 . VAL A 1 19  ? 11.035  -11.284 1.015   1.00 14.88 ? 16  VAL A CG1 1 
ATOM   123  C CG2 . VAL A 1 19  ? 12.884  -11.716 2.713   1.00 16.42 ? 16  VAL A CG2 1 
ATOM   124  N N   . VAL A 1 20  ? 9.102   -9.420  3.690   1.00 12.08 ? 17  VAL A N   1 
ATOM   125  C CA  . VAL A 1 20  ? 7.768   -8.825  3.571   1.00 11.69 ? 17  VAL A CA  1 
ATOM   126  C C   . VAL A 1 20  ? 7.822   -7.310  3.591   1.00 11.50 ? 17  VAL A C   1 
ATOM   127  O O   . VAL A 1 20  ? 7.215   -6.656  2.748   1.00 9.96  ? 17  VAL A O   1 
ATOM   128  C CB  . VAL A 1 20  ? 6.781   -9.361  4.640   1.00 13.30 ? 17  VAL A CB  1 
ATOM   129  C CG1 . VAL A 1 20  ? 5.403   -8.703  4.532   1.00 11.00 ? 17  VAL A CG1 1 
ATOM   130  C CG2 . VAL A 1 20  ? 6.611   -10.868 4.459   1.00 12.11 ? 17  VAL A CG2 1 
ATOM   131  N N   . MET A 1 21  ? 8.511   -6.768  4.580   1.00 9.95  ? 18  MET A N   1 
ATOM   132  C CA  . MET A 1 21  ? 8.646   -5.301  4.699   1.00 12.02 ? 18  MET A CA  1 
ATOM   133  C C   . MET A 1 21  ? 9.310   -4.722  3.456   1.00 12.52 ? 18  MET A C   1 
ATOM   134  O O   . MET A 1 21  ? 8.885   -3.675  2.970   1.00 11.91 ? 18  MET A O   1 
ATOM   135  C CB  . MET A 1 21  ? 9.406   -4.932  6.002   1.00 12.56 ? 18  MET A CB  1 
ATOM   136  C CG  . MET A 1 21  ? 8.630   -5.222  7.290   1.00 13.62 ? 18  MET A CG  1 
ATOM   137  S SD  . MET A 1 21  ? 7.206   -4.135  7.457   1.00 16.14 ? 18  MET A SD  1 
ATOM   138  C CE  . MET A 1 21  ? 7.914   -2.477  7.518   1.00 13.47 ? 18  MET A CE  1 
ATOM   139  N N   . THR A 1 22  ? 10.315  -5.386  2.925   1.00 11.88 ? 19  THR A N   1 
ATOM   140  C CA  . THR A 1 22  ? 11.004  -4.879  1.710   1.00 12.34 ? 19  THR A CA  1 
ATOM   141  C C   . THR A 1 22  ? 10.066  -4.853  0.508   1.00 11.90 ? 19  THR A C   1 
ATOM   142  O O   . THR A 1 22  ? 10.056  -3.895  -0.253  1.00 11.51 ? 19  THR A O   1 
ATOM   143  C CB  . THR A 1 22  ? 12.294  -5.717  1.432   1.00 11.99 ? 19  THR A CB  1 
ATOM   144  O OG1 . THR A 1 22  ? 13.179  -5.614  2.582   1.00 15.19 ? 19  THR A OG1 1 
ATOM   145  C CG2 . THR A 1 22  ? 13.026  -5.253  0.126   1.00 13.03 ? 19  THR A CG2 1 
ATOM   146  N N   . ILE A 1 23  ? 9.255   -5.912  0.339   1.00 9.16  ? 20  ILE A N   1 
ATOM   147  C CA  . ILE A 1 23  ? 8.306   -5.925  -0.766  1.00 9.99  ? 20  ILE A CA  1 
ATOM   148  C C   . ILE A 1 23  ? 7.285   -4.770  -0.605  1.00 10.08 ? 20  ILE A C   1 
ATOM   149  O O   . ILE A 1 23  ? 6.958   -4.102  -1.591  1.00 10.40 ? 20  ILE A O   1 
ATOM   150  C CB  . ILE A 1 23  ? 7.628   -7.305  -0.891  1.00 9.22  ? 20  ILE A CB  1 
ATOM   151  C CG1 . ILE A 1 23  ? 8.666   -8.327  -1.392  1.00 9.84  ? 20  ILE A CG1 1 
ATOM   152  C CG2 . ILE A 1 23  ? 6.394   -7.269  -1.887  1.00 11.89 ? 20  ILE A CG2 1 
ATOM   153  C CD1 . ILE A 1 23  ? 8.096   -9.829  -1.320  1.00 11.97 ? 20  ILE A CD1 1 
ATOM   154  N N   . PHE A 1 24  ? 6.791   -4.524  0.603   1.00 11.83 ? 21  PHE A N   1 
ATOM   155  C CA  . PHE A 1 24  ? 5.899   -3.391  0.818   1.00 9.84  ? 21  PHE A CA  1 
ATOM   156  C C   . PHE A 1 24  ? 6.617   -2.026  0.553   1.00 12.02 ? 21  PHE A C   1 
ATOM   157  O O   . PHE A 1 24  ? 5.911   -1.049  0.273   1.00 11.74 ? 21  PHE A O   1 
ATOM   158  C CB  . PHE A 1 24  ? 5.325   -3.376  2.252   1.00 10.61 ? 21  PHE A CB  1 
ATOM   159  C CG  . PHE A 1 24  ? 4.061   -4.190  2.412   1.00 9.52  ? 21  PHE A CG  1 
ATOM   160  C CD1 . PHE A 1 24  ? 2.837   -3.719  1.935   1.00 13.40 ? 21  PHE A CD1 1 
ATOM   161  C CD2 . PHE A 1 24  ? 4.099   -5.414  3.090   1.00 12.08 ? 21  PHE A CD2 1 
ATOM   162  C CE1 . PHE A 1 24  ? 1.631   -4.501  2.109   1.00 14.09 ? 21  PHE A CE1 1 
ATOM   163  C CE2 . PHE A 1 24  ? 2.930   -6.176  3.254   1.00 11.12 ? 21  PHE A CE2 1 
ATOM   164  C CZ  . PHE A 1 24  ? 1.736   -5.734  2.746   1.00 11.04 ? 21  PHE A CZ  1 
ATOM   165  N N   . SER A 1 25  ? 7.950   -2.000  0.581   1.00 12.63 ? 22  SER A N   1 
ATOM   166  C CA  . SER A 1 25  ? 8.704   -0.767  0.229   1.00 13.35 ? 22  SER A CA  1 
ATOM   167  C C   . SER A 1 25  ? 8.763   -0.534  -1.293  1.00 14.63 ? 22  SER A C   1 
ATOM   168  O O   . SER A 1 25  ? 9.147   0.576   -1.778  1.00 13.25 ? 22  SER A O   1 
ATOM   169  C CB  . SER A 1 25  ? 10.111  -0.757  0.890   1.00 13.45 ? 22  SER A CB  1 
ATOM   170  O OG  . SER A 1 25  ? 11.025  -1.454  0.041   1.00 12.98 ? 22  SER A OG  1 
ATOM   171  N N   . ASP A 1 26  ? 8.337   -1.534  -2.089  1.00 14.09 ? 23  ASP A N   1 
ATOM   172  C CA  . ASP A 1 26  ? 8.167   -1.326  -3.519  1.00 14.03 ? 23  ASP A CA  1 
ATOM   173  C C   . ASP A 1 26  ? 6.762   -0.809  -3.884  1.00 14.09 ? 23  ASP A C   1 
ATOM   174  O O   . ASP A 1 26  ? 5.772   -1.518  -3.743  1.00 11.78 ? 23  ASP A O   1 
ATOM   175  C CB  . ASP A 1 26  ? 8.470   -2.668  -4.270  1.00 15.06 ? 23  ASP A CB  1 
ATOM   176  C CG  . ASP A 1 26  ? 8.323   -2.542  -5.815  1.00 18.35 ? 23  ASP A CG  1 
ATOM   177  O OD1 . ASP A 1 26  ? 8.172   -1.398  -6.317  1.00 13.47 ? 23  ASP A OD1 1 
ATOM   178  O OD2 . ASP A 1 26  ? 8.370   -3.597  -6.527  1.00 16.17 ? 23  ASP A OD2 1 
ATOM   179  N N   . PRO A 1 27  ? 6.648   0.457   -4.335  1.00 12.40 ? 24  PRO A N   1 
ATOM   180  C CA  . PRO A 1 27  ? 5.334   0.972   -4.582  1.00 14.58 ? 24  PRO A CA  1 
ATOM   181  C C   . PRO A 1 27  ? 4.611   0.243   -5.708  1.00 14.10 ? 24  PRO A C   1 
ATOM   182  O O   . PRO A 1 27  ? 3.387   0.224   -5.717  1.00 14.91 ? 24  PRO A O   1 
ATOM   183  C CB  . PRO A 1 27  ? 5.582   2.469   -4.908  1.00 16.49 ? 24  PRO A CB  1 
ATOM   184  C CG  . PRO A 1 27  ? 6.947   2.579   -5.348  1.00 17.51 ? 24  PRO A CG  1 
ATOM   185  C CD  . PRO A 1 27  ? 7.720   1.437   -4.643  1.00 13.87 ? 24  PRO A CD  1 
ATOM   186  N N   . ALA A 1 28  ? 5.338   -0.451  -6.593  1.00 12.93 ? 25  ALA A N   1 
ATOM   187  C CA  . ALA A 1 28  ? 4.702   -1.222  -7.623  1.00 14.40 ? 25  ALA A CA  1 
ATOM   188  C C   . ALA A 1 28  ? 3.968   -2.403  -7.061  1.00 12.65 ? 25  ALA A C   1 
ATOM   189  O O   . ALA A 1 28  ? 3.096   -2.950  -7.726  1.00 13.84 ? 25  ALA A O   1 
ATOM   190  C CB  . ALA A 1 28  ? 5.763   -1.756  -8.687  1.00 14.52 ? 25  ALA A CB  1 
ATOM   191  N N   . PHE A 1 29  ? 4.349   -2.852  -5.878  1.00 12.44 ? 26  PHE A N   1 
ATOM   192  C CA  . PHE A 1 29  ? 3.540   -3.854  -5.184  1.00 11.53 ? 26  PHE A CA  1 
ATOM   193  C C   . PHE A 1 29  ? 2.432   -3.170  -4.371  1.00 10.86 ? 26  PHE A C   1 
ATOM   194  O O   . PHE A 1 29  ? 1.213   -3.462  -4.515  1.00 10.58 ? 26  PHE A O   1 
ATOM   195  C CB  . PHE A 1 29  ? 4.451   -4.642  -4.199  1.00 10.77 ? 26  PHE A CB  1 
ATOM   196  C CG  . PHE A 1 29  ? 3.687   -5.587  -3.314  1.00 12.35 ? 26  PHE A CG  1 
ATOM   197  C CD1 . PHE A 1 29  ? 3.247   -6.810  -3.850  1.00 12.59 ? 26  PHE A CD1 1 
ATOM   198  C CD2 . PHE A 1 29  ? 3.396   -5.266  -1.972  1.00 13.32 ? 26  PHE A CD2 1 
ATOM   199  C CE1 . PHE A 1 29  ? 2.494   -7.734  -3.080  1.00 14.28 ? 26  PHE A CE1 1 
ATOM   200  C CE2 . PHE A 1 29  ? 2.662   -6.187  -1.163  1.00 12.24 ? 26  PHE A CE2 1 
ATOM   201  C CZ  . PHE A 1 29  ? 2.212   -7.466  -1.756  1.00 12.38 ? 26  PHE A CZ  1 
ATOM   202  N N   . THR A 1 30  ? 2.851   -2.229  -3.510  1.00 10.23 ? 27  THR A N   1 
ATOM   203  C CA  . THR A 1 30  ? 1.960   -1.754  -2.458  1.00 10.90 ? 27  THR A CA  1 
ATOM   204  C C   . THR A 1 30  ? 0.767   -0.888  -2.981  1.00 11.79 ? 27  THR A C   1 
ATOM   205  O O   . THR A 1 30  ? -0.371  -1.039  -2.472  1.00 12.21 ? 27  THR A O   1 
ATOM   206  C CB  . THR A 1 30  ? 2.778   -0.962  -1.457  1.00 12.44 ? 27  THR A CB  1 
ATOM   207  O OG1 . THR A 1 30  ? 3.685   -1.848  -0.795  1.00 11.66 ? 27  THR A OG1 1 
ATOM   208  C CG2 . THR A 1 30  ? 1.915   -0.343  -0.397  1.00 11.92 ? 27  THR A CG2 1 
ATOM   209  N N   . ILE A 1 31  ? 1.029   0.027   -3.909  1.00 11.06 ? 28  ILE A N   1 
ATOM   210  C CA  . ILE A 1 31  ? -0.012  0.939   -4.408  1.00 11.32 ? 28  ILE A CA  1 
ATOM   211  C C   . ILE A 1 31  ? -1.145  0.166   -5.139  1.00 12.25 ? 28  ILE A C   1 
ATOM   212  O O   . ILE A 1 31  ? -2.307  0.336   -4.780  1.00 12.25 ? 28  ILE A O   1 
ATOM   213  C CB  . ILE A 1 31  ? 0.611   2.087   -5.215  1.00 10.86 ? 28  ILE A CB  1 
ATOM   214  C CG1 . ILE A 1 31  ? 1.590   2.900   -4.302  1.00 12.81 ? 28  ILE A CG1 1 
ATOM   215  C CG2 . ILE A 1 31  ? -0.489  2.989   -5.856  1.00 14.15 ? 28  ILE A CG2 1 
ATOM   216  C CD1 . ILE A 1 31  ? 0.929   3.534   -3.159  1.00 16.91 ? 28  ILE A CD1 1 
ATOM   217  N N   . PRO A 1 32  ? -0.828  -0.702  -6.101  1.00 13.74 ? 29  PRO A N   1 
ATOM   218  C CA  . PRO A 1 32  ? -1.915  -1.495  -6.730  1.00 12.73 ? 29  PRO A CA  1 
ATOM   219  C C   . PRO A 1 32  ? -2.652  -2.459  -5.769  1.00 12.58 ? 29  PRO A C   1 
ATOM   220  O O   . PRO A 1 32  ? -3.841  -2.744  -5.974  1.00 12.38 ? 29  PRO A O   1 
ATOM   221  C CB  . PRO A 1 32  ? -1.180  -2.293  -7.851  1.00 14.81 ? 29  PRO A CB  1 
ATOM   222  C CG  . PRO A 1 32  ? 0.172   -1.496  -8.106  1.00 15.00 ? 29  PRO A CG  1 
ATOM   223  C CD  . PRO A 1 32  ? 0.513   -0.968  -6.732  1.00 13.61 ? 29  PRO A CD  1 
ATOM   224  N N   . GLN A 1 33  ? -1.959  -2.976  -4.728  1.00 10.55 ? 30  GLN A N   1 
ATOM   225  C CA  . GLN A 1 33  ? -2.564  -3.905  -3.796  1.00 11.54 ? 30  GLN A CA  1 
ATOM   226  C C   . GLN A 1 33  ? -3.551  -3.153  -2.881  1.00 11.50 ? 30  GLN A C   1 
ATOM   227  O O   . GLN A 1 33  ? -4.539  -3.752  -2.453  1.00 12.40 ? 30  GLN A O   1 
ATOM   228  C CB  . GLN A 1 33  ? -1.563  -4.578  -2.849  1.00 12.62 ? 30  GLN A CB  1 
ATOM   229  C CG  . GLN A 1 33  ? -0.767  -5.729  -3.495  1.00 13.74 ? 30  GLN A CG  1 
ATOM   230  C CD  . GLN A 1 33  ? -1.659  -6.942  -3.743  1.00 14.97 ? 30  GLN A CD  1 
ATOM   231  O OE1 . GLN A 1 33  ? -2.796  -7.013  -3.227  1.00 14.31 ? 30  GLN A OE1 1 
ATOM   232  N NE2 . GLN A 1 33  ? -1.132  -7.944  -4.524  1.00 13.26 ? 30  GLN A NE2 1 
ATOM   233  N N   . ILE A 1 34  ? -3.321  -1.855  -2.628  1.00 11.13 ? 31  ILE A N   1 
ATOM   234  C CA  . ILE A 1 34  ? -4.129  -1.206  -1.559  1.00 10.69 ? 31  ILE A CA  1 
ATOM   235  C C   . ILE A 1 34  ? -5.059  -0.099  -2.069  1.00 10.67 ? 31  ILE A C   1 
ATOM   236  O O   . ILE A 1 34  ? -6.206  0.013   -1.619  1.00 12.37 ? 31  ILE A O   1 
ATOM   237  C CB  . ILE A 1 34  ? -3.183  -0.649  -0.442  1.00 12.37 ? 31  ILE A CB  1 
ATOM   238  C CG1 . ILE A 1 34  ? -2.470  -1.820  0.277   1.00 10.07 ? 31  ILE A CG1 1 
ATOM   239  C CG2 . ILE A 1 34  ? -3.943  0.283   0.561   1.00 12.60 ? 31  ILE A CG2 1 
ATOM   240  C CD1 . ILE A 1 34  ? -1.305  -1.311  1.214   1.00 12.64 ? 31  ILE A CD1 1 
ATOM   241  N N   . PHE A 1 35  ? -4.588  0.676   -3.018  1.00 12.01 ? 32  PHE A N   1 
ATOM   242  C CA  . PHE A 1 35  ? -5.399  1.835   -3.470  1.00 12.53 ? 32  PHE A CA  1 
ATOM   243  C C   . PHE A 1 35  ? -6.588  1.325   -4.316  1.00 12.95 ? 32  PHE A C   1 
ATOM   244  O O   . PHE A 1 35  ? -6.528  0.223   -4.846  1.00 13.36 ? 32  PHE A O   1 
ATOM   245  C CB  . PHE A 1 35  ? -4.524  2.831   -4.246  1.00 13.00 ? 32  PHE A CB  1 
ATOM   246  C CG  . PHE A 1 35  ? -3.842  3.843   -3.347  1.00 18.22 ? 32  PHE A CG  1 
ATOM   247  C CD1 . PHE A 1 35  ? -2.910  3.429   -2.361  1.00 17.87 ? 32  PHE A CD1 1 
ATOM   248  C CD2 . PHE A 1 35  ? -4.152  5.211   -3.450  1.00 21.99 ? 32  PHE A CD2 1 
ATOM   249  C CE1 . PHE A 1 35  ? -2.259  4.380   -1.529  1.00 20.19 ? 32  PHE A CE1 1 
ATOM   250  C CE2 . PHE A 1 35  ? -3.480  6.162   -2.594  1.00 22.76 ? 32  PHE A CE2 1 
ATOM   251  C CZ  . PHE A 1 35  ? -2.555  5.729   -1.659  1.00 19.56 ? 32  PHE A CZ  1 
ATOM   252  N N   . PRO A 1 36  ? -7.694  2.128   -4.429  1.00 13.73 ? 33  PRO A N   1 
ATOM   253  C CA  . PRO A 1 36  ? -8.897  1.639   -5.155  1.00 14.36 ? 33  PRO A CA  1 
ATOM   254  C C   . PRO A 1 36  ? -8.694  1.554   -6.679  1.00 14.30 ? 33  PRO A C   1 
ATOM   255  O O   . PRO A 1 36  ? -8.382  2.574   -7.263  1.00 16.45 ? 33  PRO A O   1 
ATOM   256  C CB  . PRO A 1 36  ? -9.955  2.736   -4.894  1.00 15.32 ? 33  PRO A CB  1 
ATOM   257  C CG  . PRO A 1 36  ? -9.471  3.468   -3.705  1.00 15.51 ? 33  PRO A CG  1 
ATOM   258  C CD  . PRO A 1 36  ? -7.935  3.387   -3.714  1.00 14.72 ? 33  PRO A CD  1 
ATOM   259  N N   . GLY A 1 37  ? -8.892  0.404   -7.314  1.00 15.39 ? 34  GLY A N   1 
ATOM   260  C CA  . GLY A 1 37  ? -9.026  0.352   -8.812  1.00 14.62 ? 34  GLY A CA  1 
ATOM   261  C C   . GLY A 1 37  ? -7.828  0.892   -9.608  1.00 14.49 ? 34  GLY A C   1 
ATOM   262  O O   . GLY A 1 37  ? -8.002  1.628   -10.620 1.00 13.48 ? 34  GLY A O   1 
ATOM   263  N N   . ILE A 1 38  ? -6.611  0.570   -9.139  1.00 13.88 ? 35  ILE A N   1 
ATOM   264  C CA  . ILE A 1 38  ? -5.395  1.081   -9.802  1.00 12.78 ? 35  ILE A CA  1 
ATOM   265  C C   . ILE A 1 38  ? -5.279  0.341   -11.133 1.00 15.48 ? 35  ILE A C   1 
ATOM   266  O O   . ILE A 1 38  ? -5.304  -0.921  -11.170 1.00 15.34 ? 35  ILE A O   1 
ATOM   267  C CB  . ILE A 1 38  ? -4.115  0.809   -8.931  1.00 14.32 ? 35  ILE A CB  1 
ATOM   268  C CG1 . ILE A 1 38  ? -4.101  1.692   -7.674  1.00 13.54 ? 35  ILE A CG1 1 
ATOM   269  C CG2 . ILE A 1 38  ? -2.813  1.127   -9.725  1.00 14.65 ? 35  ILE A CG2 1 
ATOM   270  C CD1 . ILE A 1 38  ? -3.747  3.134   -8.033  1.00 12.74 ? 35  ILE A CD1 1 
ATOM   271  N N   . ALA A 1 39  ? -5.172  1.121   -12.185 1.00 14.81 ? 36  ALA A N   1 
ATOM   272  C CA  . ALA A 1 39  ? -5.095  0.615   -13.555 1.00 17.00 ? 36  ALA A CA  1 
ATOM   273  C C   . ALA A 1 39  ? -3.736  0.904   -14.205 1.00 18.93 ? 36  ALA A C   1 
ATOM   274  O O   . ALA A 1 39  ? -3.435  0.373   -15.302 1.00 21.93 ? 36  ALA A O   1 
ATOM   275  C CB  . ALA A 1 39  ? -6.163  1.242   -14.381 1.00 16.28 ? 36  ALA A CB  1 
ATOM   276  N N   . SER A 1 40  ? -2.913  1.757   -13.584 1.00 17.02 ? 37  SER A N   1 
ATOM   277  C CA  . SER A 1 40  ? -1.612  2.113   -14.209 1.00 17.72 ? 37  SER A CA  1 
ATOM   278  C C   . SER A 1 40  ? -0.631  2.376   -13.067 1.00 17.18 ? 37  SER A C   1 
ATOM   279  O O   . SER A 1 40  ? -1.017  2.975   -12.046 1.00 14.97 ? 37  SER A O   1 
ATOM   280  C CB  . SER A 1 40  ? -1.727  3.363   -15.067 1.00 17.67 ? 37  SER A CB  1 
ATOM   281  O OG  . SER A 1 40  ? -2.750  3.163   -16.079 1.00 22.36 ? 37  SER A OG  1 
ATOM   282  N N   . ILE A 1 41  ? 0.625   1.926   -13.196 1.00 16.70 ? 38  ILE A N   1 
ATOM   283  C CA  . ILE A 1 41  ? 1.603   2.250   -12.121 1.00 17.88 ? 38  ILE A CA  1 
ATOM   284  C C   . ILE A 1 41  ? 2.927   2.459   -12.827 1.00 20.75 ? 38  ILE A C   1 
ATOM   285  O O   . ILE A 1 41  ? 3.243   1.721   -13.783 1.00 19.79 ? 38  ILE A O   1 
ATOM   286  C CB  . ILE A 1 41  ? 1.623   1.144   -11.001 1.00 19.49 ? 38  ILE A CB  1 
ATOM   287  C CG1 . ILE A 1 41  ? 2.716   1.394   -9.927  1.00 22.58 ? 38  ILE A CG1 1 
ATOM   288  C CG2 . ILE A 1 41  ? 1.711   -0.256  -11.574 1.00 21.26 ? 38  ILE A CG2 1 
ATOM   289  C CD1 . ILE A 1 41  ? 2.257   2.232   -8.768  1.00 14.04 ? 38  ILE A CD1 1 
ATOM   290  N N   . LYS A 1 42  ? 3.650   3.520   -12.464 1.00 21.68 ? 39  LYS A N   1 
ATOM   291  C CA  . LYS A 1 42  ? 4.918   3.816   -13.118 1.00 24.12 ? 39  LYS A CA  1 
ATOM   292  C C   . LYS A 1 42  ? 5.927   4.016   -12.039 1.00 25.31 ? 39  LYS A C   1 
ATOM   293  O O   . LYS A 1 42  ? 5.744   4.842   -11.126 1.00 23.17 ? 39  LYS A O   1 
ATOM   294  C CB  . LYS A 1 42  ? 4.871   5.046   -13.992 1.00 25.04 ? 39  LYS A CB  1 
ATOM   295  C CG  . LYS A 1 42  ? 6.264   5.675   -14.166 1.00 29.76 ? 39  LYS A CG  1 
ATOM   296  C CD  . LYS A 1 42  ? 6.582   6.150   -15.529 1.00 35.49 ? 39  LYS A CD  1 
ATOM   297  C CE  . LYS A 1 42  ? 5.488   6.971   -16.123 1.00 40.40 ? 39  LYS A CE  1 
ATOM   298  N NZ  . LYS A 1 42  ? 5.709   6.870   -17.577 1.00 44.15 ? 39  LYS A NZ  1 
ATOM   299  N N   . CYS A 1 43  ? 6.971   3.208   -12.080 1.00 26.29 ? 40  CYS A N   1 
ATOM   300  C CA  . CYS A 1 43  ? 8.010   3.413   -11.113 1.00 29.87 ? 40  CYS A CA  1 
ATOM   301  C C   . CYS A 1 43  ? 9.161   4.142   -11.781 1.00 30.73 ? 40  CYS A C   1 
ATOM   302  O O   . CYS A 1 43  ? 9.921   3.575   -12.568 1.00 29.82 ? 40  CYS A O   1 
ATOM   303  C CB  . CYS A 1 43  ? 8.363   2.128   -10.439 1.00 31.10 ? 40  CYS A CB  1 
ATOM   304  S SG  . CYS A 1 43  ? 6.917   1.623   -9.465  1.00 42.49 ? 40  CYS A SG  1 
ATOM   305  N N   . ILE A 1 44  ? 9.231   5.434   -11.475 1.00 31.69 ? 41  ILE A N   1 
ATOM   306  C CA  . ILE A 1 44  ? 10.234  6.303   -12.094 1.00 33.09 ? 41  ILE A CA  1 
ATOM   307  C C   . ILE A 1 44  ? 11.652  5.864   -11.633 1.00 32.78 ? 41  ILE A C   1 
ATOM   308  O O   . ILE A 1 44  ? 12.532  5.698   -12.464 1.00 33.38 ? 41  ILE A O   1 
ATOM   309  C CB  . ILE A 1 44  ? 9.912   7.829   -11.879 1.00 33.32 ? 41  ILE A CB  1 
ATOM   310  C CG1 . ILE A 1 44  ? 8.468   8.147   -12.316 1.00 33.86 ? 41  ILE A CG1 1 
ATOM   311  C CG2 . ILE A 1 44  ? 10.820  8.683   -12.701 1.00 35.05 ? 41  ILE A CG2 1 
ATOM   312  C CD1 . ILE A 1 44  ? 7.427   7.723   -11.293 1.00 33.97 ? 41  ILE A CD1 1 
ATOM   313  N N   . GLU A 1 45  ? 11.834  5.650   -10.322 1.00 31.77 ? 42  GLU A N   1 
ATOM   314  C CA  . GLU A 1 45  ? 13.045  5.130   -9.718  1.00 30.67 ? 42  GLU A CA  1 
ATOM   315  C C   . GLU A 1 45  ? 12.442  4.266   -8.606  1.00 30.03 ? 42  GLU A C   1 
ATOM   316  O O   . GLU A 1 45  ? 11.196  4.311   -8.388  1.00 29.41 ? 42  GLU A O   1 
ATOM   317  C CB  . GLU A 1 45  ? 13.823  6.235   -9.040  1.00 31.64 ? 42  GLU A CB  1 
ATOM   318  C CG  . GLU A 1 45  ? 14.332  7.382   -9.926  1.00 35.79 ? 42  GLU A CG  1 
ATOM   319  C CD  . GLU A 1 45  ? 14.795  8.590   -9.072  1.00 42.99 ? 42  GLU A CD  1 
ATOM   320  O OE1 . GLU A 1 45  ? 15.039  9.684   -9.641  1.00 45.50 ? 42  GLU A OE1 1 
ATOM   321  O OE2 . GLU A 1 45  ? 14.887  8.454   -7.814  1.00 45.33 ? 42  GLU A OE2 1 
ATOM   322  N N   . PRO A 1 46  ? 13.302  3.522   -7.841  1.00 29.04 ? 43  PRO A N   1 
ATOM   323  C CA  . PRO A 1 46  ? 12.769  2.607   -6.773  1.00 27.02 ? 43  PRO A CA  1 
ATOM   324  C C   . PRO A 1 46  ? 11.868  3.289   -5.736  1.00 25.36 ? 43  PRO A C   1 
ATOM   325  O O   . PRO A 1 46  ? 10.927  2.631   -5.177  1.00 26.45 ? 43  PRO A O   1 
ATOM   326  C CB  . PRO A 1 46  ? 14.040  2.059   -6.085  1.00 26.72 ? 43  PRO A CB  1 
ATOM   327  C CG  . PRO A 1 46  ? 15.123  2.186   -7.232  1.00 30.66 ? 43  PRO A CG  1 
ATOM   328  C CD  . PRO A 1 46  ? 14.780  3.506   -7.903  1.00 28.82 ? 43  PRO A CD  1 
ATOM   329  N N   . GLU A 1 47  ? 12.142  4.565   -5.451  1.00 20.31 ? 44  GLU A N   1 
ATOM   330  C CA  . GLU A 1 47  ? 11.387  5.235   -4.396  1.00 20.28 ? 44  GLU A CA  1 
ATOM   331  C C   . GLU A 1 47  ? 10.345  6.238   -4.875  1.00 19.24 ? 44  GLU A C   1 
ATOM   332  O O   . GLU A 1 47  ? 9.764   6.951   -4.048  1.00 20.40 ? 44  GLU A O   1 
ATOM   333  C CB  . GLU A 1 47  ? 12.312  5.850   -3.352  1.00 19.99 ? 44  GLU A CB  1 
ATOM   334  C CG  . GLU A 1 47  ? 13.076  4.725   -2.637  1.00 20.25 ? 44  GLU A CG  1 
ATOM   335  C CD  . GLU A 1 47  ? 13.904  5.190   -1.463  1.00 26.54 ? 44  GLU A CD  1 
ATOM   336  O OE1 . GLU A 1 47  ? 14.611  6.214   -1.590  1.00 23.05 ? 44  GLU A OE1 1 
ATOM   337  O OE2 . GLU A 1 47  ? 13.859  4.524   -0.406  1.00 23.90 ? 44  GLU A OE2 1 
ATOM   338  N N   . ILE A 1 48  ? 10.171  6.331   -6.180  1.00 16.12 ? 45  ILE A N   1 
ATOM   339  C CA  . ILE A 1 48  ? 9.217   7.358   -6.729  1.00 16.45 ? 45  ILE A CA  1 
ATOM   340  C C   . ILE A 1 48  ? 8.207   6.629   -7.602  1.00 16.54 ? 45  ILE A C   1 
ATOM   341  O O   . ILE A 1 48  ? 8.612   5.836   -8.467  1.00 19.54 ? 45  ILE A O   1 
ATOM   342  C CB  . ILE A 1 48  ? 10.016  8.425   -7.523  1.00 17.39 ? 45  ILE A CB  1 
ATOM   343  C CG1 . ILE A 1 48  ? 10.851  9.243   -6.531  1.00 21.52 ? 45  ILE A CG1 1 
ATOM   344  C CG2 . ILE A 1 48  ? 9.053   9.396   -8.261  1.00 20.57 ? 45  ILE A CG2 1 
ATOM   345  C CD1 . ILE A 1 48  ? 11.984  10.010  -7.232  1.00 26.22 ? 45  ILE A CD1 1 
ATOM   346  N N   . PHE A 1 49  ? 6.918   6.899   -7.435  1.00 14.49 ? 46  PHE A N   1 
ATOM   347  C CA  . PHE A 1 49  ? 5.898   6.324   -8.352  1.00 14.35 ? 46  PHE A CA  1 
ATOM   348  C C   . PHE A 1 49  ? 4.849   7.353   -8.785  1.00 14.33 ? 46  PHE A C   1 
ATOM   349  O O   . PHE A 1 49  ? 4.651   8.376   -8.123  1.00 13.77 ? 46  PHE A O   1 
ATOM   350  C CB  . PHE A 1 49  ? 5.144   5.181   -7.641  1.00 14.29 ? 46  PHE A CB  1 
ATOM   351  C CG  . PHE A 1 49  ? 4.154   5.666   -6.611  1.00 13.02 ? 46  PHE A CG  1 
ATOM   352  C CD1 . PHE A 1 49  ? 2.802   5.807   -6.931  1.00 13.49 ? 46  PHE A CD1 1 
ATOM   353  C CD2 . PHE A 1 49  ? 4.611   6.071   -5.328  1.00 13.33 ? 46  PHE A CD2 1 
ATOM   354  C CE1 . PHE A 1 49  ? 1.891   6.288   -5.963  1.00 14.72 ? 46  PHE A CE1 1 
ATOM   355  C CE2 . PHE A 1 49  ? 3.729   6.534   -4.364  1.00 14.51 ? 46  PHE A CE2 1 
ATOM   356  C CZ  . PHE A 1 49  ? 2.386   6.677   -4.684  1.00 17.05 ? 46  PHE A CZ  1 
ATOM   357  N N   . GLU A 1 50  ? 4.150   7.007   -9.855  1.00 14.82 ? 47  GLU A N   1 
ATOM   358  C CA  . GLU A 1 50  ? 2.907   7.635   -10.251 1.00 17.01 ? 47  GLU A CA  1 
ATOM   359  C C   . GLU A 1 50  ? 1.964   6.483   -10.558 1.00 17.17 ? 47  GLU A C   1 
ATOM   360  O O   . GLU A 1 50  ? 2.386   5.370   -10.960 1.00 20.11 ? 47  GLU A O   1 
ATOM   361  C CB  . GLU A 1 50  ? 3.059   8.469   -11.519 1.00 17.67 ? 47  GLU A CB  1 
ATOM   362  C CG  . GLU A 1 50  ? 4.057   9.601   -11.433 1.00 21.51 ? 47  GLU A CG  1 
ATOM   363  C CD  . GLU A 1 50  ? 4.370   10.209  -12.843 1.00 24.63 ? 47  GLU A CD  1 
ATOM   364  O OE1 . GLU A 1 50  ? 4.151   9.560   -13.889 1.00 26.87 ? 47  GLU A OE1 1 
ATOM   365  O OE2 . GLU A 1 50  ? 4.833   11.343  -12.899 1.00 28.25 ? 47  GLU A OE2 1 
ATOM   366  N N   . ALA A 1 51  ? 0.682   6.711   -10.314 1.00 16.21 ? 48  ALA A N   1 
ATOM   367  C CA  . ALA A 1 51  ? -0.329  5.716   -10.601 1.00 15.21 ? 48  ALA A CA  1 
ATOM   368  C C   . ALA A 1 51  ? -1.669  6.382   -10.930 1.00 14.80 ? 48  ALA A C   1 
ATOM   369  O O   . ALA A 1 51  ? -1.892  7.566   -10.604 1.00 15.95 ? 48  ALA A O   1 
ATOM   370  C CB  . ALA A 1 51  ? -0.471  4.741   -9.418  1.00 15.34 ? 48  ALA A CB  1 
ATOM   371  N N   . GLU A 1 52  ? -2.507  5.638   -11.630 1.00 14.52 ? 49  GLU A N   1 
ATOM   372  C CA  . GLU A 1 52  ? -3.848  6.091   -11.976 1.00 14.44 ? 49  GLU A CA  1 
ATOM   373  C C   . GLU A 1 52  ? -4.810  5.008   -11.537 1.00 12.95 ? 49  GLU A C   1 
ATOM   374  O O   . GLU A 1 52  ? -4.557  3.806   -11.698 1.00 13.15 ? 49  GLU A O   1 
ATOM   375  C CB  . GLU A 1 52  ? -3.966  6.338   -13.503 1.00 14.82 ? 49  GLU A CB  1 
ATOM   376  C CG  . GLU A 1 52  ? -2.910  7.348   -13.975 1.00 22.97 ? 49  GLU A CG  1 
ATOM   377  C CD  . GLU A 1 52  ? -3.137  7.839   -15.412 1.00 32.88 ? 49  GLU A CD  1 
ATOM   378  O OE1 . GLU A 1 52  ? -4.089  7.378   -16.058 1.00 40.74 ? 49  GLU A OE1 1 
ATOM   379  O OE2 . GLU A 1 52  ? -2.362  8.684   -15.902 1.00 37.34 ? 49  GLU A OE2 1 
ATOM   380  N N   . GLY A 1 53  ? -5.924  5.432   -10.939 1.00 12.36 ? 50  GLY A N   1 
ATOM   381  C CA  . GLY A 1 53  ? -6.960  4.529   -10.587 1.00 13.07 ? 50  GLY A CA  1 
ATOM   382  C C   . GLY A 1 53  ? -8.368  5.125   -10.814 1.00 13.34 ? 50  GLY A C   1 
ATOM   383  O O   . GLY A 1 53  ? -8.524  6.257   -11.300 1.00 13.97 ? 50  GLY A O   1 
ATOM   384  N N   . LYS A 1 54  ? -9.379  4.357   -10.422 1.00 15.73 ? 51  LYS A N   1 
ATOM   385  C CA  . LYS A 1 54  ? -10.757 4.848   -10.541 1.00 15.29 ? 51  LYS A CA  1 
ATOM   386  C C   . LYS A 1 54  ? -11.579 4.082   -9.501  1.00 17.10 ? 51  LYS A C   1 
ATOM   387  O O   . LYS A 1 54  ? -11.396 2.881   -9.329  1.00 17.63 ? 51  LYS A O   1 
ATOM   388  C CB  . LYS A 1 54  ? -11.327 4.523   -11.899 1.00 16.31 ? 51  LYS A CB  1 
ATOM   389  C CG  . LYS A 1 54  ? -12.706 5.177   -12.144 1.00 15.71 ? 51  LYS A CG  1 
ATOM   390  C CD  . LYS A 1 54  ? -13.151 5.075   -13.597 1.00 19.52 ? 51  LYS A CD  1 
ATOM   391  C CE  . LYS A 1 54  ? -14.550 5.681   -13.759 1.00 22.91 ? 51  LYS A CE  1 
ATOM   392  N NZ  . LYS A 1 54  ? -14.908 5.821   -15.196 1.00 26.99 ? 51  LYS A NZ  1 
ATOM   393  N N   . PHE A 1 55  ? -12.503 4.770   -8.842  1.00 17.28 ? 52  PHE A N   1 
ATOM   394  C CA  . PHE A 1 55  ? -13.554 4.060   -8.097  1.00 17.14 ? 52  PHE A CA  1 
ATOM   395  C C   . PHE A 1 55  ? -14.841 4.851   -8.319  1.00 15.93 ? 52  PHE A C   1 
ATOM   396  O O   . PHE A 1 55  ? -14.797 6.086   -8.358  1.00 14.79 ? 52  PHE A O   1 
ATOM   397  C CB  . PHE A 1 55  ? -13.234 3.995   -6.625  1.00 18.01 ? 52  PHE A CB  1 
ATOM   398  C CG  . PHE A 1 55  ? -12.953 5.310   -6.002  1.00 19.80 ? 52  PHE A CG  1 
ATOM   399  C CD1 . PHE A 1 55  ? -13.933 5.969   -5.255  1.00 19.77 ? 52  PHE A CD1 1 
ATOM   400  C CD2 . PHE A 1 55  ? -11.709 5.897   -6.125  1.00 21.27 ? 52  PHE A CD2 1 
ATOM   401  C CE1 . PHE A 1 55  ? -13.652 7.199   -4.693  1.00 23.35 ? 52  PHE A CE1 1 
ATOM   402  C CE2 . PHE A 1 55  ? -11.398 7.124   -5.546  1.00 20.13 ? 52  PHE A CE2 1 
ATOM   403  C CZ  . PHE A 1 55  ? -12.366 7.798   -4.831  1.00 26.54 ? 52  PHE A CZ  1 
ATOM   404  N N   . LEU A 1 56  ? -15.958 4.131   -8.482  1.00 16.31 ? 53  LEU A N   1 
ATOM   405  C CA  . LEU A 1 56  ? -17.202 4.778   -8.845  1.00 16.08 ? 53  LEU A CA  1 
ATOM   406  C C   . LEU A 1 56  ? -16.972 5.566   -10.129 1.00 16.56 ? 53  LEU A C   1 
ATOM   407  O O   . LEU A 1 56  ? -16.252 5.069   -11.055 1.00 15.75 ? 53  LEU A O   1 
ATOM   408  C CB  . LEU A 1 56  ? -17.791 5.622   -7.658  1.00 16.01 ? 53  LEU A CB  1 
ATOM   409  C CG  . LEU A 1 56  ? -17.975 4.708   -6.432  1.00 13.99 ? 53  LEU A CG  1 
ATOM   410  C CD1 . LEU A 1 56  ? -18.281 5.612   -5.294  1.00 15.42 ? 53  LEU A CD1 1 
ATOM   411  C CD2 . LEU A 1 56  ? -19.130 3.706   -6.677  1.00 17.08 ? 53  LEU A CD2 1 
ATOM   412  N N   . ALA A 1 57  ? -17.551 6.755   -10.241 1.00 15.90 ? 54  ALA A N   1 
ATOM   413  C CA  . ALA A 1 57  ? -17.319 7.567   -11.440 1.00 17.75 ? 54  ALA A CA  1 
ATOM   414  C C   . ALA A 1 57  ? -16.002 8.382   -11.412 1.00 17.78 ? 54  ALA A C   1 
ATOM   415  O O   . ALA A 1 57  ? -15.729 9.194   -12.319 1.00 18.39 ? 54  ALA A O   1 
ATOM   416  C CB  . ALA A 1 57  ? -18.565 8.554   -11.689 1.00 18.36 ? 54  ALA A CB  1 
ATOM   417  N N   . PHE A 1 58  ? -15.168 8.162   -10.386 1.00 15.73 ? 55  PHE A N   1 
ATOM   418  C CA  . PHE A 1 58  ? -14.022 9.036   -10.112 1.00 15.36 ? 55  PHE A CA  1 
ATOM   419  C C   . PHE A 1 58  ? -12.666 8.486   -10.463 1.00 15.74 ? 55  PHE A C   1 
ATOM   420  O O   . PHE A 1 58  ? -12.116 7.676   -9.686  1.00 15.88 ? 55  PHE A O   1 
ATOM   421  C CB  . PHE A 1 58  ? -14.058 9.447   -8.646  1.00 15.31 ? 55  PHE A CB  1 
ATOM   422  C CG  . PHE A 1 58  ? -15.428 9.899   -8.239  1.00 19.13 ? 55  PHE A CG  1 
ATOM   423  C CD1 . PHE A 1 58  ? -15.931 11.099  -8.756  1.00 22.50 ? 55  PHE A CD1 1 
ATOM   424  C CD2 . PHE A 1 58  ? -16.216 9.111   -7.408  1.00 18.45 ? 55  PHE A CD2 1 
ATOM   425  C CE1 . PHE A 1 58  ? -17.230 11.507  -8.412  1.00 22.66 ? 55  PHE A CE1 1 
ATOM   426  C CE2 . PHE A 1 58  ? -17.506 9.495   -7.052  1.00 19.59 ? 55  PHE A CE2 1 
ATOM   427  C CZ  . PHE A 1 58  ? -18.008 10.670  -7.574  1.00 20.14 ? 55  PHE A CZ  1 
ATOM   428  N N   . SER A 1 59  ? -12.107 8.964   -11.573 1.00 16.01 ? 56  SER A N   1 
ATOM   429  C CA  . SER A 1 59  ? -10.688 8.715   -11.932 1.00 18.12 ? 56  SER A CA  1 
ATOM   430  C C   . SER A 1 59  ? -9.775  9.595   -11.109 1.00 17.01 ? 56  SER A C   1 
ATOM   431  O O   . SER A 1 59  ? -10.141 10.708  -10.707 1.00 19.74 ? 56  SER A O   1 
ATOM   432  C CB  . SER A 1 59  ? -10.430 8.971   -13.431 1.00 17.47 ? 56  SER A CB  1 
ATOM   433  O OG  . SER A 1 59  ? -11.265 8.063   -14.136 1.00 22.57 ? 56  SER A OG  1 
ATOM   434  N N   . TYR A 1 60  ? -8.583  9.101   -10.810 1.00 15.89 ? 57  TYR A N   1 
ATOM   435  C CA  . TYR A 1 60  ? -7.659  9.885   -10.042 1.00 14.93 ? 57  TYR A CA  1 
ATOM   436  C C   . TYR A 1 60  ? -6.230  9.566   -10.485 1.00 15.23 ? 57  TYR A C   1 
ATOM   437  O O   . TYR A 1 60  ? -5.947  8.442   -10.999 1.00 14.43 ? 57  TYR A O   1 
ATOM   438  C CB  . TYR A 1 60  ? -7.858  9.650   -8.524  1.00 15.76 ? 57  TYR A CB  1 
ATOM   439  C CG  . TYR A 1 60  ? -7.513  8.257   -8.038  1.00 15.15 ? 57  TYR A CG  1 
ATOM   440  C CD1 . TYR A 1 60  ? -6.200  7.957   -7.565  1.00 14.59 ? 57  TYR A CD1 1 
ATOM   441  C CD2 . TYR A 1 60  ? -8.469  7.244   -8.020  1.00 13.98 ? 57  TYR A CD2 1 
ATOM   442  C CE1 . TYR A 1 60  ? -5.903  6.660   -7.100  1.00 13.87 ? 57  TYR A CE1 1 
ATOM   443  C CE2 . TYR A 1 60  ? -8.152  5.967   -7.598  1.00 15.57 ? 57  TYR A CE2 1 
ATOM   444  C CZ  . TYR A 1 60  ? -6.875  5.689   -7.139  1.00 13.43 ? 57  TYR A CZ  1 
ATOM   445  O OH  . TYR A 1 60  ? -6.548  4.452   -6.703  1.00 12.14 ? 57  TYR A OH  1 
ATOM   446  N N   . LYS A 1 61  ? -5.333  10.518  -10.267 1.00 14.93 ? 58  LYS A N   1 
ATOM   447  C CA  . LYS A 1 61  ? -3.911  10.298  -10.577 1.00 18.40 ? 58  LYS A CA  1 
ATOM   448  C C   . LYS A 1 61  ? -3.164  10.584  -9.288  1.00 18.43 ? 58  LYS A C   1 
ATOM   449  O O   . LYS A 1 61  ? -3.307  11.710  -8.719  1.00 20.92 ? 58  LYS A O   1 
ATOM   450  C CB  . LYS A 1 61  ? -3.489  11.244  -11.725 1.00 19.05 ? 58  LYS A CB  1 
ATOM   451  C CG  . LYS A 1 61  ? -4.278  11.024  -13.054 1.00 28.14 ? 58  LYS A CG  1 
ATOM   452  C CD  . LYS A 1 61  ? -4.099  12.191  -14.064 1.00 38.50 ? 58  LYS A CD  1 
ATOM   453  C CE  . LYS A 1 61  ? -2.697  12.185  -14.752 1.00 44.14 ? 58  LYS A CE  1 
ATOM   454  N NZ  . LYS A 1 61  ? -1.691  13.183  -14.178 1.00 45.56 ? 58  LYS A NZ  1 
ATOM   455  N N   . VAL A 1 62  ? -2.377  9.631   -8.779  1.00 16.40 ? 59  VAL A N   1 
ATOM   456  C CA  . VAL A 1 62  ? -1.672  9.826   -7.490  1.00 16.44 ? 59  VAL A CA  1 
ATOM   457  C C   . VAL A 1 62  ? -0.165  9.642   -7.774  1.00 16.40 ? 59  VAL A C   1 
ATOM   458  O O   . VAL A 1 62  ? 0.215   8.849   -8.648  1.00 17.12 ? 59  VAL A O   1 
ATOM   459  C CB  . VAL A 1 62  ? -2.160  8.845   -6.404  1.00 15.23 ? 59  VAL A CB  1 
ATOM   460  C CG1 . VAL A 1 62  ? -2.050  7.442   -6.903  1.00 16.73 ? 59  VAL A CG1 1 
ATOM   461  C CG2 . VAL A 1 62  ? -1.337  8.966   -5.080  1.00 15.29 ? 59  VAL A CG2 1 
ATOM   462  N N   . LYS A 1 63  ? 0.689   10.373  -7.060  1.00 14.96 ? 60  LYS A N   1 
ATOM   463  C CA  . LYS A 1 63  ? 2.133   10.145  -7.232  1.00 14.38 ? 60  LYS A CA  1 
ATOM   464  C C   . LYS A 1 63  ? 2.757   10.341  -5.865  1.00 12.45 ? 60  LYS A C   1 
ATOM   465  O O   . LYS A 1 63  ? 2.158   10.947  -4.963  1.00 13.83 ? 60  LYS A O   1 
ATOM   466  C CB  . LYS A 1 63  ? 2.750   11.142  -8.257  1.00 15.11 ? 60  LYS A CB  1 
ATOM   467  C CG  . LYS A 1 63  ? 2.795   12.604  -7.732  1.00 15.54 ? 60  LYS A CG  1 
ATOM   468  C CD  . LYS A 1 63  ? 3.292   13.438  -8.961  1.00 22.23 ? 60  LYS A CD  1 
ATOM   469  C CE  . LYS A 1 63  ? 3.659   14.850  -8.594  1.00 17.78 ? 60  LYS A CE  1 
ATOM   470  N NZ  . LYS A 1 63  ? 2.497   15.668  -8.198  1.00 20.72 ? 60  LYS A NZ  1 
ATOM   471  N N   . GLY A 1 64  ? 3.916   9.761   -5.630  1.00 13.08 ? 61  GLY A N   1 
ATOM   472  C CA  . GLY A 1 64  ? 4.502   9.993   -4.313  1.00 11.16 ? 61  GLY A CA  1 
ATOM   473  C C   . GLY A 1 64  ? 5.857   9.331   -4.212  1.00 11.79 ? 61  GLY A C   1 
ATOM   474  O O   . GLY A 1 64  ? 6.462   8.920   -5.217  1.00 11.71 ? 61  GLY A O   1 
ATOM   475  N N   . ARG A 1 65  ? 6.338   9.309   -2.972  1.00 12.34 ? 62  ARG A N   1 
ATOM   476  C CA  . ARG A 1 65  ? 7.710   8.894   -2.682  1.00 14.79 ? 62  ARG A CA  1 
ATOM   477  C C   . ARG A 1 65  ? 7.724   7.997   -1.503  1.00 13.34 ? 62  ARG A C   1 
ATOM   478  O O   . ARG A 1 65  ? 6.965   8.183   -0.588  1.00 13.47 ? 62  ARG A O   1 
ATOM   479  C CB  . ARG A 1 65  ? 8.599   10.106  -2.349  1.00 16.12 ? 62  ARG A CB  1 
ATOM   480  C CG  . ARG A 1 65  ? 10.067  9.666   -2.229  1.00 24.01 ? 62  ARG A CG  1 
ATOM   481  C CD  . ARG A 1 65  ? 11.064  10.825  -2.001  1.00 34.48 ? 62  ARG A CD  1 
ATOM   482  N NE  . ARG A 1 65  ? 12.305  10.519  -2.719  1.00 42.20 ? 62  ARG A NE  1 
ATOM   483  C CZ  . ARG A 1 65  ? 12.702  11.160  -3.816  1.00 46.05 ? 62  ARG A CZ  1 
ATOM   484  N NH1 . ARG A 1 65  ? 11.961  12.158  -4.308  1.00 48.22 ? 62  ARG A NH1 1 
ATOM   485  N NH2 . ARG A 1 65  ? 13.841  10.803  -4.421  1.00 46.65 ? 62  ARG A NH2 1 
ATOM   486  N N   . VAL A 1 66  ? 8.623   7.019   -1.525  1.00 13.59 ? 63  VAL A N   1 
ATOM   487  C CA  . VAL A 1 66  ? 8.751   6.035   -0.449  1.00 13.45 ? 63  VAL A CA  1 
ATOM   488  C C   . VAL A 1 66  ? 9.982   6.387   0.411   1.00 14.34 ? 63  VAL A C   1 
ATOM   489  O O   . VAL A 1 66  ? 11.080  6.695   -0.146  1.00 15.30 ? 63  VAL A O   1 
ATOM   490  C CB  . VAL A 1 66  ? 9.005   4.634   -1.033  1.00 12.68 ? 63  VAL A CB  1 
ATOM   491  C CG1 . VAL A 1 66  ? 9.232   3.613   0.091   1.00 15.04 ? 63  VAL A CG1 1 
ATOM   492  C CG2 . VAL A 1 66  ? 7.829   4.214   -1.972  1.00 14.17 ? 63  VAL A CG2 1 
ATOM   493  N N   . TYR A 1 67  ? 9.798   6.373   1.719   1.00 13.94 ? 64  TYR A N   1 
ATOM   494  C CA  . TYR A 1 67  ? 10.897  6.568   2.646   1.00 16.15 ? 64  TYR A CA  1 
ATOM   495  C C   . TYR A 1 67  ? 11.021  5.315   3.484   1.00 16.92 ? 64  TYR A C   1 
ATOM   496  O O   . TYR A 1 67  ? 10.045  4.848   4.093   1.00 15.98 ? 64  TYR A O   1 
ATOM   497  C CB  . TYR A 1 67  ? 10.609  7.753   3.530   1.00 16.08 ? 64  TYR A CB  1 
ATOM   498  C CG  . TYR A 1 67  ? 10.433  9.012   2.698   1.00 19.16 ? 64  TYR A CG  1 
ATOM   499  C CD1 . TYR A 1 67  ? 11.552  9.811   2.416   1.00 25.01 ? 64  TYR A CD1 1 
ATOM   500  C CD2 . TYR A 1 67  ? 9.178   9.398   2.189   1.00 16.39 ? 64  TYR A CD2 1 
ATOM   501  C CE1 . TYR A 1 67  ? 11.459  11.001  1.654   1.00 26.21 ? 64  TYR A CE1 1 
ATOM   502  C CE2 . TYR A 1 67  ? 9.076   10.600  1.401   1.00 17.14 ? 64  TYR A CE2 1 
ATOM   503  C CZ  . TYR A 1 67  ? 10.222  11.369  1.166   1.00 24.62 ? 64  TYR A CZ  1 
ATOM   504  O OH  . TYR A 1 67  ? 10.145  12.540  0.430   1.00 24.40 ? 64  TYR A OH  1 
ATOM   505  N N   . LYS A 1 68  ? 12.230  4.759   3.524   1.00 17.30 ? 65  LYS A N   1 
ATOM   506  C CA  . LYS A 1 68  ? 12.480  3.589   4.374   1.00 17.94 ? 65  LYS A CA  1 
ATOM   507  C C   . LYS A 1 68  ? 13.145  3.990   5.687   1.00 18.51 ? 65  LYS A C   1 
ATOM   508  O O   . LYS A 1 68  ? 14.056  4.816   5.692   1.00 19.77 ? 65  LYS A O   1 
ATOM   509  C CB  . LYS A 1 68  ? 13.367  2.615   3.608   1.00 18.10 ? 65  LYS A CB  1 
ATOM   510  C CG  . LYS A 1 68  ? 12.775  2.282   2.246   1.00 19.67 ? 65  LYS A CG  1 
ATOM   511  C CD  . LYS A 1 68  ? 13.623  1.257   1.523   1.00 22.05 ? 65  LYS A CD  1 
ATOM   512  C CE  . LYS A 1 68  ? 13.024  0.879   0.146   1.00 21.14 ? 65  LYS A CE  1 
ATOM   513  N NZ  . LYS A 1 68  ? 13.616  1.625   -0.968  1.00 19.52 ? 65  LYS A NZ  1 
ATOM   514  N N   . GLY A 1 69  ? 12.678  3.423   6.790   1.00 18.70 ? 66  GLY A N   1 
ATOM   515  C CA  . GLY A 1 69  ? 13.183  3.742   8.118   1.00 19.31 ? 66  GLY A CA  1 
ATOM   516  C C   . GLY A 1 69  ? 13.388  2.428   8.831   1.00 18.75 ? 66  GLY A C   1 
ATOM   517  O O   . GLY A 1 69  ? 13.209  1.348   8.230   1.00 18.93 ? 66  GLY A O   1 
ATOM   518  N N   . VAL A 1 70  ? 13.767  2.507   10.099  1.00 18.40 ? 67  VAL A N   1 
ATOM   519  C CA  . VAL A 1 70  ? 13.903  1.319   10.936  1.00 18.99 ? 67  VAL A CA  1 
ATOM   520  C C   . VAL A 1 70  ? 12.516  0.688   11.150  1.00 18.66 ? 67  VAL A C   1 
ATOM   521  O O   . VAL A 1 70  ? 11.590  1.311   11.742  1.00 18.67 ? 67  VAL A O   1 
ATOM   522  C CB  . VAL A 1 70  ? 14.555  1.689   12.298  1.00 19.11 ? 67  VAL A CB  1 
ATOM   523  C CG1 . VAL A 1 70  ? 14.499  0.512   13.278  1.00 19.94 ? 67  VAL A CG1 1 
ATOM   524  C CG2 . VAL A 1 70  ? 16.003  2.119   12.037  1.00 20.51 ? 67  VAL A CG2 1 
ATOM   525  N N   . ASP A 1 71  ? 12.377  -0.531  10.630  1.00 17.16 ? 68  ASP A N   1 
ATOM   526  C CA  . ASP A 1 71  ? 11.109  -1.271  10.828  1.00 18.78 ? 68  ASP A CA  1 
ATOM   527  C C   . ASP A 1 71  ? 9.861   -0.528  10.269  1.00 17.59 ? 68  ASP A C   1 
ATOM   528  O O   . ASP A 1 71  ? 8.739   -0.719  10.728  1.00 16.12 ? 68  ASP A O   1 
ATOM   529  C CB  . ASP A 1 71  ? 10.937  -1.655  12.297  1.00 18.96 ? 68  ASP A CB  1 
ATOM   530  C CG  . ASP A 1 71  ? 11.977  -2.642  12.759  1.00 22.09 ? 68  ASP A CG  1 
ATOM   531  O OD1 . ASP A 1 71  ? 12.416  -3.520  11.984  1.00 23.96 ? 68  ASP A OD1 1 
ATOM   532  O OD2 . ASP A 1 71  ? 12.384  -2.505  13.923  1.00 30.01 ? 68  ASP A OD2 1 
ATOM   533  N N   . GLU A 1 72  ? 10.074  0.326   9.284   1.00 16.93 ? 69  GLU A N   1 
ATOM   534  C CA  . GLU A 1 72  ? 8.952   1.150   8.784   1.00 18.41 ? 69  GLU A CA  1 
ATOM   535  C C   . GLU A 1 72  ? 9.133   1.514   7.330   1.00 17.60 ? 69  GLU A C   1 
ATOM   536  O O   . GLU A 1 72  ? 10.259  1.702   6.829   1.00 18.56 ? 69  GLU A O   1 
ATOM   537  C CB  . GLU A 1 72  ? 8.742   2.402   9.663   1.00 18.88 ? 69  GLU A CB  1 
ATOM   538  C CG  . GLU A 1 72  ? 7.675   3.350   9.081   1.00 25.71 ? 69  GLU A CG  1 
ATOM   539  C CD  . GLU A 1 72  ? 7.308   4.482   10.028  1.00 34.78 ? 69  GLU A CD  1 
ATOM   540  O OE1 . GLU A 1 72  ? 7.754   4.457   11.188  1.00 41.02 ? 69  GLU A OE1 1 
ATOM   541  O OE2 . GLU A 1 72  ? 6.559   5.375   9.606   1.00 39.45 ? 69  GLU A OE2 1 
ATOM   542  N N   . VAL A 1 73  ? 8.017   1.572   6.615   1.00 16.31 ? 70  VAL A N   1 
ATOM   543  C CA  . VAL A 1 73  ? 7.995   2.112   5.256   1.00 13.68 ? 70  VAL A CA  1 
ATOM   544  C C   . VAL A 1 73  ? 6.958   3.240   5.317   1.00 14.19 ? 70  VAL A C   1 
ATOM   545  O O   . VAL A 1 73  ? 5.900   3.039   5.872   1.00 14.25 ? 70  VAL A O   1 
ATOM   546  C CB  . VAL A 1 73  ? 7.501   1.039   4.248   1.00 14.18 ? 70  VAL A CB  1 
ATOM   547  C CG1 . VAL A 1 73  ? 7.251   1.645   2.841   1.00 15.66 ? 70  VAL A CG1 1 
ATOM   548  C CG2 . VAL A 1 73  ? 8.540   -0.111  4.105   1.00 14.35 ? 70  VAL A CG2 1 
ATOM   549  N N   . ARG A 1 74  ? 7.274   4.400   4.750   1.00 11.92 ? 71  ARG A N   1 
ATOM   550  C CA  . ARG A 1 74  ? 6.325   5.502   4.740   1.00 14.07 ? 71  ARG A CA  1 
ATOM   551  C C   . ARG A 1 74  ? 6.197   5.966   3.304   1.00 13.65 ? 71  ARG A C   1 
ATOM   552  O O   . ARG A 1 74  ? 7.204   6.314   2.642   1.00 14.63 ? 71  ARG A O   1 
ATOM   553  C CB  . ARG A 1 74  ? 6.889   6.608   5.663   1.00 15.45 ? 71  ARG A CB  1 
ATOM   554  C CG  . ARG A 1 74  ? 5.898   7.638   6.002   1.00 20.04 ? 71  ARG A CG  1 
ATOM   555  C CD  . ARG A 1 74  ? 6.372   8.546   7.154   1.00 24.08 ? 71  ARG A CD  1 
ATOM   556  N NE  . ARG A 1 74  ? 6.637   7.833   8.423   1.00 28.15 ? 71  ARG A NE  1 
ATOM   557  C CZ  . ARG A 1 74  ? 6.985   8.484   9.549   1.00 31.69 ? 71  ARG A CZ  1 
ATOM   558  N NH1 . ARG A 1 74  ? 7.113   9.829   9.543   1.00 24.07 ? 71  ARG A NH1 1 
ATOM   559  N NH2 . ARG A 1 74  ? 7.222   7.804   10.669  1.00 29.05 ? 71  ARG A NH2 1 
ATOM   560  N N   . ILE A 1 75  ? 4.993   5.958   2.772   1.00 11.48 ? 72  ILE A N   1 
ATOM   561  C CA  . ILE A 1 75  ? 4.805   6.416   1.424   1.00 12.99 ? 72  ILE A CA  1 
ATOM   562  C C   . ILE A 1 75  ? 4.013   7.740   1.506   1.00 12.63 ? 72  ILE A C   1 
ATOM   563  O O   . ILE A 1 75  ? 2.852   7.754   1.955   1.00 12.75 ? 72  ILE A O   1 
ATOM   564  C CB  . ILE A 1 75  ? 4.079   5.353   0.576   1.00 12.40 ? 72  ILE A CB  1 
ATOM   565  C CG1 . ILE A 1 75  ? 4.874   4.014   0.562   1.00 13.71 ? 72  ILE A CG1 1 
ATOM   566  C CG2 . ILE A 1 75  ? 3.882   5.856   -0.855  1.00 15.30 ? 72  ILE A CG2 1 
ATOM   567  C CD1 . ILE A 1 75  ? 4.347   2.863   -0.317  1.00 15.89 ? 72  ILE A CD1 1 
ATOM   568  N N   . ILE A 1 76  ? 4.614   8.818   1.010   1.00 11.70 ? 73  ILE A N   1 
ATOM   569  C CA  . ILE A 1 76  ? 3.944   10.179  1.107   1.00 13.68 ? 73  ILE A CA  1 
ATOM   570  C C   . ILE A 1 76  ? 3.378   10.406  -0.279  1.00 12.69 ? 73  ILE A C   1 
ATOM   571  O O   . ILE A 1 76  ? 4.128   10.320  -1.233  1.00 13.89 ? 73  ILE A O   1 
ATOM   572  C CB  . ILE A 1 76  ? 4.945   11.271  1.459   1.00 12.87 ? 73  ILE A CB  1 
ATOM   573  C CG1 . ILE A 1 76  ? 5.494   10.980  2.855   1.00 17.14 ? 73  ILE A CG1 1 
ATOM   574  C CG2 . ILE A 1 76  ? 4.262   12.673  1.517   1.00 17.57 ? 73  ILE A CG2 1 
ATOM   575  C CD1 . ILE A 1 76  ? 6.130   12.169  3.547   1.00 24.89 ? 73  ILE A CD1 1 
ATOM   576  N N   . TYR A 1 77  ? 2.097   10.744  -0.405  1.00 11.21 ? 74  TYR A N   1 
ATOM   577  C CA  . TYR A 1 77  ? 1.501   10.813  -1.757  1.00 11.90 ? 74  TYR A CA  1 
ATOM   578  C C   . TYR A 1 77  ? 0.633   12.076  -1.896  1.00 12.00 ? 74  TYR A C   1 
ATOM   579  O O   . TYR A 1 77  ? 0.124   12.578  -0.900  1.00 13.97 ? 74  TYR A O   1 
ATOM   580  C CB  . TYR A 1 77  ? 0.690   9.547   -2.112  1.00 10.57 ? 74  TYR A CB  1 
ATOM   581  C CG  . TYR A 1 77  ? -0.561  9.326   -1.252  1.00 14.74 ? 74  TYR A CG  1 
ATOM   582  C CD1 . TYR A 1 77  ? -1.785  9.960   -1.584  1.00 13.95 ? 74  TYR A CD1 1 
ATOM   583  C CD2 . TYR A 1 77  ? -0.514  8.545   -0.090  1.00 12.32 ? 74  TYR A CD2 1 
ATOM   584  C CE1 . TYR A 1 77  ? -2.931  9.821   -0.753  1.00 16.22 ? 74  TYR A CE1 1 
ATOM   585  C CE2 . TYR A 1 77  ? -1.640  8.381   0.732   1.00 14.76 ? 74  TYR A CE2 1 
ATOM   586  C CZ  . TYR A 1 77  ? -2.863  8.999   0.365   1.00 16.28 ? 74  TYR A CZ  1 
ATOM   587  O OH  . TYR A 1 77  ? -3.965  8.854   1.182   1.00 13.09 ? 74  TYR A OH  1 
ATOM   588  N N   . ASP A 1 78  ? 0.450   12.504  -3.129  1.00 13.89 ? 75  ASP A N   1 
ATOM   589  C CA  . ASP A 1 78  ? -0.465  13.639  -3.435  1.00 13.42 ? 75  ASP A CA  1 
ATOM   590  C C   . ASP A 1 78  ? -1.298  13.244  -4.622  1.00 14.22 ? 75  ASP A C   1 
ATOM   591  O O   . ASP A 1 78  ? -0.871  12.503  -5.494  1.00 14.63 ? 75  ASP A O   1 
ATOM   592  C CB  . ASP A 1 78  ? 0.334   14.950  -3.695  1.00 14.31 ? 75  ASP A CB  1 
ATOM   593  C CG  . ASP A 1 78  ? 1.294   14.853  -4.894  1.00 18.02 ? 75  ASP A CG  1 
ATOM   594  O OD1 . ASP A 1 78  ? 2.493   14.581  -4.626  1.00 15.81 ? 75  ASP A OD1 1 
ATOM   595  O OD2 . ASP A 1 78  ? 0.862   15.063  -6.085  1.00 19.52 ? 75  ASP A OD2 1 
ATOM   596  N N   . SER A 1 79  ? -2.527  13.702  -4.670  1.00 15.18 ? 76  SER A N   1 
ATOM   597  C CA  . SER A 1 79  ? -3.386  13.357  -5.813  1.00 16.28 ? 76  SER A CA  1 
ATOM   598  C C   . SER A 1 79  ? -4.398  14.442  -6.036  1.00 17.27 ? 76  SER A C   1 
ATOM   599  O O   . SER A 1 79  ? -4.628  15.247  -5.125  1.00 17.73 ? 76  SER A O   1 
ATOM   600  C CB  . SER A 1 79  ? -4.140  12.029  -5.601  1.00 16.15 ? 76  SER A CB  1 
ATOM   601  O OG  . SER A 1 79  ? -5.360  12.207  -4.940  1.00 19.26 ? 76  SER A OG  1 
ATOM   602  N N   . ASP A 1 80  ? -5.051  14.382  -7.202  1.00 20.12 ? 77  ASP A N   1 
ATOM   603  C CA  . ASP A 1 80  ? -6.179  15.286  -7.501  1.00 20.95 ? 77  ASP A CA  1 
ATOM   604  C C   . ASP A 1 80  ? -7.403  14.979  -6.635  1.00 22.18 ? 77  ASP A C   1 
ATOM   605  O O   . ASP A 1 80  ? -8.392  15.726  -6.738  1.00 23.15 ? 77  ASP A O   1 
ATOM   606  C CB  . ASP A 1 80  ? -6.598  15.291  -8.965  1.00 22.39 ? 77  ASP A CB  1 
ATOM   607  C CG  . ASP A 1 80  ? -6.800  13.883  -9.571  1.00 25.60 ? 77  ASP A CG  1 
ATOM   608  O OD1 . ASP A 1 80  ? -6.499  12.841  -8.934  1.00 24.36 ? 77  ASP A OD1 1 
ATOM   609  O OD2 . ASP A 1 80  ? -7.189  13.828  -10.770 1.00 32.30 ? 77  ASP A OD2 1 
ATOM   610  N N   . ARG A 1 81  ? -7.351  13.925  -5.814  1.00 17.74 ? 78  ARG A N   1 
ATOM   611  C CA  . ARG A 1 81  ? -8.445  13.636  -4.856  1.00 18.52 ? 78  ARG A CA  1 
ATOM   612  C C   . ARG A 1 81  ? -8.020  13.767  -3.395  1.00 18.38 ? 78  ARG A C   1 
ATOM   613  O O   . ARG A 1 81  ? -8.715  13.303  -2.519  1.00 20.22 ? 78  ARG A O   1 
ATOM   614  C CB  . ARG A 1 81  ? -9.059  12.258  -5.112  1.00 17.02 ? 78  ARG A CB  1 
ATOM   615  C CG  . ARG A 1 81  ? -9.526  12.005  -6.549  1.00 21.97 ? 78  ARG A CG  1 
ATOM   616  C CD  . ARG A 1 81  ? -10.553 12.952  -7.097  1.00 25.28 ? 78  ARG A CD  1 
ATOM   617  N NE  . ARG A 1 81  ? -10.995 12.512  -8.448  1.00 23.97 ? 78  ARG A NE  1 
ATOM   618  C CZ  . ARG A 1 81  ? -12.137 12.900  -9.012  1.00 25.08 ? 78  ARG A CZ  1 
ATOM   619  N NH1 . ARG A 1 81  ? -12.950 13.695  -8.317  1.00 20.50 ? 78  ARG A NH1 1 
ATOM   620  N NH2 . ARG A 1 81  ? -12.456 12.509  -10.250 1.00 19.84 ? 78  ARG A NH2 1 
ATOM   621  N N   . GLY A 1 82  ? -6.880  14.421  -3.137  1.00 17.45 ? 79  GLY A N   1 
ATOM   622  C CA  . GLY A 1 82  ? -6.409  14.603  -1.765  1.00 17.56 ? 79  GLY A CA  1 
ATOM   623  C C   . GLY A 1 82  ? -5.091  13.878  -1.538  1.00 17.16 ? 79  GLY A C   1 
ATOM   624  O O   . GLY A 1 82  ? -4.654  13.071  -2.374  1.00 15.81 ? 79  GLY A O   1 
ATOM   625  N N   . ASN A 1 83  ? -4.440  14.199  -0.431  1.00 17.29 ? 80  ASN A N   1 
ATOM   626  C CA  . ASN A 1 83  ? -3.060  13.797  -0.203  1.00 17.51 ? 80  ASN A CA  1 
ATOM   627  C C   . ASN A 1 83  ? -2.976  12.999  1.080   1.00 15.82 ? 80  ASN A C   1 
ATOM   628  O O   . ASN A 1 83  ? -3.846  13.088  1.934   1.00 17.31 ? 80  ASN A O   1 
ATOM   629  C CB  . ASN A 1 83  ? -2.140  15.027  -0.055  1.00 18.95 ? 80  ASN A CB  1 
ATOM   630  C CG  . ASN A 1 83  ? -2.110  15.980  -1.318  1.00 20.90 ? 80  ASN A CG  1 
ATOM   631  O OD1 . ASN A 1 83  ? -2.544  15.661  -2.410  1.00 17.85 ? 80  ASN A OD1 1 
ATOM   632  N ND2 . ASN A 1 83  ? -1.506  17.184  -1.127  1.00 29.96 ? 80  ASN A ND2 1 
ATOM   633  N N   . GLY A 1 84  ? -1.889  12.276  1.306   1.00 14.22 ? 81  GLY A N   1 
ATOM   634  C CA  . GLY A 1 84  ? -1.905  11.472  2.486   1.00 13.86 ? 81  GLY A CA  1 
ATOM   635  C C   . GLY A 1 84  ? -0.569  10.802  2.712   1.00 13.79 ? 81  GLY A C   1 
ATOM   636  O O   . GLY A 1 84  ? 0.437   11.139  2.034   1.00 12.71 ? 81  GLY A O   1 
ATOM   637  N N   . ILE A 1 85  ? -0.591  9.880   3.674   1.00 12.75 ? 82  ILE A N   1 
ATOM   638  C CA  . ILE A 1 85  ? 0.575   9.036   3.994   1.00 14.18 ? 82  ILE A CA  1 
ATOM   639  C C   . ILE A 1 85  ? 0.080   7.624   4.272   1.00 14.64 ? 82  ILE A C   1 
ATOM   640  O O   . ILE A 1 85  ? -0.913  7.391   5.014   1.00 12.60 ? 82  ILE A O   1 
ATOM   641  C CB  . ILE A 1 85  ? 1.345   9.540   5.256   1.00 14.85 ? 82  ILE A CB  1 
ATOM   642  C CG1 . ILE A 1 85  ? 1.722   11.016  5.113   1.00 17.54 ? 82  ILE A CG1 1 
ATOM   643  C CG2 . ILE A 1 85  ? 2.584   8.701   5.546   1.00 17.79 ? 82  ILE A CG2 1 
ATOM   644  C CD1 . ILE A 1 85  ? 2.330   11.621  6.407   1.00 20.53 ? 82  ILE A CD1 1 
ATOM   645  N N   . LEU A 1 86  ? 0.802   6.670   3.662   1.00 13.93 ? 83  LEU A N   1 
ATOM   646  C CA  . LEU A 1 86  ? 0.544   5.225   3.882   1.00 13.74 ? 83  LEU A CA  1 
ATOM   647  C C   . LEU A 1 86  ? 1.774   4.711   4.666   1.00 13.42 ? 83  LEU A C   1 
ATOM   648  O O   . LEU A 1 86  ? 2.933   4.874   4.208   1.00 13.87 ? 83  LEU A O   1 
ATOM   649  C CB  . LEU A 1 86  ? 0.427   4.509   2.508   1.00 14.42 ? 83  LEU A CB  1 
ATOM   650  C CG  . LEU A 1 86  ? 0.247   2.981   2.564   1.00 15.18 ? 83  LEU A CG  1 
ATOM   651  C CD1 . LEU A 1 86  ? -0.970  2.553   3.299   1.00 13.81 ? 83  LEU A CD1 1 
ATOM   652  C CD2 . LEU A 1 86  ? 0.109   2.528   1.057   1.00 16.19 ? 83  LEU A CD2 1 
ATOM   653  N N   . TYR A 1 87  ? 1.528   4.198   5.858   1.00 13.49 ? 84  TYR A N   1 
ATOM   654  C CA  . TYR A 1 87  ? 2.594   3.633   6.701   1.00 14.34 ? 84  TYR A CA  1 
ATOM   655  C C   . TYR A 1 87  ? 2.507   2.108   6.697   1.00 14.37 ? 84  TYR A C   1 
ATOM   656  O O   . TYR A 1 87  ? 1.384   1.547   6.714   1.00 14.50 ? 84  TYR A O   1 
ATOM   657  C CB  . TYR A 1 87  ? 2.433   4.079   8.133   1.00 13.39 ? 84  TYR A CB  1 
ATOM   658  C CG  . TYR A 1 87  ? 2.219   5.562   8.398   1.00 16.81 ? 84  TYR A CG  1 
ATOM   659  C CD1 . TYR A 1 87  ? 3.270   6.336   8.925   1.00 19.17 ? 84  TYR A CD1 1 
ATOM   660  C CD2 . TYR A 1 87  ? 0.956   6.170   8.219   1.00 17.70 ? 84  TYR A CD2 1 
ATOM   661  C CE1 . TYR A 1 87  ? 3.077   7.659   9.249   1.00 19.94 ? 84  TYR A CE1 1 
ATOM   662  C CE2 . TYR A 1 87  ? 0.771   7.528   8.535   1.00 18.81 ? 84  TYR A CE2 1 
ATOM   663  C CZ  . TYR A 1 87  ? 1.850   8.254   9.022   1.00 20.65 ? 84  TYR A CZ  1 
ATOM   664  O OH  . TYR A 1 87  ? 1.726   9.574   9.329   1.00 24.09 ? 84  TYR A OH  1 
ATOM   665  N N   . ILE A 1 88  ? 3.668   1.431   6.607   1.00 14.04 ? 85  ILE A N   1 
ATOM   666  C CA  . ILE A 1 88  ? 3.690   -0.036  6.840   1.00 13.35 ? 85  ILE A CA  1 
ATOM   667  C C   . ILE A 1 88  ? 4.705   -0.207  7.983   1.00 13.90 ? 85  ILE A C   1 
ATOM   668  O O   . ILE A 1 88  ? 5.861   0.196   7.821   1.00 14.17 ? 85  ILE A O   1 
ATOM   669  C CB  . ILE A 1 88  ? 4.058   -0.857  5.573   1.00 13.19 ? 85  ILE A CB  1 
ATOM   670  C CG1 . ILE A 1 88  ? 3.063   -0.520  4.406   1.00 16.30 ? 85  ILE A CG1 1 
ATOM   671  C CG2 . ILE A 1 88  ? 3.998   -2.357  5.863   1.00 12.12 ? 85  ILE A CG2 1 
ATOM   672  C CD1 . ILE A 1 88  ? 3.697   0.370   3.334   1.00 19.21 ? 85  ILE A CD1 1 
ATOM   673  N N   . ARG A 1 89  ? 4.256   -0.673  9.152   1.00 13.72 ? 86  ARG A N   1 
ATOM   674  C CA  . ARG A 1 89  ? 5.122   -0.734  10.359  1.00 15.45 ? 86  ARG A CA  1 
ATOM   675  C C   . ARG A 1 89  ? 5.262   -2.169  10.839  1.00 14.89 ? 86  ARG A C   1 
ATOM   676  O O   . ARG A 1 89  ? 4.255   -2.859  11.078  1.00 15.40 ? 86  ARG A O   1 
ATOM   677  C CB  . ARG A 1 89  ? 4.582   0.113   11.554  1.00 17.85 ? 86  ARG A CB  1 
ATOM   678  C CG  . ARG A 1 89  ? 4.315   1.585   11.232  1.00 23.92 ? 86  ARG A CG  1 
ATOM   679  C CD  . ARG A 1 89  ? 3.861   2.417   12.508  1.00 29.84 ? 86  ARG A CD  1 
ATOM   680  N NE  . ARG A 1 89  ? 4.238   1.876   13.855  1.00 35.47 ? 86  ARG A NE  1 
ATOM   681  C CZ  . ARG A 1 89  ? 5.362   2.134   14.563  1.00 38.44 ? 86  ARG A CZ  1 
ATOM   682  N NH1 . ARG A 1 89  ? 6.319   2.954   14.109  1.00 36.92 ? 86  ARG A NH1 1 
ATOM   683  N NH2 . ARG A 1 89  ? 5.530   1.554   15.775  1.00 38.23 ? 86  ARG A NH2 1 
ATOM   684  N N   . LYS A 1 90  ? 6.501   -2.638  10.969  1.00 13.45 ? 87  LYS A N   1 
ATOM   685  C CA  . LYS A 1 90  ? 6.713   -3.962  11.535  1.00 14.44 ? 87  LYS A CA  1 
ATOM   686  C C   . LYS A 1 90  ? 6.427   -3.890  13.032  1.00 16.38 ? 87  LYS A C   1 
ATOM   687  O O   . LYS A 1 90  ? 6.996   -3.001  13.717  1.00 16.62 ? 87  LYS A O   1 
ATOM   688  C CB  . LYS A 1 90  ? 8.161   -4.408  11.273  1.00 14.66 ? 87  LYS A CB  1 
ATOM   689  C CG  . LYS A 1 90  ? 8.515   -5.744  11.992  1.00 13.50 ? 87  LYS A CG  1 
ATOM   690  C CD  . LYS A 1 90  ? 9.924   -6.170  11.729  1.00 19.68 ? 87  LYS A CD  1 
ATOM   691  C CE  . LYS A 1 90  ? 10.332  -7.258  12.744  1.00 17.10 ? 87  LYS A CE  1 
ATOM   692  N NZ  . LYS A 1 90  ? 11.750  -7.485  12.573  1.00 23.81 ? 87  LYS A NZ  1 
ATOM   693  N N   . LYS A 1 91  ? 5.585   -4.783  13.555  1.00 14.84 ? 88  LYS A N   1 
ATOM   694  C CA  . LYS A 1 91  ? 5.287   -4.747  14.981  1.00 17.21 ? 88  LYS A CA  1 
ATOM   695  C C   . LYS A 1 91  ? 6.078   -5.831  15.762  1.00 18.71 ? 88  LYS A C   1 
ATOM   696  O O   . LYS A 1 91  ? 6.524   -5.593  16.901  1.00 19.69 ? 88  LYS A O   1 
ATOM   697  C CB  . LYS A 1 91  ? 3.816   -4.927  15.189  1.00 15.03 ? 88  LYS A CB  1 
ATOM   698  C CG  . LYS A 1 91  ? 3.003   -3.693  14.679  1.00 16.21 ? 88  LYS A CG  1 
ATOM   699  C CD  . LYS A 1 91  ? 1.653   -3.658  15.320  1.00 19.17 ? 88  LYS A CD  1 
ATOM   700  C CE  . LYS A 1 91  ? 0.763   -4.801  14.803  1.00 20.52 ? 88  LYS A CE  1 
ATOM   701  N NZ  . LYS A 1 91  ? -0.677  -4.559  15.198  1.00 22.63 ? 88  LYS A NZ  1 
ATOM   702  N N   . ASP A 1 92  ? 6.266   -6.989  15.139  1.00 17.75 ? 89  ASP A N   1 
ATOM   703  C CA  . ASP A 1 92  ? 7.129   -8.018  15.700  1.00 18.02 ? 89  ASP A CA  1 
ATOM   704  C C   . ASP A 1 92  ? 7.477   -8.938  14.557  1.00 17.90 ? 89  ASP A C   1 
ATOM   705  O O   . ASP A 1 92  ? 7.210   -8.613  13.378  1.00 17.63 ? 89  ASP A O   1 
ATOM   706  C CB  . ASP A 1 92  ? 6.467   -8.742  16.884  1.00 17.72 ? 89  ASP A CB  1 
ATOM   707  C CG  . ASP A 1 92  ? 5.149   -9.442  16.522  1.00 19.65 ? 89  ASP A CG  1 
ATOM   708  O OD1 . ASP A 1 92  ? 4.938   -10.025 15.408  1.00 20.20 ? 89  ASP A OD1 1 
ATOM   709  O OD2 . ASP A 1 92  ? 4.278   -9.444  17.412  1.00 22.12 ? 89  ASP A OD2 1 
ATOM   710  N N   . ASN A 1 93  ? 8.117   -10.058 14.869  1.00 16.29 ? 90  ASN A N   1 
ATOM   711  C CA  . ASN A 1 93  ? 8.579   -10.956 13.843  1.00 19.20 ? 90  ASN A CA  1 
ATOM   712  C C   . ASN A 1 93  ? 7.440   -11.525 12.992  1.00 17.01 ? 90  ASN A C   1 
ATOM   713  O O   . ASN A 1 93  ? 7.712   -12.097 11.977  1.00 17.49 ? 90  ASN A O   1 
ATOM   714  C CB  . ASN A 1 93  ? 9.315   -12.135 14.511  1.00 20.27 ? 90  ASN A CB  1 
ATOM   715  C CG  . ASN A 1 93  ? 9.928   -13.086 13.516  1.00 27.36 ? 90  ASN A CG  1 
ATOM   716  O OD1 . ASN A 1 93  ? 9.568   -14.287 13.465  1.00 39.34 ? 90  ASN A OD1 1 
ATOM   717  N ND2 . ASN A 1 93  ? 10.884  -12.584 12.710  1.00 34.52 ? 90  ASN A ND2 1 
ATOM   718  N N   . ASN A 1 94  ? 6.191   -11.406 13.436  1.00 16.22 ? 91  ASN A N   1 
ATOM   719  C CA  . ASN A 1 94  ? 5.116   -12.095 12.706  1.00 16.62 ? 91  ASN A CA  1 
ATOM   720  C C   . ASN A 1 94  ? 3.977   -11.198 12.295  1.00 15.49 ? 91  ASN A C   1 
ATOM   721  O O   . ASN A 1 94  ? 2.921   -11.697 11.873  1.00 14.36 ? 91  ASN A O   1 
ATOM   722  C CB  . ASN A 1 94  ? 4.544   -13.277 13.516  1.00 20.16 ? 91  ASN A CB  1 
ATOM   723  C CG  . ASN A 1 94  ? 5.504   -14.405 13.579  1.00 26.25 ? 91  ASN A CG  1 
ATOM   724  O OD1 . ASN A 1 94  ? 5.804   -15.045 12.545  1.00 36.17 ? 91  ASN A OD1 1 
ATOM   725  N ND2 . ASN A 1 94  ? 6.027   -14.672 14.772  1.00 30.86 ? 91  ASN A ND2 1 
ATOM   726  N N   . THR A 1 95  ? 4.164   -9.896  12.480  1.00 14.25 ? 92  THR A N   1 
ATOM   727  C CA  . THR A 1 95  ? 3.013   -8.982  12.483  1.00 13.98 ? 92  THR A CA  1 
ATOM   728  C C   . THR A 1 95  ? 3.441   -7.664  11.965  1.00 14.77 ? 92  THR A C   1 
ATOM   729  O O   . THR A 1 95  ? 4.475   -7.110  12.393  1.00 15.11 ? 92  THR A O   1 
ATOM   730  C CB  . THR A 1 95  ? 2.390   -8.790  13.916  1.00 15.90 ? 92  THR A CB  1 
ATOM   731  O OG1 . THR A 1 95  ? 2.397   -10.050 14.550  1.00 14.31 ? 92  THR A OG1 1 
ATOM   732  C CG2 . THR A 1 95  ? 0.984   -8.320  13.815  1.00 14.41 ? 92  THR A CG2 1 
ATOM   733  N N   . LEU A 1 96  ? 2.601   -7.086  11.096  1.00 13.60 ? 93  LEU A N   1 
ATOM   734  C CA  . LEU A 1 96  ? 2.828   -5.688  10.763  1.00 13.96 ? 93  LEU A CA  1 
ATOM   735  C C   . LEU A 1 96  ? 1.504   -4.965  10.799  1.00 13.29 ? 93  LEU A C   1 
ATOM   736  O O   . LEU A 1 96  ? 0.437   -5.613  10.884  1.00 12.57 ? 93  LEU A O   1 
ATOM   737  C CB  . LEU A 1 96  ? 3.547   -5.529  9.381   1.00 14.56 ? 93  LEU A CB  1 
ATOM   738  C CG  . LEU A 1 96  ? 2.941   -6.237  8.217   1.00 15.12 ? 93  LEU A CG  1 
ATOM   739  C CD1 . LEU A 1 96  ? 1.800   -5.294  7.655   1.00 16.95 ? 93  LEU A CD1 1 
ATOM   740  C CD2 . LEU A 1 96  ? 3.960   -6.406  7.019   1.00 15.85 ? 93  LEU A CD2 1 
ATOM   741  N N   . GLN A 1 97  ? 1.582   -3.652  10.675  1.00 11.85 ? 94  GLN A N   1 
ATOM   742  C CA  . GLN A 1 97  ? 0.390   -2.806  10.666  1.00 13.91 ? 94  GLN A CA  1 
ATOM   743  C C   . GLN A 1 97  ? 0.429   -1.936  9.474   1.00 13.06 ? 94  GLN A C   1 
ATOM   744  O O   . GLN A 1 97  ? 1.458   -1.305  9.192   1.00 13.47 ? 94  GLN A O   1 
ATOM   745  C CB  . GLN A 1 97  ? 0.332   -1.930  11.943  1.00 15.43 ? 94  GLN A CB  1 
ATOM   746  C CG  . GLN A 1 97  ? -0.995  -1.186  12.176  1.00 15.25 ? 94  GLN A CG  1 
ATOM   747  C CD  . GLN A 1 97  ? -2.089  -2.103  12.733  1.00 18.15 ? 94  GLN A CD  1 
ATOM   748  O OE1 . GLN A 1 97  ? -3.245  -1.685  12.947  1.00 23.75 ? 94  GLN A OE1 1 
ATOM   749  N NE2 . GLN A 1 97  ? -1.730  -3.332  12.983  1.00 11.28 ? 94  GLN A NE2 1 
ATOM   750  N N   . ILE A 1 98  ? -0.666  -1.883  8.749   1.00 11.74 ? 95  ILE A N   1 
ATOM   751  C CA  . ILE A 1 98  ? -0.761  -0.917  7.652   1.00 11.95 ? 95  ILE A CA  1 
ATOM   752  C C   . ILE A 1 98  ? -1.715  0.215   8.079   1.00 13.03 ? 95  ILE A C   1 
ATOM   753  O O   . ILE A 1 98  ? -2.791  -0.054  8.632   1.00 13.85 ? 95  ILE A O   1 
ATOM   754  C CB  . ILE A 1 98  ? -1.322  -1.566  6.366   1.00 12.87 ? 95  ILE A CB  1 
ATOM   755  C CG1 . ILE A 1 98  ? -0.415  -2.749  5.973   1.00 12.08 ? 95  ILE A CG1 1 
ATOM   756  C CG2 . ILE A 1 98  ? -1.453  -0.511  5.205   1.00 13.15 ? 95  ILE A CG2 1 
ATOM   757  C CD1 . ILE A 1 98  ? -1.012  -3.606  4.809   1.00 16.71 ? 95  ILE A CD1 1 
ATOM   758  N N   . ILE A 1 99  ? -1.302  1.447   7.839   1.00 11.85 ? 96  ILE A N   1 
ATOM   759  C CA  . ILE A 1 99  ? -2.135  2.619   8.194   1.00 13.36 ? 96  ILE A CA  1 
ATOM   760  C C   . ILE A 1 99  ? -2.185  3.585   7.032   1.00 12.48 ? 96  ILE A C   1 
ATOM   761  O O   . ILE A 1 99  ? -1.147  4.077   6.571   1.00 13.23 ? 96  ILE A O   1 
ATOM   762  C CB  . ILE A 1 99  ? -1.535  3.419   9.400   1.00 14.09 ? 96  ILE A CB  1 
ATOM   763  C CG1 . ILE A 1 99  ? -1.396  2.534   10.632  1.00 17.21 ? 96  ILE A CG1 1 
ATOM   764  C CG2 . ILE A 1 99  ? -2.407  4.656   9.784   1.00 15.22 ? 96  ILE A CG2 1 
ATOM   765  C CD1 . ILE A 1 99  ? 0.053   2.296   10.983  1.00 21.43 ? 96  ILE A CD1 1 
ATOM   766  N N   . LEU A 1 100 ? -3.375  3.906   6.550   1.00 12.18 ? 97  LEU A N   1 
ATOM   767  C CA  . LEU A 1 100 ? -3.519  4.866   5.468   1.00 13.09 ? 97  LEU A CA  1 
ATOM   768  C C   . LEU A 1 100 ? -4.234  6.115   6.020   1.00 13.30 ? 97  LEU A C   1 
ATOM   769  O O   . LEU A 1 100 ? -5.359  5.992   6.522   1.00 12.52 ? 97  LEU A O   1 
ATOM   770  C CB  . LEU A 1 100 ? -4.332  4.268   4.316   1.00 12.78 ? 97  LEU A CB  1 
ATOM   771  C CG  . LEU A 1 100 ? -4.546  5.232   3.168   1.00 14.13 ? 97  LEU A CG  1 
ATOM   772  C CD1 . LEU A 1 100 ? -3.227  5.636   2.550   1.00 14.30 ? 97  LEU A CD1 1 
ATOM   773  C CD2 . LEU A 1 100 ? -5.495  4.628   2.098   1.00 16.92 ? 97  LEU A CD2 1 
ATOM   774  N N   . GLU A 1 101 ? -3.573  7.259   5.966   1.00 12.68 ? 98  GLU A N   1 
ATOM   775  C CA  . GLU A 1 101 ? -4.231  8.525   6.423   1.00 15.68 ? 98  GLU A CA  1 
ATOM   776  C C   . GLU A 1 101 ? -4.388  9.419   5.247   1.00 15.67 ? 98  GLU A C   1 
ATOM   777  O O   . GLU A 1 101 ? -3.419  9.612   4.497   1.00 15.59 ? 98  GLU A O   1 
ATOM   778  C CB  . GLU A 1 101 ? -3.341  9.284   7.422   1.00 18.51 ? 98  GLU A CB  1 
ATOM   779  C CG  . GLU A 1 101 ? -2.758  8.463   8.478   1.00 25.97 ? 98  GLU A CG  1 
ATOM   780  C CD  . GLU A 1 101 ? -1.996  9.334   9.502   1.00 31.09 ? 98  GLU A CD  1 
ATOM   781  O OE1 . GLU A 1 101 ? -1.202  10.254  9.130   1.00 31.23 ? 98  GLU A OE1 1 
ATOM   782  O OE2 . GLU A 1 101 ? -2.182  9.001   10.677  1.00 39.53 ? 98  GLU A OE2 1 
ATOM   783  N N   . HIS A 1 102 ? -5.577  9.994   5.060   1.00 15.53 ? 99  HIS A N   1 
ATOM   784  C CA  . HIS A 1 102 ? -5.875  10.730  3.852   1.00 16.78 ? 99  HIS A CA  1 
ATOM   785  C C   . HIS A 1 102 ? -6.518  12.096  4.255   1.00 16.82 ? 99  HIS A C   1 
ATOM   786  O O   . HIS A 1 102 ? -7.306  12.118  5.193   1.00 17.06 ? 99  HIS A O   1 
ATOM   787  C CB  . HIS A 1 102 ? -6.799  9.896   2.942   1.00 18.66 ? 99  HIS A CB  1 
ATOM   788  C CG  . HIS A 1 102 ? -7.021  10.509  1.577   1.00 18.12 ? 99  HIS A CG  1 
ATOM   789  N ND1 . HIS A 1 102 ? -6.078  10.447  0.562   1.00 19.32 ? 99  HIS A ND1 1 
ATOM   790  C CD2 . HIS A 1 102 ? -8.078  11.200  1.065   1.00 21.13 ? 99  HIS A CD2 1 
ATOM   791  C CE1 . HIS A 1 102 ? -6.540  11.071  -0.508  1.00 22.96 ? 99  HIS A CE1 1 
ATOM   792  N NE2 . HIS A 1 102 ? -7.731  11.582  -0.211  1.00 21.55 ? 99  HIS A NE2 1 
ATOM   793  N N   . ASP A 1 103 ? -6.158  13.181  3.576   1.00 15.41 ? 100 ASP A N   1 
ATOM   794  C CA  . ASP A 1 103 ? -6.541  14.540  4.019   1.00 17.50 ? 100 ASP A CA  1 
ATOM   795  C C   . ASP A 1 103 ? -7.859  15.118  3.501   1.00 18.44 ? 100 ASP A C   1 
ATOM   796  O O   . ASP A 1 103 ? -8.255  16.260  3.862   1.00 18.18 ? 100 ASP A O   1 
ATOM   797  C CB  . ASP A 1 103 ? -5.389  15.554  3.826   1.00 17.52 ? 100 ASP A CB  1 
ATOM   798  C CG  . ASP A 1 103 ? -5.196  15.986  2.412   1.00 21.03 ? 100 ASP A CG  1 
ATOM   799  O OD1 . ASP A 1 103 ? -5.962  15.583  1.491   1.00 20.99 ? 100 ASP A OD1 1 
ATOM   800  O OD2 . ASP A 1 103 ? -4.238  16.750  2.178   1.00 23.14 ? 100 ASP A OD2 1 
ATOM   801  N N   . ASN A 1 104 ? -8.536  14.332  2.685   1.00 17.67 ? 101 ASN A N   1 
ATOM   802  C CA  . ASN A 1 104 ? -9.770  14.759  2.038   1.00 17.88 ? 101 ASN A CA  1 
ATOM   803  C C   . ASN A 1 104 ? -10.947 13.938  2.531   1.00 18.38 ? 101 ASN A C   1 
ATOM   804  O O   . ASN A 1 104 ? -11.075 12.748  2.221   1.00 17.48 ? 101 ASN A O   1 
ATOM   805  C CB  . ASN A 1 104 ? -9.583  14.685  0.524   1.00 18.30 ? 101 ASN A CB  1 
ATOM   806  C CG  . ASN A 1 104 ? -10.796 15.262  -0.262  1.00 17.38 ? 101 ASN A CG  1 
ATOM   807  O OD1 . ASN A 1 104 ? -11.947 14.881  -0.023  1.00 19.20 ? 101 ASN A OD1 1 
ATOM   808  N ND2 . ASN A 1 104 ? -10.535 16.174  -1.142  1.00 20.89 ? 101 ASN A ND2 1 
ATOM   809  N N   . LYS A 1 105 ? -11.830 14.563  3.333   1.00 16.25 ? 102 LYS A N   1 
ATOM   810  C CA  . LYS A 1 105 ? -12.878 13.791  3.965   1.00 17.50 ? 102 LYS A CA  1 
ATOM   811  C C   . LYS A 1 105 ? -13.858 13.134  2.951   1.00 16.12 ? 102 LYS A C   1 
ATOM   812  O O   . LYS A 1 105 ? -14.316 12.000  3.162   1.00 16.07 ? 102 LYS A O   1 
ATOM   813  C CB  . LYS A 1 105 ? -13.667 14.689  4.983   1.00 17.55 ? 102 LYS A CB  1 
ATOM   814  C CG  . LYS A 1 105 ? -14.747 13.891  5.714   1.00 21.75 ? 102 LYS A CG  1 
ATOM   815  C CD  . LYS A 1 105 ? -15.459 14.780  6.735   1.00 23.23 ? 102 LYS A CD  1 
ATOM   816  C CE  . LYS A 1 105 ? -16.421 13.987  7.588   1.00 25.04 ? 102 LYS A CE  1 
ATOM   817  N NZ  . LYS A 1 105 ? -17.279 14.839  8.487   1.00 23.86 ? 102 LYS A NZ  1 
ATOM   818  N N   . LEU A 1 106 ? -14.236 13.874  1.911   1.00 15.23 ? 103 LEU A N   1 
ATOM   819  C CA  . LEU A 1 106 ? -15.168 13.348  0.891   1.00 13.88 ? 103 LEU A CA  1 
ATOM   820  C C   . LEU A 1 106 ? -14.568 12.112  0.198   1.00 14.40 ? 103 LEU A C   1 
ATOM   821  O O   . LEU A 1 106 ? -15.234 11.068  0.060   1.00 13.53 ? 103 LEU A O   1 
ATOM   822  C CB  . LEU A 1 106 ? -15.396 14.419  -0.168  1.00 14.93 ? 103 LEU A CB  1 
ATOM   823  C CG  . LEU A 1 106 ? -16.396 14.164  -1.319  1.00 15.80 ? 103 LEU A CG  1 
ATOM   824  C CD1 . LEU A 1 106 ? -17.776 13.954  -0.774  1.00 20.13 ? 103 LEU A CD1 1 
ATOM   825  C CD2 . LEU A 1 106 ? -16.435 15.377  -2.270  1.00 20.93 ? 103 LEU A CD2 1 
ATOM   826  N N   . THR A 1 107 ? -13.336 12.269  -0.294  1.00 12.87 ? 104 THR A N   1 
ATOM   827  C CA  . THR A 1 107 ? -12.593 11.149  -0.907  1.00 14.84 ? 104 THR A CA  1 
ATOM   828  C C   . THR A 1 107 ? -12.446 9.963   0.019   1.00 15.10 ? 104 THR A C   1 
ATOM   829  O O   . THR A 1 107 ? -12.671 8.831   -0.391  1.00 16.27 ? 104 THR A O   1 
ATOM   830  C CB  . THR A 1 107 ? -11.193 11.594  -1.352  1.00 14.22 ? 104 THR A CB  1 
ATOM   831  O OG1 . THR A 1 107 ? -11.339 12.638  -2.343  1.00 15.76 ? 104 THR A OG1 1 
ATOM   832  C CG2 . THR A 1 107 ? -10.446 10.401  -2.032  1.00 17.36 ? 104 THR A CG2 1 
ATOM   833  N N   . ALA A 1 108 ? -12.054 10.216  1.269   1.00 15.40 ? 105 ALA A N   1 
ATOM   834  C CA  . ALA A 1 108 ? -12.037 9.153   2.310   1.00 15.74 ? 105 ALA A CA  1 
ATOM   835  C C   . ALA A 1 108 ? -13.376 8.393   2.476   1.00 17.28 ? 105 ALA A C   1 
ATOM   836  O O   . ALA A 1 108 ? -13.424 7.150   2.553   1.00 17.38 ? 105 ALA A O   1 
ATOM   837  C CB  . ALA A 1 108 ? -11.560 9.703   3.635   1.00 15.31 ? 105 ALA A CB  1 
ATOM   838  N N   . PHE A 1 109 ? -14.492 9.119   2.496   1.00 16.25 ? 106 PHE A N   1 
ATOM   839  C CA  . PHE A 1 109 ? -15.787 8.493   2.654   1.00 16.15 ? 106 PHE A CA  1 
ATOM   840  C C   . PHE A 1 109 ? -16.088 7.541   1.504   1.00 15.39 ? 106 PHE A C   1 
ATOM   841  O O   . PHE A 1 109 ? -16.602 6.416   1.713   1.00 15.24 ? 106 PHE A O   1 
ATOM   842  C CB  . PHE A 1 109 ? -16.897 9.569   2.780   1.00 16.12 ? 106 PHE A CB  1 
ATOM   843  C CG  . PHE A 1 109 ? -18.294 8.992   2.820   1.00 16.95 ? 106 PHE A CG  1 
ATOM   844  C CD1 . PHE A 1 109 ? -18.803 8.445   4.015   1.00 20.85 ? 106 PHE A CD1 1 
ATOM   845  C CD2 . PHE A 1 109 ? -19.124 9.065   1.666   1.00 18.98 ? 106 PHE A CD2 1 
ATOM   846  C CE1 . PHE A 1 109 ? -20.082 7.932   4.075   1.00 21.85 ? 106 PHE A CE1 1 
ATOM   847  C CE2 . PHE A 1 109 ? -20.452 8.532   1.694   1.00 16.91 ? 106 PHE A CE2 1 
ATOM   848  C CZ  . PHE A 1 109 ? -20.927 7.948   2.914   1.00 17.80 ? 106 PHE A CZ  1 
ATOM   849  N N   . LEU A 1 110 ? -15.761 7.985   0.285   1.00 16.10 ? 107 LEU A N   1 
ATOM   850  C CA  . LEU A 1 110 ? -16.096 7.176   -0.883  1.00 14.58 ? 107 LEU A CA  1 
ATOM   851  C C   . LEU A 1 110 ? -15.077 6.081   -1.101  1.00 14.96 ? 107 LEU A C   1 
ATOM   852  O O   . LEU A 1 110 ? -15.456 5.064   -1.590  1.00 15.36 ? 107 LEU A O   1 
ATOM   853  C CB  . LEU A 1 110 ? -16.168 8.051   -2.137  1.00 16.39 ? 107 LEU A CB  1 
ATOM   854  C CG  . LEU A 1 110 ? -17.349 9.099   -2.053  1.00 14.61 ? 107 LEU A CG  1 
ATOM   855  C CD1 . LEU A 1 110 ? -17.202 10.033  -3.144  1.00 20.73 ? 107 LEU A CD1 1 
ATOM   856  C CD2 . LEU A 1 110 ? -18.618 8.351   -2.183  1.00 12.78 ? 107 LEU A CD2 1 
ATOM   857  N N   . GLY A 1 111 ? -13.816 6.311   -0.742  1.00 15.19 ? 108 GLY A N   1 
ATOM   858  C CA  . GLY A 1 111 ? -12.725 5.363   -1.085  1.00 15.29 ? 108 GLY A CA  1 
ATOM   859  C C   . GLY A 1 111 ? -12.559 4.304   -0.035  1.00 16.14 ? 108 GLY A C   1 
ATOM   860  O O   . GLY A 1 111 ? -12.026 3.217   -0.314  1.00 16.32 ? 108 GLY A O   1 
ATOM   861  N N   . LYS A 1 112 ? -12.964 4.606   1.199   1.00 16.51 ? 109 LYS A N   1 
ATOM   862  C CA  . LYS A 1 112 ? -12.713 3.676   2.326   1.00 17.76 ? 109 LYS A CA  1 
ATOM   863  C C   . LYS A 1 112 ? -13.171 2.204   2.096   1.00 16.60 ? 109 LYS A C   1 
ATOM   864  O O   . LYS A 1 112 ? -12.383 1.293   2.394   1.00 17.40 ? 109 LYS A O   1 
ATOM   865  C CB  . LYS A 1 112 ? -13.333 4.208   3.637   1.00 18.47 ? 109 LYS A CB  1 
ATOM   866  C CG  . LYS A 1 112 ? -12.916 3.374   4.863   1.00 23.00 ? 109 LYS A CG  1 
ATOM   867  C CD  . LYS A 1 112 ? -13.811 3.718   6.025   1.00 29.43 ? 109 LYS A CD  1 
ATOM   868  C CE  . LYS A 1 112 ? -13.154 3.188   7.288   1.00 34.49 ? 109 LYS A CE  1 
ATOM   869  N NZ  . LYS A 1 112 ? -14.042 3.543   8.423   1.00 36.99 ? 109 LYS A NZ  1 
ATOM   870  N N   . PRO A 1 113 ? -14.392 1.969   1.555   1.00 17.13 ? 110 PRO A N   1 
ATOM   871  C CA  . PRO A 1 113 ? -14.756 0.556   1.421   1.00 15.59 ? 110 PRO A CA  1 
ATOM   872  C C   . PRO A 1 113 ? -13.823 -0.186  0.442   1.00 14.74 ? 110 PRO A C   1 
ATOM   873  O O   . PRO A 1 113 ? -13.594 -1.381  0.648   1.00 14.01 ? 110 PRO A O   1 
ATOM   874  C CB  . PRO A 1 113 ? -16.176 0.546   0.827   1.00 17.07 ? 110 PRO A CB  1 
ATOM   875  C CG  . PRO A 1 113 ? -16.596 1.963   0.692   1.00 18.39 ? 110 PRO A CG  1 
ATOM   876  C CD  . PRO A 1 113 ? -15.502 2.885   1.172   1.00 17.16 ? 110 PRO A CD  1 
ATOM   877  N N   . TYR A 1 114 ? -13.280 0.521   -0.575  1.00 14.24 ? 111 TYR A N   1 
ATOM   878  C CA  . TYR A 1 114 ? -12.394 -0.125  -1.573  1.00 13.00 ? 111 TYR A CA  1 
ATOM   879  C C   . TYR A 1 114 ? -11.062 -0.445  -0.901  1.00 12.42 ? 111 TYR A C   1 
ATOM   880  O O   . TYR A 1 114 ? -10.487 -1.559  -1.066  1.00 11.63 ? 111 TYR A O   1 
ATOM   881  C CB  . TYR A 1 114 ? -12.203 0.821   -2.763  1.00 14.64 ? 111 TYR A CB  1 
ATOM   882  C CG  . TYR A 1 114 ? -13.546 0.974   -3.456  1.00 16.84 ? 111 TYR A CG  1 
ATOM   883  C CD1 . TYR A 1 114 ? -14.078 -0.077  -4.224  1.00 21.76 ? 111 TYR A CD1 1 
ATOM   884  C CD2 . TYR A 1 114 ? -14.326 2.117   -3.266  1.00 14.93 ? 111 TYR A CD2 1 
ATOM   885  C CE1 . TYR A 1 114 ? -15.344 0.057   -4.806  1.00 23.76 ? 111 TYR A CE1 1 
ATOM   886  C CE2 . TYR A 1 114 ? -15.545 2.243   -3.841  1.00 20.29 ? 111 TYR A CE2 1 
ATOM   887  C CZ  . TYR A 1 114 ? -16.056 1.241   -4.601  1.00 22.06 ? 111 TYR A CZ  1 
ATOM   888  O OH  . TYR A 1 114 ? -17.287 1.421   -5.156  1.00 24.43 ? 111 TYR A OH  1 
ATOM   889  N N   . VAL A 1 115 ? -10.563 0.537   -0.163  1.00 12.32 ? 112 VAL A N   1 
ATOM   890  C CA  . VAL A 1 115 ? -9.326  0.332   0.592   1.00 12.37 ? 112 VAL A CA  1 
ATOM   891  C C   . VAL A 1 115 ? -9.479  -0.778  1.619   1.00 13.39 ? 112 VAL A C   1 
ATOM   892  O O   . VAL A 1 115 ? -8.626  -1.693  1.684   1.00 12.70 ? 112 VAL A O   1 
ATOM   893  C CB  . VAL A 1 115 ? -8.741  1.632   1.210   1.00 11.87 ? 112 VAL A CB  1 
ATOM   894  C CG1 . VAL A 1 115 ? -7.544  1.297   2.107   1.00 14.14 ? 112 VAL A CG1 1 
ATOM   895  C CG2 . VAL A 1 115 ? -8.246  2.588   0.096   1.00 12.47 ? 112 VAL A CG2 1 
ATOM   896  N N   . SER A 1 116 ? -10.555 -0.749  2.371   1.00 14.27 ? 113 SER A N   1 
ATOM   897  C CA  . SER A 1 116 ? -10.801 -1.785  3.380   1.00 16.75 ? 113 SER A CA  1 
ATOM   898  C C   . SER A 1 116 ? -10.908 -3.204  2.773   1.00 16.29 ? 113 SER A C   1 
ATOM   899  O O   . SER A 1 116 ? -10.356 -4.204  3.318   1.00 14.57 ? 113 SER A O   1 
ATOM   900  C CB  . SER A 1 116 ? -12.056 -1.399  4.167   1.00 18.45 ? 113 SER A CB  1 
ATOM   901  O OG  . SER A 1 116 ? -12.296 -2.332  5.155   1.00 25.88 ? 113 SER A OG  1 
ATOM   902  N N   . SER A 1 117 ? -11.572 -3.293  1.634   1.00 13.89 ? 114 SER A N   1 
ATOM   903  C CA  . SER A 1 117 ? -11.669 -4.542  0.912   1.00 14.44 ? 114 SER A CA  1 
ATOM   904  C C   . SER A 1 117 ? -10.278 -5.049  0.517   1.00 12.88 ? 114 SER A C   1 
ATOM   905  O O   . SER A 1 117 ? -9.945  -6.288  0.698   1.00 13.96 ? 114 SER A O   1 
ATOM   906  C CB  . SER A 1 117 ? -12.564 -4.383  -0.326  1.00 13.94 ? 114 SER A CB  1 
ATOM   907  O OG  . SER A 1 117 ? -12.325 -5.526  -1.152  1.00 20.64 ? 114 SER A OG  1 
ATOM   908  N N   . ASN A 1 118 ? -9.440  -4.110  0.041   1.00 11.09 ? 115 ASN A N   1 
ATOM   909  C CA  . ASN A 1 118 ? -8.054  -4.483  -0.336  1.00 11.54 ? 115 ASN A CA  1 
ATOM   910  C C   . ASN A 1 118 ? -7.272  -4.906  0.881   1.00 11.53 ? 115 ASN A C   1 
ATOM   911  O O   . ASN A 1 118 ? -6.550  -5.879  0.821   1.00 12.70 ? 115 ASN A O   1 
ATOM   912  C CB  . ASN A 1 118 ? -7.333  -3.313  -1.014  1.00 10.67 ? 115 ASN A CB  1 
ATOM   913  C CG  . ASN A 1 118 ? -7.692  -3.208  -2.494  1.00 12.78 ? 115 ASN A CG  1 
ATOM   914  O OD1 . ASN A 1 118 ? -7.886  -4.243  -3.180  1.00 15.89 ? 115 ASN A OD1 1 
ATOM   915  N ND2 . ASN A 1 118 ? -7.772  -1.985  -3.005  1.00 12.74 ? 115 ASN A ND2 1 
ATOM   916  N N   . LEU A 1 119 ? -7.427  -4.197  2.003   1.00 11.06 ? 116 LEU A N   1 
ATOM   917  C CA  . LEU A 1 119 ? -6.647  -4.593  3.203   1.00 12.64 ? 116 LEU A CA  1 
ATOM   918  C C   . LEU A 1 119 ? -7.098  -5.938  3.750   1.00 11.83 ? 116 LEU A C   1 
ATOM   919  O O   . LEU A 1 119 ? -6.252  -6.716  4.210   1.00 10.78 ? 116 LEU A O   1 
ATOM   920  C CB  . LEU A 1 119 ? -6.750  -3.528  4.313   1.00 11.53 ? 116 LEU A CB  1 
ATOM   921  C CG  . LEU A 1 119 ? -6.122  -2.173  3.897   1.00 12.98 ? 116 LEU A CG  1 
ATOM   922  C CD1 . LEU A 1 119 ? -6.616  -1.094  4.986   1.00 15.00 ? 116 LEU A CD1 1 
ATOM   923  C CD2 . LEU A 1 119 ? -4.531  -2.196  3.693   1.00 14.93 ? 116 LEU A CD2 1 
ATOM   924  N N   . ASP A 1 120 ? -8.407  -6.214  3.692   1.00 12.74 ? 117 ASP A N   1 
ATOM   925  C CA  . ASP A 1 120 ? -8.920  -7.515  4.149   1.00 12.25 ? 117 ASP A CA  1 
ATOM   926  C C   . ASP A 1 120 ? -8.376  -8.616  3.250   1.00 11.73 ? 117 ASP A C   1 
ATOM   927  O O   . ASP A 1 120 ? -7.930  -9.643  3.738   1.00 11.71 ? 117 ASP A O   1 
ATOM   928  C CB  . ASP A 1 120 ? -10.455 -7.540  4.179   1.00 13.93 ? 117 ASP A CB  1 
ATOM   929  C CG  . ASP A 1 120 ? -11.040 -6.694  5.269   1.00 17.11 ? 117 ASP A CG  1 
ATOM   930  O OD1 . ASP A 1 120 ? -10.312 -6.218  6.140   1.00 18.63 ? 117 ASP A OD1 1 
ATOM   931  O OD2 . ASP A 1 120 ? -12.258 -6.468  5.198   1.00 19.07 ? 117 ASP A OD2 1 
ATOM   932  N N   . ARG A 1 121 ? -8.397  -8.394  1.933   1.00 12.01 ? 118 ARG A N   1 
ATOM   933  C CA  . ARG A 1 121 ? -7.827  -9.371  0.992   1.00 12.48 ? 118 ARG A CA  1 
ATOM   934  C C   . ARG A 1 121 ? -6.334  -9.642  1.239   1.00 12.26 ? 118 ARG A C   1 
ATOM   935  O O   . ARG A 1 121 ? -5.880  -10.776 1.294   1.00 11.50 ? 118 ARG A O   1 
ATOM   936  C CB  . ARG A 1 121 ? -8.089  -8.920  -0.451  1.00 11.54 ? 118 ARG A CB  1 
ATOM   937  C CG  . ARG A 1 121 ? -7.431  -9.894  -1.553  1.00 13.93 ? 118 ARG A CG  1 
ATOM   938  C CD  . ARG A 1 121 ? -7.849  -9.430  -2.969  1.00 15.05 ? 118 ARG A CD  1 
ATOM   939  N NE  . ARG A 1 121 ? -7.400  -8.041  -3.049  1.00 15.65 ? 118 ARG A NE  1 
ATOM   940  C CZ  . ARG A 1 121 ? -6.110  -7.681  -3.091  1.00 19.14 ? 118 ARG A CZ  1 
ATOM   941  N NH1 . ARG A 1 121 ? -5.107  -8.593  -3.208  1.00 17.68 ? 118 ARG A NH1 1 
ATOM   942  N NH2 . ARG A 1 121 ? -5.821  -6.376  -3.069  1.00 15.94 ? 118 ARG A NH2 1 
ATOM   943  N N   . LEU A 1 122 ? -5.560  -8.576  1.392   1.00 13.01 ? 119 LEU A N   1 
ATOM   944  C CA  . LEU A 1 122 ? -4.135  -8.741  1.719   1.00 15.06 ? 119 LEU A CA  1 
ATOM   945  C C   . LEU A 1 122 ? -3.918  -9.510  3.010   1.00 14.88 ? 119 LEU A C   1 
ATOM   946  O O   . LEU A 1 122 ? -3.085  -10.432 3.052   1.00 15.30 ? 119 LEU A O   1 
ATOM   947  C CB  . LEU A 1 122 ? -3.505  -7.316  1.768   1.00 14.97 ? 119 LEU A CB  1 
ATOM   948  C CG  . LEU A 1 122 ? -2.073  -6.945  1.540   1.00 22.81 ? 119 LEU A CG  1 
ATOM   949  C CD1 . LEU A 1 122 ? -1.485  -7.484  0.197   1.00 16.12 ? 119 LEU A CD1 1 
ATOM   950  C CD2 . LEU A 1 122 ? -1.969  -5.372  1.659   1.00 21.33 ? 119 LEU A CD2 1 
ATOM   951  N N   . ALA A 1 123 ? -4.660  -9.164  4.071   1.00 13.63 ? 120 ALA A N   1 
ATOM   952  C CA  . ALA A 1 123 ? -4.553  -9.870  5.328   1.00 14.70 ? 120 ALA A CA  1 
ATOM   953  C C   . ALA A 1 123 ? -4.854  -11.367 5.236   1.00 15.33 ? 120 ALA A C   1 
ATOM   954  O O   . ALA A 1 123 ? -4.204  -12.212 5.876   1.00 16.62 ? 120 ALA A O   1 
ATOM   955  C CB  . ALA A 1 123 ? -5.437  -9.172  6.403   1.00 14.55 ? 120 ALA A CB  1 
ATOM   956  N N   . GLU A 1 124 ? -5.876  -11.710 4.458   1.00 14.48 ? 121 GLU A N   1 
ATOM   957  C CA  . GLU A 1 124 ? -6.279  -13.064 4.320   1.00 13.79 ? 121 GLU A CA  1 
ATOM   958  C C   . GLU A 1 124 ? -5.395  -13.878 3.387   1.00 14.48 ? 121 GLU A C   1 
ATOM   959  O O   . GLU A 1 124 ? -5.423  -15.087 3.482   1.00 16.97 ? 121 GLU A O   1 
ATOM   960  C CB  . GLU A 1 124 ? -7.745  -13.106 3.814   1.00 15.42 ? 121 GLU A CB  1 
ATOM   961  C CG  . GLU A 1 124 ? -8.685  -12.653 4.839   1.00 17.95 ? 121 GLU A CG  1 
ATOM   962  C CD  . GLU A 1 124 ? -10.055 -12.315 4.285   1.00 27.03 ? 121 GLU A CD  1 
ATOM   963  O OE1 . GLU A 1 124 ? -10.419 -12.880 3.234   1.00 32.82 ? 121 GLU A OE1 1 
ATOM   964  O OE2 . GLU A 1 124 ? -10.745 -11.453 4.898   1.00 32.87 ? 121 GLU A OE2 1 
ATOM   965  N N   . ASN A 1 125 ? -4.559  -13.245 2.555   1.00 12.47 ? 122 ASN A N   1 
ATOM   966  C CA  . ASN A 1 125 ? -3.848  -13.970 1.528   1.00 12.26 ? 122 ASN A CA  1 
ATOM   967  C C   . ASN A 1 125 ? -2.374  -13.547 1.505   1.00 12.58 ? 122 ASN A C   1 
ATOM   968  O O   . ASN A 1 125 ? -1.652  -13.865 0.523   1.00 11.62 ? 122 ASN A O   1 
ATOM   969  C CB  . ASN A 1 125 ? -4.437  -13.683 0.121   1.00 11.88 ? 122 ASN A CB  1 
ATOM   970  C CG  . ASN A 1 125 ? -5.878  -14.238 -0.017  1.00 16.61 ? 122 ASN A CG  1 
ATOM   971  O OD1 . ASN A 1 125 ? -6.099  -15.452 -0.200  1.00 15.64 ? 122 ASN A OD1 1 
ATOM   972  N ND2 . ASN A 1 125 ? -6.838  -13.358 0.071   1.00 15.50 ? 122 ASN A ND2 1 
ATOM   973  N N   . ILE A 1 126 ? -1.913  -12.886 2.569   1.00 10.71 ? 123 ILE A N   1 
ATOM   974  C CA  . ILE A 1 126 ? -0.568  -12.297 2.517   1.00 10.98 ? 123 ILE A CA  1 
ATOM   975  C C   . ILE A 1 126 ? 0.526   -13.316 2.173   1.00 11.79 ? 123 ILE A C   1 
ATOM   976  O O   . ILE A 1 126 ? 1.403   -13.021 1.351   1.00 10.25 ? 123 ILE A O   1 
ATOM   977  C CB  . ILE A 1 126 ? -0.214  -11.577 3.842   1.00 11.67 ? 123 ILE A CB  1 
ATOM   978  C CG1 . ILE A 1 126 ? 1.120   -10.879 3.712   1.00 13.20 ? 123 ILE A CG1 1 
ATOM   979  C CG2 . ILE A 1 126 ? -0.261  -12.579 5.024   1.00 11.30 ? 123 ILE A CG2 1 
ATOM   980  C CD1 . ILE A 1 126 ? 1.131   -9.736  2.779   1.00 12.15 ? 123 ILE A CD1 1 
ATOM   981  N N   . ASP A 1 127 ? 0.549   -14.474 2.831   1.00 12.14 ? 124 ASP A N   1 
ATOM   982  C CA  . ASP A 1 127 ? 1.698   -15.355 2.616   1.00 12.41 ? 124 ASP A CA  1 
ATOM   983  C C   . ASP A 1 127 ? 1.724   -15.991 1.223   1.00 12.03 ? 124 ASP A C   1 
ATOM   984  O O   . ASP A 1 127 ? 2.788   -16.152 0.678   1.00 13.90 ? 124 ASP A O   1 
ATOM   985  C CB  . ASP A 1 127 ? 1.790   -16.410 3.749   1.00 14.43 ? 124 ASP A CB  1 
ATOM   986  C CG  . ASP A 1 127 ? 2.190   -15.747 5.104   1.00 15.68 ? 124 ASP A CG  1 
ATOM   987  O OD1 . ASP A 1 127 ? 2.592   -14.540 5.129   1.00 18.53 ? 124 ASP A OD1 1 
ATOM   988  O OD2 . ASP A 1 127 ? 2.208   -16.453 6.125   1.00 19.91 ? 124 ASP A OD2 1 
ATOM   989  N N   . GLU A 1 128 ? 0.555   -16.282 0.653   1.00 11.93 ? 125 GLU A N   1 
ATOM   990  C CA  . GLU A 1 128 ? 0.483   -16.802 -0.728  1.00 12.84 ? 125 GLU A CA  1 
ATOM   991  C C   . GLU A 1 128 ? 0.894   -15.715 -1.774  1.00 11.68 ? 125 GLU A C   1 
ATOM   992  O O   . GLU A 1 128 ? 1.649   -15.991 -2.707  1.00 10.80 ? 125 GLU A O   1 
ATOM   993  C CB  . GLU A 1 128 ? -0.940  -17.287 -1.022  1.00 16.05 ? 125 GLU A CB  1 
ATOM   994  C CG  . GLU A 1 128 ? -1.396  -18.380 -0.028  1.00 23.65 ? 125 GLU A CG  1 
ATOM   995  C CD  . GLU A 1 128 ? -2.273  -17.907 1.178   1.00 32.06 ? 125 GLU A CD  1 
ATOM   996  O OE1 . GLU A 1 128 ? -2.108  -16.796 1.736   1.00 28.50 ? 125 GLU A OE1 1 
ATOM   997  O OE2 . GLU A 1 128 ? -3.164  -18.714 1.574   1.00 38.36 ? 125 GLU A OE2 1 
ATOM   998  N N   . ILE A 1 129 ? 0.427   -14.476 -1.545  1.00 10.35 ? 126 ILE A N   1 
ATOM   999  C CA  . ILE A 1 129 ? 0.849   -13.310 -2.342  1.00 9.90  ? 126 ILE A CA  1 
ATOM   1000 C C   . ILE A 1 129 ? 2.385   -13.097 -2.300  1.00 8.85  ? 126 ILE A C   1 
ATOM   1001 O O   . ILE A 1 129 ? 3.044   -12.967 -3.348  1.00 11.52 ? 126 ILE A O   1 
ATOM   1002 C CB  . ILE A 1 129 ? 0.063   -12.001 -1.887  1.00 8.50  ? 126 ILE A CB  1 
ATOM   1003 C CG1 . ILE A 1 129 ? -1.432  -12.136 -2.285  1.00 12.14 ? 126 ILE A CG1 1 
ATOM   1004 C CG2 . ILE A 1 129 ? 0.809   -10.759 -2.459  1.00 9.37  ? 126 ILE A CG2 1 
ATOM   1005 C CD1 . ILE A 1 129 ? -2.307  -11.032 -1.718  1.00 14.01 ? 126 ILE A CD1 1 
ATOM   1006 N N   . ILE A 1 130 ? 2.932   -13.087 -1.092  1.00 10.54 ? 127 ILE A N   1 
ATOM   1007 C CA  . ILE A 1 130 ? 4.364   -12.840 -0.922  1.00 11.59 ? 127 ILE A CA  1 
ATOM   1008 C C   . ILE A 1 130 ? 5.172   -14.015 -1.488  1.00 10.86 ? 127 ILE A C   1 
ATOM   1009 O O   . ILE A 1 130 ? 6.232   -13.793 -2.075  1.00 10.20 ? 127 ILE A O   1 
ATOM   1010 C CB  . ILE A 1 130 ? 4.702   -12.611 0.564   1.00 11.61 ? 127 ILE A CB  1 
ATOM   1011 C CG1 . ILE A 1 130 ? 4.109   -11.252 1.062   1.00 12.28 ? 127 ILE A CG1 1 
ATOM   1012 C CG2 . ILE A 1 130 ? 6.194   -12.764 0.799   1.00 13.11 ? 127 ILE A CG2 1 
ATOM   1013 C CD1 . ILE A 1 130 ? 4.782   -9.991  0.392   1.00 13.82 ? 127 ILE A CD1 1 
ATOM   1014 N N   . ARG A 1 131 ? 4.672   -15.266 -1.331  1.00 12.71 ? 128 ARG A N   1 
ATOM   1015 C CA  . ARG A 1 131 ? 5.411   -16.403 -1.897  1.00 12.98 ? 128 ARG A CA  1 
ATOM   1016 C C   . ARG A 1 131 ? 5.588   -16.217 -3.411  1.00 11.06 ? 128 ARG A C   1 
ATOM   1017 O O   . ARG A 1 131 ? 6.658   -16.455 -3.929  1.00 13.19 ? 128 ARG A O   1 
ATOM   1018 C CB  . ARG A 1 131 ? 4.674   -17.760 -1.617  1.00 12.42 ? 128 ARG A CB  1 
ATOM   1019 C CG  . ARG A 1 131 ? 5.517   -18.989 -1.953  1.00 18.16 ? 128 ARG A CG  1 
ATOM   1020 C CD  . ARG A 1 131 ? 4.766   -20.324 -1.612  1.00 23.07 ? 128 ARG A CD  1 
ATOM   1021 N NE  . ARG A 1 131 ? 3.577   -20.425 -2.462  1.00 26.52 ? 128 ARG A NE  1 
ATOM   1022 C CZ  . ARG A 1 131 ? 3.588   -20.803 -3.732  1.00 26.75 ? 128 ARG A CZ  1 
ATOM   1023 N NH1 . ARG A 1 131 ? 4.724   -21.198 -4.304  1.00 32.35 ? 128 ARG A NH1 1 
ATOM   1024 N NH2 . ARG A 1 131 ? 2.464   -20.811 -4.405  1.00 25.86 ? 128 ARG A NH2 1 
ATOM   1025 N N   . LEU A 1 132 ? 4.552   -15.812 -4.109  1.00 11.39 ? 129 LEU A N   1 
ATOM   1026 C CA  . LEU A 1 132 ? 4.655   -15.634 -5.572  1.00 12.23 ? 129 LEU A CA  1 
ATOM   1027 C C   . LEU A 1 132 ? 5.511   -14.401 -5.932  1.00 11.66 ? 129 LEU A C   1 
ATOM   1028 O O   . LEU A 1 132 ? 6.317   -14.453 -6.892  1.00 10.78 ? 129 LEU A O   1 
ATOM   1029 C CB  . LEU A 1 132 ? 3.255   -15.532 -6.205  1.00 11.64 ? 129 LEU A CB  1 
ATOM   1030 C CG  . LEU A 1 132 ? 2.581   -16.904 -6.154  1.00 12.28 ? 129 LEU A CG  1 
ATOM   1031 C CD1 . LEU A 1 132 ? 1.126   -16.620 -6.584  1.00 17.66 ? 129 LEU A CD1 1 
ATOM   1032 C CD2 . LEU A 1 132 ? 3.254   -17.906 -7.141  1.00 15.08 ? 129 LEU A CD2 1 
ATOM   1033 N N   . GLU A 1 133 ? 5.386   -13.325 -5.130  1.00 11.57 ? 130 GLU A N   1 
ATOM   1034 C CA  . GLU A 1 133 ? 6.355   -12.182 -5.230  1.00 11.58 ? 130 GLU A CA  1 
ATOM   1035 C C   . GLU A 1 133 ? 7.817   -12.611 -5.141  1.00 10.84 ? 130 GLU A C   1 
ATOM   1036 O O   . GLU A 1 133 ? 8.657   -12.151 -5.910  1.00 11.90 ? 130 GLU A O   1 
ATOM   1037 C CB  . GLU A 1 133 ? 6.106   -11.045 -4.209  1.00 10.57 ? 130 GLU A CB  1 
ATOM   1038 C CG  . GLU A 1 133 ? 4.770   -10.279 -4.489  1.00 13.32 ? 130 GLU A CG  1 
ATOM   1039 C CD  . GLU A 1 133 ? 4.704   -9.590  -5.826  1.00 16.26 ? 130 GLU A CD  1 
ATOM   1040 O OE1 . GLU A 1 133 ? 5.717   -9.090  -6.331  1.00 14.19 ? 130 GLU A OE1 1 
ATOM   1041 O OE2 . GLU A 1 133 ? 3.601   -9.617  -6.395  1.00 20.83 ? 130 GLU A OE2 1 
ATOM   1042 N N   . ARG A 1 134 ? 8.123   -13.482 -4.189  1.00 10.84 ? 131 ARG A N   1 
ATOM   1043 C CA  . ARG A 1 134 ? 9.477   -13.856 -3.948  1.00 10.55 ? 131 ARG A CA  1 
ATOM   1044 C C   . ARG A 1 134 ? 9.994   -14.728 -5.098  1.00 11.94 ? 131 ARG A C   1 
ATOM   1045 O O   . ARG A 1 134 ? 11.159  -14.607 -5.476  1.00 14.81 ? 131 ARG A O   1 
ATOM   1046 C CB  . ARG A 1 134 ? 9.582   -14.635 -2.671  1.00 10.43 ? 131 ARG A CB  1 
ATOM   1047 C CG  . ARG A 1 134 ? 9.363   -13.744 -1.430  1.00 10.01 ? 131 ARG A CG  1 
ATOM   1048 C CD  . ARG A 1 134 ? 9.595   -14.538 -0.123  1.00 12.06 ? 131 ARG A CD  1 
ATOM   1049 N NE  . ARG A 1 134 ? 11.016  -14.829 0.014   1.00 13.09 ? 131 ARG A NE  1 
ATOM   1050 C CZ  . ARG A 1 134 ? 11.572  -15.343 1.116   1.00 16.63 ? 131 ARG A CZ  1 
ATOM   1051 N NH1 . ARG A 1 134 ? 10.811  -15.631 2.186   1.00 16.49 ? 131 ARG A NH1 1 
ATOM   1052 N NH2 . ARG A 1 134 ? 12.883  -15.563 1.163   1.00 15.41 ? 131 ARG A NH2 1 
ATOM   1053 N N   . ILE A 1 135 ? 9.147   -15.571 -5.659  1.00 11.51 ? 132 ILE A N   1 
ATOM   1054 C CA  . ILE A 1 135 ? 9.581   -16.357 -6.817  1.00 13.92 ? 132 ILE A CA  1 
ATOM   1055 C C   . ILE A 1 135 ? 9.910   -15.425 -7.990  1.00 12.91 ? 132 ILE A C   1 
ATOM   1056 O O   . ILE A 1 135 ? 10.945  -15.621 -8.649  1.00 15.02 ? 132 ILE A O   1 
ATOM   1057 C CB  . ILE A 1 135 ? 8.490   -17.396 -7.233  1.00 12.29 ? 132 ILE A CB  1 
ATOM   1058 C CG1 . ILE A 1 135 ? 8.333   -18.447 -6.125  1.00 13.06 ? 132 ILE A CG1 1 
ATOM   1059 C CG2 . ILE A 1 135 ? 8.926   -18.148 -8.546  1.00 15.94 ? 132 ILE A CG2 1 
ATOM   1060 C CD1 . ILE A 1 135 ? 7.132   -19.370 -6.387  1.00 17.71 ? 132 ILE A CD1 1 
ATOM   1061 N N   . LYS A 1 136 ? 9.061   -14.423 -8.247  1.00 13.03 ? 133 LYS A N   1 
ATOM   1062 C CA  . LYS A 1 136 ? 9.296   -13.540 -9.409  1.00 13.40 ? 133 LYS A CA  1 
ATOM   1063 C C   . LYS A 1 136 ? 10.518  -12.650 -9.161  1.00 14.30 ? 133 LYS A C   1 
ATOM   1064 O O   . LYS A 1 136 ? 11.329  -12.429 -10.086 1.00 13.94 ? 133 LYS A O   1 
ATOM   1065 C CB  . LYS A 1 136 ? 8.063   -12.678 -9.713  1.00 14.60 ? 133 LYS A CB  1 
ATOM   1066 C CG  . LYS A 1 136 ? 8.198   -11.876 -11.060 1.00 18.63 ? 133 LYS A CG  1 
ATOM   1067 C CD  . LYS A 1 136 ? 6.882   -11.219 -11.432 1.00 25.71 ? 133 LYS A CD  1 
ATOM   1068 C CE  . LYS A 1 136 ? 6.929   -10.543 -12.851 1.00 27.31 ? 133 LYS A CE  1 
ATOM   1069 N NZ  . LYS A 1 136 ? 8.105   -9.598  -12.945 1.00 29.73 ? 133 LYS A NZ  1 
ATOM   1070 N N   . ARG A 1 137 ? 10.666  -12.174 -7.927  1.00 13.23 ? 134 ARG A N   1 
ATOM   1071 C CA  . ARG A 1 137 ? 11.734  -11.203 -7.608  1.00 12.83 ? 134 ARG A CA  1 
ATOM   1072 C C   . ARG A 1 137 ? 13.072  -11.872 -7.263  1.00 14.03 ? 134 ARG A C   1 
ATOM   1073 O O   . ARG A 1 137 ? 14.133  -11.200 -7.288  1.00 15.22 ? 134 ARG A O   1 
ATOM   1074 C CB  . ARG A 1 137 ? 11.328  -10.345 -6.395  1.00 13.08 ? 134 ARG A CB  1 
ATOM   1075 C CG  . ARG A 1 137 ? 10.123  -9.429  -6.584  1.00 14.18 ? 134 ARG A CG  1 
ATOM   1076 C CD  . ARG A 1 137 ? 9.511   -8.964  -5.245  1.00 13.40 ? 134 ARG A CD  1 
ATOM   1077 N NE  . ARG A 1 137 ? 8.315   -8.174  -5.573  1.00 12.93 ? 134 ARG A NE  1 
ATOM   1078 C CZ  . ARG A 1 137 ? 8.300   -6.860  -5.834  1.00 13.11 ? 134 ARG A CZ  1 
ATOM   1079 N NH1 . ARG A 1 137 ? 9.410   -6.137  -5.697  1.00 14.32 ? 134 ARG A NH1 1 
ATOM   1080 N NH2 . ARG A 1 137 ? 7.161   -6.270  -6.189  1.00 12.55 ? 134 ARG A NH2 1 
ATOM   1081 N N   . LYS A 1 138 ? 13.029  -13.182 -6.966  1.00 15.05 ? 135 LYS A N   1 
ATOM   1082 C CA  . LYS A 1 138 ? 14.200  -13.996 -6.605  1.00 14.68 ? 135 LYS A CA  1 
ATOM   1083 C C   . LYS A 1 138 ? 14.795  -13.464 -5.310  1.00 16.35 ? 135 LYS A C   1 
ATOM   1084 O O   . LYS A 1 138 ? 15.987  -13.143 -5.266  1.00 15.01 ? 135 LYS A O   1 
ATOM   1085 C CB  . LYS A 1 138 ? 15.245  -14.010 -7.764  1.00 15.60 ? 135 LYS A CB  1 
ATOM   1086 C CG  . LYS A 1 138 ? 14.601  -14.547 -9.080  1.00 20.19 ? 135 LYS A CG  1 
ATOM   1087 C CD  . LYS A 1 138 ? 15.609  -14.786 -10.185 1.00 31.60 ? 135 LYS A CD  1 
ATOM   1088 C CE  . LYS A 1 138 ? 16.197  -13.459 -10.695 1.00 35.63 ? 135 LYS A CE  1 
ATOM   1089 N NZ  . LYS A 1 138 ? 17.188  -13.661 -11.810 1.00 43.07 ? 135 LYS A NZ  1 
ATOM   1090 N N   . ILE A 1 139 ? 13.983  -13.305 -4.276  1.00 14.76 ? 136 ILE A N   1 
ATOM   1091 C CA  . ILE A 1 139 ? 14.459  -12.855 -2.960  1.00 14.87 ? 136 ILE A CA  1 
ATOM   1092 C C   . ILE A 1 139 ? 13.842  -13.755 -1.923  1.00 16.84 ? 136 ILE A C   1 
ATOM   1093 O O   . ILE A 1 139 ? 14.235  -13.803 -0.713  1.00 17.18 ? 136 ILE A O   1 
ATOM   1094 C CB  . ILE A 1 139 ? 14.128  -11.393 -2.688  1.00 15.90 ? 136 ILE A CB  1 
ATOM   1095 C CG1 . ILE A 1 139 ? 12.628  -11.162 -2.723  1.00 15.00 ? 136 ILE A CG1 1 
ATOM   1096 C CG2 . ILE A 1 139 ? 14.896  -10.489 -3.656  1.00 14.42 ? 136 ILE A CG2 1 
ATOM   1097 C CD1 . ILE A 1 139 ? 12.201  -9.742  -2.378  1.00 14.00 ? 136 ILE A CD1 1 
ATOM   1098 O OXT . ILE A 1 139 ? 12.889  -14.500 -2.285  1.00 16.84 ? 136 ILE A OXT 1 
HETATM 1099 C C1  . MYR B 2 .   ? -12.694 7.289   7.636   1.00 47.27 ? 201 MYR A C1  1 
HETATM 1100 O O1  . MYR B 2 .   ? -12.468 6.899   8.811   1.00 47.39 ? 201 MYR A O1  1 
HETATM 1101 O O2  . MYR B 2 .   ? -13.895 7.277   7.224   1.00 50.55 ? 201 MYR A O2  1 
HETATM 1102 C C2  . MYR B 2 .   ? -11.588 7.793   6.712   1.00 42.01 ? 201 MYR A C2  1 
HETATM 1103 C C3  . MYR B 2 .   ? -10.366 6.877   6.525   1.00 35.51 ? 201 MYR A C3  1 
HETATM 1104 C C4  . MYR B 2 .   ? -10.372 6.147   5.169   1.00 30.52 ? 201 MYR A C4  1 
HETATM 1105 C C5  . MYR B 2 .   ? -9.279  6.547   4.163   1.00 26.62 ? 201 MYR A C5  1 
HETATM 1106 C C6  . MYR B 2 .   ? -9.749  6.297   2.758   1.00 28.43 ? 201 MYR A C6  1 
HETATM 1107 C C7  . MYR B 2 .   ? -8.734  6.720   1.733   1.00 25.42 ? 201 MYR A C7  1 
HETATM 1108 C C8  . MYR B 2 .   ? -9.256  6.435   0.350   1.00 30.42 ? 201 MYR A C8  1 
HETATM 1109 C C9  . MYR B 2 .   ? -8.266  7.028   -0.625  1.00 30.01 ? 201 MYR A C9  1 
HETATM 1110 C C10 . MYR B 2 .   ? -8.783  7.060   -2.044  1.00 32.28 ? 201 MYR A C10 1 
HETATM 1111 C C11 . MYR B 2 .   ? -7.566  7.610   -2.715  1.00 31.68 ? 201 MYR A C11 1 
HETATM 1112 C C12 . MYR B 2 .   ? -7.859  8.377   -3.970  1.00 32.92 ? 201 MYR A C12 1 
HETATM 1113 C C13 . MYR B 2 .   ? -6.694  9.314   -4.155  1.00 34.44 ? 201 MYR A C13 1 
HETATM 1114 C C14 . MYR B 2 .   ? -5.408  8.587   -3.836  1.00 33.20 ? 201 MYR A C14 1 
HETATM 1115 O O   . HOH C 3 .   ? -6.737  -5.140  11.891  1.00 15.18 ? 301 HOH A O   1 
HETATM 1116 O O   . HOH C 3 .   ? 1.902   -12.156 -5.760  1.00 14.13 ? 302 HOH A O   1 
HETATM 1117 O O   . HOH C 3 .   ? -3.449  -14.783 6.119   1.00 15.11 ? 303 HOH A O   1 
HETATM 1118 O O   . HOH C 3 .   ? 12.178  -6.831  -5.306  1.00 16.60 ? 304 HOH A O   1 
HETATM 1119 O O   . HOH C 3 .   ? 11.413  1.531   -2.824  1.00 18.97 ? 305 HOH A O   1 
HETATM 1120 O O   . HOH C 3 .   ? 14.169  -1.872  8.682   1.00 17.71 ? 306 HOH A O   1 
HETATM 1121 O O   . HOH C 3 .   ? -5.948  -1.401  -6.949  1.00 16.31 ? 307 HOH A O   1 
HETATM 1122 O O   . HOH C 3 .   ? 8.609   -18.277 -2.585  1.00 17.63 ? 308 HOH A O   1 
HETATM 1123 O O   . HOH C 3 .   ? -3.259  -11.577 8.519   1.00 18.35 ? 309 HOH A O   1 
HETATM 1124 O O   . HOH C 3 .   ? -1.662  -15.867 4.211   1.00 18.07 ? 310 HOH A O   1 
HETATM 1125 O O   . HOH C 3 .   ? 13.094  8.447   -0.752  1.00 22.00 ? 311 HOH A O   1 
HETATM 1126 O O   . HOH C 3 .   ? -18.095 4.191   -1.523  1.00 19.09 ? 312 HOH A O   1 
HETATM 1127 O O   . HOH C 3 .   ? -2.777  -10.246 -5.540  1.00 18.18 ? 313 HOH A O   1 
HETATM 1128 O O   . HOH C 3 .   ? -5.125  -11.256 -4.483  1.00 13.13 ? 314 HOH A O   1 
HETATM 1129 O O   . HOH C 3 .   ? 9.069   2.517   -7.840  1.00 28.61 ? 315 HOH A O   1 
HETATM 1130 O O   . HOH C 3 .   ? -13.451 16.781  1.351   1.00 25.50 ? 316 HOH A O   1 
HETATM 1131 O O   . HOH C 3 .   ? -13.157 11.138  -13.063 1.00 22.45 ? 317 HOH A O   1 
HETATM 1132 O O   . HOH C 3 .   ? 6.294   11.115  -15.329 1.00 25.46 ? 318 HOH A O   1 
HETATM 1133 O O   . HOH C 3 .   ? 14.403  5.573   2.010   1.00 24.02 ? 319 HOH A O   1 
HETATM 1134 O O   . HOH C 3 .   ? 3.396   11.563  10.225  0.50 24.54 ? 320 HOH A O   1 
HETATM 1135 O O   . HOH C 3 .   ? -9.901  -6.725  -2.810  1.00 22.40 ? 321 HOH A O   1 
HETATM 1136 O O   . HOH C 3 .   ? -18.919 1.792   -2.612  1.00 28.61 ? 322 HOH A O   1 
HETATM 1137 O O   . HOH C 3 .   ? -4.428  -17.234 -0.381  1.00 26.62 ? 323 HOH A O   1 
HETATM 1138 O O   . HOH C 3 .   ? 8.884   -18.204 0.052   1.00 26.61 ? 324 HOH A O   1 
HETATM 1139 O O   . HOH C 3 .   ? 11.625  -10.138 13.789  1.00 29.25 ? 325 HOH A O   1 
HETATM 1140 O O   . HOH C 3 .   ? -17.192 5.073   4.091   1.00 23.75 ? 326 HOH A O   1 
HETATM 1141 O O   . HOH C 3 .   ? 2.300   -18.992 5.817   1.00 28.55 ? 327 HOH A O   1 
HETATM 1142 O O   . HOH C 3 .   ? 1.403   -13.514 -8.235  1.00 18.39 ? 328 HOH A O   1 
HETATM 1143 O O   . HOH C 3 .   ? -9.250  1.229   10.695  1.00 24.11 ? 329 HOH A O   1 
HETATM 1144 O O   . HOH C 3 .   ? -5.265  -2.151  -15.730 1.00 25.00 ? 330 HOH A O   1 
HETATM 1145 O O   . HOH C 3 .   ? 11.080  -18.201 -3.772  1.00 26.45 ? 331 HOH A O   1 
HETATM 1146 O O   . HOH C 3 .   ? -15.209 -3.065  2.149   1.00 25.25 ? 332 HOH A O   1 
HETATM 1147 O O   . HOH C 3 .   ? 4.450   -6.338  -7.473  1.00 20.59 ? 333 HOH A O   1 
HETATM 1148 O O   . HOH C 3 .   ? -11.777 -8.480  0.746   1.00 26.66 ? 334 HOH A O   1 
HETATM 1149 O O   . HOH C 3 .   ? 0.954   13.757  2.283   1.00 24.89 ? 335 HOH A O   1 
HETATM 1150 O O   . HOH C 3 .   ? -11.593 17.363  3.761   1.00 29.45 ? 336 HOH A O   1 
HETATM 1151 O O   . HOH C 3 .   ? -4.544  -2.931  -9.327  1.00 22.56 ? 337 HOH A O   1 
HETATM 1152 O O   . HOH C 3 .   ? -9.370  -2.050  -5.754  1.00 20.17 ? 338 HOH A O   1 
HETATM 1153 O O   . HOH C 3 .   ? 10.179  -13.258 10.214  1.00 28.73 ? 339 HOH A O   1 
HETATM 1154 O O   . HOH C 3 .   ? -18.299 16.920  10.400  1.00 25.71 ? 340 HOH A O   1 
HETATM 1155 O O   . HOH C 3 .   ? -5.395  -9.640  10.280  1.00 28.93 ? 341 HOH A O   1 
HETATM 1156 O O   . HOH C 3 .   ? 0.494   -5.347  -6.694  1.00 22.44 ? 342 HOH A O   1 
HETATM 1157 O O   . HOH C 3 .   ? 16.286  0.893   -1.321  1.00 27.70 ? 343 HOH A O   1 
HETATM 1158 O O   . HOH C 3 .   ? 10.934  -0.388  -5.737  1.00 30.72 ? 344 HOH A O   1 
HETATM 1159 O O   . HOH C 3 .   ? -11.189 -2.419  -3.724  1.00 22.98 ? 345 HOH A O   1 
HETATM 1160 O O   . HOH C 3 .   ? 1.108   -18.789 -3.377  1.00 31.52 ? 346 HOH A O   1 
HETATM 1161 O O   . HOH C 3 .   ? -0.210  9.625   -12.112 1.00 26.26 ? 347 HOH A O   1 
HETATM 1162 O O   . HOH C 3 .   ? -7.512  17.510  0.299   1.00 30.94 ? 348 HOH A O   1 
HETATM 1163 O O   . HOH C 3 .   ? 7.904   13.632  -0.475  1.00 32.97 ? 349 HOH A O   1 
HETATM 1164 O O   . HOH C 3 .   ? -10.219 -3.375  6.547   1.00 32.40 ? 350 HOH A O   1 
HETATM 1165 O O   . HOH C 3 .   ? -11.165 3.852   9.826   1.00 30.68 ? 351 HOH A O   1 
HETATM 1166 O O   . HOH C 3 .   ? -9.685  -13.340 0.394   1.00 28.35 ? 352 HOH A O   1 
HETATM 1167 O O   . HOH C 3 .   ? -1.080  17.022  -6.551  1.00 30.22 ? 353 HOH A O   1 
HETATM 1168 O O   . HOH C 3 .   ? -9.705  1.149   -12.594 1.00 21.44 ? 354 HOH A O   1 
HETATM 1169 O O   . HOH C 3 .   ? 13.944  4.939   11.453  1.00 33.44 ? 355 HOH A O   1 
HETATM 1170 O O   . HOH C 3 .   ? -7.939  12.019  -12.604 1.00 33.77 ? 356 HOH A O   1 
HETATM 1171 O O   . HOH C 3 .   ? -0.998  14.579  4.178   1.00 27.57 ? 357 HOH A O   1 
HETATM 1172 O O   . HOH C 3 .   ? 13.747  -16.178 3.841   1.00 30.94 ? 358 HOH A O   1 
HETATM 1173 O O   . HOH C 3 .   ? 8.253   -3.961  -9.067  1.00 24.49 ? 359 HOH A O   1 
HETATM 1174 O O   . HOH C 3 .   ? 16.497  -12.893 -0.033  1.00 29.54 ? 360 HOH A O   1 
HETATM 1175 O O   . HOH C 3 .   ? 12.922  -17.063 -2.189  1.00 29.58 ? 361 HOH A O   1 
HETATM 1176 O O   . HOH C 3 .   ? 2.040   15.350  0.076   1.00 30.02 ? 362 HOH A O   1 
HETATM 1177 O O   . HOH C 3 .   ? 1.889   -7.431  17.018  1.00 24.48 ? 363 HOH A O   1 
HETATM 1178 O O   . HOH C 3 .   ? -0.994  -3.617  17.820  1.00 27.28 ? 364 HOH A O   1 
HETATM 1179 O O   . HOH C 3 .   ? -3.088  16.836  -8.667  1.00 33.26 ? 365 HOH A O   1 
HETATM 1180 O O   . HOH C 3 .   ? 4.837   -18.907 4.629   1.00 29.69 ? 366 HOH A O   1 
HETATM 1181 O O   . HOH C 3 .   ? -9.837  7.852   11.775  1.00 34.66 ? 367 HOH A O   1 
HETATM 1182 O O   . HOH C 3 .   ? 3.632   14.827  -2.106  1.00 36.92 ? 368 HOH A O   1 
HETATM 1183 O O   . HOH C 3 .   ? -5.023  4.298   -16.679 1.00 33.61 ? 369 HOH A O   1 
HETATM 1184 O O   . HOH C 3 .   ? 12.544  -4.109  9.478   1.00 32.54 ? 370 HOH A O   1 
HETATM 1185 O O   . HOH C 3 .   ? -4.893  -9.708  12.984  1.00 29.75 ? 371 HOH A O   1 
HETATM 1186 O O   . HOH C 3 .   ? -15.767 1.391   -8.610  1.00 30.64 ? 372 HOH A O   1 
HETATM 1187 O O   . HOH C 3 .   ? 10.341  -17.218 4.822   1.00 25.76 ? 373 HOH A O   1 
HETATM 1188 O O   . HOH C 3 .   ? 2.338   3.788   -16.107 0.50 25.82 ? 374 HOH A O   1 
HETATM 1189 O O   . HOH C 3 .   ? -13.785 -4.432  4.407   1.00 30.48 ? 375 HOH A O   1 
HETATM 1190 O O   . HOH C 3 .   ? -0.718  -8.594  17.284  1.00 29.48 ? 376 HOH A O   1 
HETATM 1191 O O   . HOH C 3 .   ? -0.500  13.716  -8.579  1.00 32.46 ? 377 HOH A O   1 
HETATM 1192 O O   . HOH C 3 .   ? 5.263   11.532  8.320   1.00 39.36 ? 378 HOH A O   1 
HETATM 1193 O O   . HOH C 3 .   ? 7.292   -14.475 10.243  1.00 31.64 ? 379 HOH A O   1 
HETATM 1194 O O   . HOH C 3 .   ? -15.800 2.598   -11.748 1.00 23.45 ? 380 HOH A O   1 
HETATM 1195 O O   . HOH C 3 .   ? 18.411  -13.657 -6.427  1.00 26.54 ? 381 HOH A O   1 
HETATM 1196 O O   . HOH C 3 .   ? -15.140 10.558  5.568   1.00 26.02 ? 382 HOH A O   1 
HETATM 1197 O O   . HOH C 3 .   ? 8.254   -11.515 17.518  1.00 30.45 ? 383 HOH A O   1 
HETATM 1198 O O   . HOH C 3 .   ? 15.631  -11.492 5.613   1.00 36.64 ? 384 HOH A O   1 
HETATM 1199 O O   . HOH C 3 .   ? 11.672  -13.054 -12.644 1.00 28.92 ? 385 HOH A O   1 
HETATM 1200 O O   . HOH C 3 .   ? 2.864   -11.933 17.353  1.00 29.50 ? 386 HOH A O   1 
HETATM 1201 O O   . HOH C 3 .   ? 1.265   -8.168  -6.262  1.00 34.08 ? 387 HOH A O   1 
HETATM 1202 O O   . HOH C 3 .   ? -7.694  -2.458  -11.231 1.00 27.11 ? 388 HOH A O   1 
HETATM 1203 O O   . HOH C 3 .   ? 2.877   14.668  4.237   1.00 29.53 ? 389 HOH A O   1 
HETATM 1204 O O   . HOH C 3 .   ? 11.680  -18.622 0.277   1.00 32.19 ? 390 HOH A O   1 
HETATM 1205 O O   . HOH C 3 .   ? -10.908 16.380  -4.800  1.00 40.69 ? 391 HOH A O   1 
HETATM 1206 O O   . HOH C 3 .   ? -2.519  17.614  -4.167  1.00 38.39 ? 392 HOH A O   1 
HETATM 1207 O O   . HOH C 3 .   ? -5.523  -3.175  13.981  1.00 36.98 ? 393 HOH A O   1 
HETATM 1208 O O   . HOH C 3 .   ? 10.064  -11.021 -14.093 1.00 29.12 ? 394 HOH A O   1 
HETATM 1209 O O   . HOH C 3 .   ? 4.984   -8.617  19.966  1.00 32.99 ? 395 HOH A O   1 
HETATM 1210 O O   . HOH C 3 .   ? 2.080   -19.963 8.327   1.00 29.27 ? 396 HOH A O   1 
HETATM 1211 O O   . HOH C 3 .   ? -12.872 15.599  -3.024  1.00 38.93 ? 397 HOH A O   1 
HETATM 1212 O O   . HOH C 3 .   ? -20.121 14.067  8.301   1.00 37.53 ? 398 HOH A O   1 
HETATM 1213 O O   . HOH C 3 .   ? 9.086   -7.010  18.552  1.00 32.34 ? 399 HOH A O   1 
HETATM 1214 O O   . HOH C 3 .   ? 13.444  -5.472  13.266  1.00 31.69 ? 400 HOH A O   1 
HETATM 1215 O O   . HOH C 3 .   ? 14.168  7.778   4.469   1.00 38.56 ? 401 HOH A O   1 
HETATM 1216 O O   . HOH C 3 .   ? -11.433 10.410  11.621  1.00 37.77 ? 402 HOH A O   1 
HETATM 1217 O O   . HOH C 3 .   ? 12.878  -0.751  6.224   1.00 32.57 ? 403 HOH A O   1 
# 
loop_
_pdbx_poly_seq_scheme.asym_id 
_pdbx_poly_seq_scheme.entity_id 
_pdbx_poly_seq_scheme.seq_id 
_pdbx_poly_seq_scheme.mon_id 
_pdbx_poly_seq_scheme.ndb_seq_num 
_pdbx_poly_seq_scheme.pdb_seq_num 
_pdbx_poly_seq_scheme.auth_seq_num 
_pdbx_poly_seq_scheme.pdb_mon_id 
_pdbx_poly_seq_scheme.auth_mon_id 
_pdbx_poly_seq_scheme.pdb_strand_id 
_pdbx_poly_seq_scheme.pdb_ins_code 
_pdbx_poly_seq_scheme.hetero 
A 1 1   GLY 1   -2  ?   ?   ?   A . n 
A 1 2   SER 2   -1  ?   ?   ?   A . n 
A 1 3   HIS 3   0   ?   ?   ?   A . n 
A 1 4   MET 4   1   ?   ?   ?   A . n 
A 1 5   MET 5   2   2   MET MET A . n 
A 1 6   LYS 6   3   3   LYS LYS A . n 
A 1 7   VAL 7   4   4   VAL VAL A . n 
A 1 8   GLU 8   5   5   GLU GLU A . n 
A 1 9   LYS 9   6   6   LYS LYS A . n 
A 1 10  GLU 10  7   7   GLU GLU A . n 
A 1 11  ILE 11  8   8   ILE ILE A . n 
A 1 12  LYS 12  9   9   LYS LYS A . n 
A 1 13  THR 13  10  10  THR THR A . n 
A 1 14  ASN 14  11  11  ASN ASN A . n 
A 1 15  GLN 15  12  12  GLN GLN A . n 
A 1 16  ASP 16  13  13  ASP ASP A . n 
A 1 17  ILE 17  14  14  ILE ILE A . n 
A 1 18  ASP 18  15  15  ASP ASP A . n 
A 1 19  VAL 19  16  16  VAL VAL A . n 
A 1 20  VAL 20  17  17  VAL VAL A . n 
A 1 21  MET 21  18  18  MET MET A . n 
A 1 22  THR 22  19  19  THR THR A . n 
A 1 23  ILE 23  20  20  ILE ILE A . n 
A 1 24  PHE 24  21  21  PHE PHE A . n 
A 1 25  SER 25  22  22  SER SER A . n 
A 1 26  ASP 26  23  23  ASP ASP A . n 
A 1 27  PRO 27  24  24  PRO PRO A . n 
A 1 28  ALA 28  25  25  ALA ALA A . n 
A 1 29  PHE 29  26  26  PHE PHE A . n 
A 1 30  THR 30  27  27  THR THR A . n 
A 1 31  ILE 31  28  28  ILE ILE A . n 
A 1 32  PRO 32  29  29  PRO PRO A . n 
A 1 33  GLN 33  30  30  GLN GLN A . n 
A 1 34  ILE 34  31  31  ILE ILE A . n 
A 1 35  PHE 35  32  32  PHE PHE A . n 
A 1 36  PRO 36  33  33  PRO PRO A . n 
A 1 37  GLY 37  34  34  GLY GLY A . n 
A 1 38  ILE 38  35  35  ILE ILE A . n 
A 1 39  ALA 39  36  36  ALA ALA A . n 
A 1 40  SER 40  37  37  SER SER A . n 
A 1 41  ILE 41  38  38  ILE ILE A . n 
A 1 42  LYS 42  39  39  LYS LYS A . n 
A 1 43  CYS 43  40  40  CYS CYS A . n 
A 1 44  ILE 44  41  41  ILE ILE A . n 
A 1 45  GLU 45  42  42  GLU GLU A . n 
A 1 46  PRO 46  43  43  PRO PRO A . n 
A 1 47  GLU 47  44  44  GLU GLU A . n 
A 1 48  ILE 48  45  45  ILE ILE A . n 
A 1 49  PHE 49  46  46  PHE PHE A . n 
A 1 50  GLU 50  47  47  GLU GLU A . n 
A 1 51  ALA 51  48  48  ALA ALA A . n 
A 1 52  GLU 52  49  49  GLU GLU A . n 
A 1 53  GLY 53  50  50  GLY GLY A . n 
A 1 54  LYS 54  51  51  LYS LYS A . n 
A 1 55  PHE 55  52  52  PHE PHE A . n 
A 1 56  LEU 56  53  53  LEU LEU A . n 
A 1 57  ALA 57  54  54  ALA ALA A . n 
A 1 58  PHE 58  55  55  PHE PHE A . n 
A 1 59  SER 59  56  56  SER SER A . n 
A 1 60  TYR 60  57  57  TYR TYR A . n 
A 1 61  LYS 61  58  58  LYS LYS A . n 
A 1 62  VAL 62  59  59  VAL VAL A . n 
A 1 63  LYS 63  60  60  LYS LYS A . n 
A 1 64  GLY 64  61  61  GLY GLY A . n 
A 1 65  ARG 65  62  62  ARG ARG A . n 
A 1 66  VAL 66  63  63  VAL VAL A . n 
A 1 67  TYR 67  64  64  TYR TYR A . n 
A 1 68  LYS 68  65  65  LYS LYS A . n 
A 1 69  GLY 69  66  66  GLY GLY A . n 
A 1 70  VAL 70  67  67  VAL VAL A . n 
A 1 71  ASP 71  68  68  ASP ASP A . n 
A 1 72  GLU 72  69  69  GLU GLU A . n 
A 1 73  VAL 73  70  70  VAL VAL A . n 
A 1 74  ARG 74  71  71  ARG ARG A . n 
A 1 75  ILE 75  72  72  ILE ILE A . n 
A 1 76  ILE 76  73  73  ILE ILE A . n 
A 1 77  TYR 77  74  74  TYR TYR A . n 
A 1 78  ASP 78  75  75  ASP ASP A . n 
A 1 79  SER 79  76  76  SER SER A . n 
A 1 80  ASP 80  77  77  ASP ASP A . n 
A 1 81  ARG 81  78  78  ARG ARG A . n 
A 1 82  GLY 82  79  79  GLY GLY A . n 
A 1 83  ASN 83  80  80  ASN ASN A . n 
A 1 84  GLY 84  81  81  GLY GLY A . n 
A 1 85  ILE 85  82  82  ILE ILE A . n 
A 1 86  LEU 86  83  83  LEU LEU A . n 
A 1 87  TYR 87  84  84  TYR TYR A . n 
A 1 88  ILE 88  85  85  ILE ILE A . n 
A 1 89  ARG 89  86  86  ARG ARG A . n 
A 1 90  LYS 90  87  87  LYS LYS A . n 
A 1 91  LYS 91  88  88  LYS LYS A . n 
A 1 92  ASP 92  89  89  ASP ASP A . n 
A 1 93  ASN 93  90  90  ASN ASN A . n 
A 1 94  ASN 94  91  91  ASN ASN A . n 
A 1 95  THR 95  92  92  THR THR A . n 
A 1 96  LEU 96  93  93  LEU LEU A . n 
A 1 97  GLN 97  94  94  GLN GLN A . n 
A 1 98  ILE 98  95  95  ILE ILE A . n 
A 1 99  ILE 99  96  96  ILE ILE A . n 
A 1 100 LEU 100 97  97  LEU LEU A . n 
A 1 101 GLU 101 98  98  GLU GLU A . n 
A 1 102 HIS 102 99  99  HIS HIS A . n 
A 1 103 ASP 103 100 100 ASP ASP A . n 
A 1 104 ASN 104 101 101 ASN ASN A . n 
A 1 105 LYS 105 102 102 LYS LYS A . n 
A 1 106 LEU 106 103 103 LEU LEU A . n 
A 1 107 THR 107 104 104 THR THR A . n 
A 1 108 ALA 108 105 105 ALA ALA A . n 
A 1 109 PHE 109 106 106 PHE PHE A . n 
A 1 110 LEU 110 107 107 LEU LEU A . n 
A 1 111 GLY 111 108 108 GLY GLY A . n 
A 1 112 LYS 112 109 109 LYS LYS A . n 
A 1 113 PRO 113 110 110 PRO PRO A . n 
A 1 114 TYR 114 111 111 TYR TYR A . n 
A 1 115 VAL 115 112 112 VAL VAL A . n 
A 1 116 SER 116 113 113 SER SER A . n 
A 1 117 SER 117 114 114 SER SER A . n 
A 1 118 ASN 118 115 115 ASN ASN A . n 
A 1 119 LEU 119 116 116 LEU LEU A . n 
A 1 120 ASP 120 117 117 ASP ASP A . n 
A 1 121 ARG 121 118 118 ARG ARG A . n 
A 1 122 LEU 122 119 119 LEU LEU A . n 
A 1 123 ALA 123 120 120 ALA ALA A . n 
A 1 124 GLU 124 121 121 GLU GLU A . n 
A 1 125 ASN 125 122 122 ASN ASN A . n 
A 1 126 ILE 126 123 123 ILE ILE A . n 
A 1 127 ASP 127 124 124 ASP ASP A . n 
A 1 128 GLU 128 125 125 GLU GLU A . n 
A 1 129 ILE 129 126 126 ILE ILE A . n 
A 1 130 ILE 130 127 127 ILE ILE A . n 
A 1 131 ARG 131 128 128 ARG ARG A . n 
A 1 132 LEU 132 129 129 LEU LEU A . n 
A 1 133 GLU 133 130 130 GLU GLU A . n 
A 1 134 ARG 134 131 131 ARG ARG A . n 
A 1 135 ILE 135 132 132 ILE ILE A . n 
A 1 136 LYS 136 133 133 LYS LYS A . n 
A 1 137 ARG 137 134 134 ARG ARG A . n 
A 1 138 LYS 138 135 135 LYS LYS A . n 
A 1 139 ILE 139 136 136 ILE ILE A . n 
# 
loop_
_pdbx_nonpoly_scheme.asym_id 
_pdbx_nonpoly_scheme.entity_id 
_pdbx_nonpoly_scheme.mon_id 
_pdbx_nonpoly_scheme.ndb_seq_num 
_pdbx_nonpoly_scheme.pdb_seq_num 
_pdbx_nonpoly_scheme.auth_seq_num 
_pdbx_nonpoly_scheme.pdb_mon_id 
_pdbx_nonpoly_scheme.auth_mon_id 
_pdbx_nonpoly_scheme.pdb_strand_id 
_pdbx_nonpoly_scheme.pdb_ins_code 
B 2 MYR 1   201 1   MYR MYR A . 
C 3 HOH 1   301 1   HOH HOH A . 
C 3 HOH 2   302 2   HOH HOH A . 
C 3 HOH 3   303 3   HOH HOH A . 
C 3 HOH 4   304 4   HOH HOH A . 
C 3 HOH 5   305 5   HOH HOH A . 
C 3 HOH 6   306 6   HOH HOH A . 
C 3 HOH 7   307 7   HOH HOH A . 
C 3 HOH 8   308 8   HOH HOH A . 
C 3 HOH 9   309 9   HOH HOH A . 
C 3 HOH 10  310 10  HOH HOH A . 
C 3 HOH 11  311 11  HOH HOH A . 
C 3 HOH 12  312 12  HOH HOH A . 
C 3 HOH 13  313 13  HOH HOH A . 
C 3 HOH 14  314 14  HOH HOH A . 
C 3 HOH 15  315 15  HOH HOH A . 
C 3 HOH 16  316 16  HOH HOH A . 
C 3 HOH 17  317 17  HOH HOH A . 
C 3 HOH 18  318 18  HOH HOH A . 
C 3 HOH 19  319 19  HOH HOH A . 
C 3 HOH 20  320 20  HOH HOH A . 
C 3 HOH 21  321 21  HOH HOH A . 
C 3 HOH 22  322 22  HOH HOH A . 
C 3 HOH 23  323 23  HOH HOH A . 
C 3 HOH 24  324 24  HOH HOH A . 
C 3 HOH 25  325 25  HOH HOH A . 
C 3 HOH 26  326 26  HOH HOH A . 
C 3 HOH 27  327 27  HOH HOH A . 
C 3 HOH 28  328 28  HOH HOH A . 
C 3 HOH 29  329 29  HOH HOH A . 
C 3 HOH 30  330 30  HOH HOH A . 
C 3 HOH 31  331 31  HOH HOH A . 
C 3 HOH 32  332 32  HOH HOH A . 
C 3 HOH 33  333 33  HOH HOH A . 
C 3 HOH 34  334 34  HOH HOH A . 
C 3 HOH 35  335 35  HOH HOH A . 
C 3 HOH 36  336 36  HOH HOH A . 
C 3 HOH 37  337 37  HOH HOH A . 
C 3 HOH 38  338 38  HOH HOH A . 
C 3 HOH 39  339 39  HOH HOH A . 
C 3 HOH 40  340 40  HOH HOH A . 
C 3 HOH 41  341 41  HOH HOH A . 
C 3 HOH 42  342 42  HOH HOH A . 
C 3 HOH 43  343 43  HOH HOH A . 
C 3 HOH 44  344 44  HOH HOH A . 
C 3 HOH 45  345 45  HOH HOH A . 
C 3 HOH 46  346 46  HOH HOH A . 
C 3 HOH 47  347 47  HOH HOH A . 
C 3 HOH 48  348 48  HOH HOH A . 
C 3 HOH 49  349 49  HOH HOH A . 
C 3 HOH 50  350 50  HOH HOH A . 
C 3 HOH 51  351 51  HOH HOH A . 
C 3 HOH 52  352 52  HOH HOH A . 
C 3 HOH 53  353 53  HOH HOH A . 
C 3 HOH 54  354 54  HOH HOH A . 
C 3 HOH 55  355 55  HOH HOH A . 
C 3 HOH 56  356 56  HOH HOH A . 
C 3 HOH 57  357 57  HOH HOH A . 
C 3 HOH 58  358 58  HOH HOH A . 
C 3 HOH 59  359 59  HOH HOH A . 
C 3 HOH 60  360 60  HOH HOH A . 
C 3 HOH 61  361 61  HOH HOH A . 
C 3 HOH 62  362 62  HOH HOH A . 
C 3 HOH 63  363 63  HOH HOH A . 
C 3 HOH 64  364 64  HOH HOH A . 
C 3 HOH 65  365 65  HOH HOH A . 
C 3 HOH 66  366 66  HOH HOH A . 
C 3 HOH 67  367 67  HOH HOH A . 
C 3 HOH 68  368 68  HOH HOH A . 
C 3 HOH 69  369 69  HOH HOH A . 
C 3 HOH 70  370 70  HOH HOH A . 
C 3 HOH 71  371 71  HOH HOH A . 
C 3 HOH 72  372 72  HOH HOH A . 
C 3 HOH 73  373 73  HOH HOH A . 
C 3 HOH 74  374 74  HOH HOH A . 
C 3 HOH 75  375 75  HOH HOH A . 
C 3 HOH 76  376 76  HOH HOH A . 
C 3 HOH 77  377 77  HOH HOH A . 
C 3 HOH 78  378 78  HOH HOH A . 
C 3 HOH 79  379 79  HOH HOH A . 
C 3 HOH 80  380 80  HOH HOH A . 
C 3 HOH 81  381 81  HOH HOH A . 
C 3 HOH 82  382 82  HOH HOH A . 
C 3 HOH 83  383 83  HOH HOH A . 
C 3 HOH 84  384 84  HOH HOH A . 
C 3 HOH 85  385 85  HOH HOH A . 
C 3 HOH 86  386 86  HOH HOH A . 
C 3 HOH 87  387 87  HOH HOH A . 
C 3 HOH 88  388 88  HOH HOH A . 
C 3 HOH 89  389 89  HOH HOH A . 
C 3 HOH 90  390 90  HOH HOH A . 
C 3 HOH 91  391 91  HOH HOH A . 
C 3 HOH 92  392 92  HOH HOH A . 
C 3 HOH 93  393 93  HOH HOH A . 
C 3 HOH 94  394 94  HOH HOH A . 
C 3 HOH 95  395 95  HOH HOH A . 
C 3 HOH 96  396 96  HOH HOH A . 
C 3 HOH 97  397 97  HOH HOH A . 
C 3 HOH 98  398 98  HOH HOH A . 
C 3 HOH 99  399 99  HOH HOH A . 
C 3 HOH 100 400 100 HOH HOH A . 
C 3 HOH 101 401 101 HOH HOH A . 
C 3 HOH 102 402 102 HOH HOH A . 
C 3 HOH 103 403 103 HOH HOH A . 
# 
_pdbx_struct_assembly.id                   1 
_pdbx_struct_assembly.details              author_and_software_defined_assembly 
_pdbx_struct_assembly.method_details       PISA 
_pdbx_struct_assembly.oligomeric_details   monomeric 
_pdbx_struct_assembly.oligomeric_count     1 
# 
_pdbx_struct_assembly_gen.assembly_id       1 
_pdbx_struct_assembly_gen.oper_expression   1 
_pdbx_struct_assembly_gen.asym_id_list      A,B,C 
# 
_pdbx_struct_oper_list.id                   1 
_pdbx_struct_oper_list.type                 'identity operation' 
_pdbx_struct_oper_list.name                 1_555 
_pdbx_struct_oper_list.symmetry_operation   x,y,z 
_pdbx_struct_oper_list.matrix[1][1]         1.0000000000 
_pdbx_struct_oper_list.matrix[1][2]         0.0000000000 
_pdbx_struct_oper_list.matrix[1][3]         0.0000000000 
_pdbx_struct_oper_list.vector[1]            0.0000000000 
_pdbx_struct_oper_list.matrix[2][1]         0.0000000000 
_pdbx_struct_oper_list.matrix[2][2]         1.0000000000 
_pdbx_struct_oper_list.matrix[2][3]         0.0000000000 
_pdbx_struct_oper_list.vector[2]            0.0000000000 
_pdbx_struct_oper_list.matrix[3][1]         0.0000000000 
_pdbx_struct_oper_list.matrix[3][2]         0.0000000000 
_pdbx_struct_oper_list.matrix[3][3]         1.0000000000 
_pdbx_struct_oper_list.vector[3]            0.0000000000 
# 
loop_
_pdbx_struct_special_symmetry.id 
_pdbx_struct_special_symmetry.PDB_model_num 
_pdbx_struct_special_symmetry.auth_asym_id 
_pdbx_struct_special_symmetry.auth_comp_id 
_pdbx_struct_special_symmetry.auth_seq_id 
_pdbx_struct_special_symmetry.PDB_ins_code 
_pdbx_struct_special_symmetry.label_asym_id 
_pdbx_struct_special_symmetry.label_comp_id 
_pdbx_struct_special_symmetry.label_seq_id 
1 1 A HOH 320 ? C HOH . 
2 1 A HOH 374 ? C HOH . 
# 
loop_
_pdbx_audit_revision_history.ordinal 
_pdbx_audit_revision_history.data_content_type 
_pdbx_audit_revision_history.major_revision 
_pdbx_audit_revision_history.minor_revision 
_pdbx_audit_revision_history.revision_date 
1 'Structure model' 1 0 2013-07-17 
2 'Structure model' 1 1 2017-11-22 
3 'Structure model' 1 2 2022-08-24 
4 'Structure model' 1 3 2023-11-08 
# 
_pdbx_audit_revision_details.ordinal             1 
_pdbx_audit_revision_details.revision_ordinal    1 
_pdbx_audit_revision_details.data_content_type   'Structure model' 
_pdbx_audit_revision_details.provider            repository 
_pdbx_audit_revision_details.type                'Initial release' 
_pdbx_audit_revision_details.description         ? 
_pdbx_audit_revision_details.details             ? 
# 
loop_
_pdbx_audit_revision_group.ordinal 
_pdbx_audit_revision_group.revision_ordinal 
_pdbx_audit_revision_group.data_content_type 
_pdbx_audit_revision_group.group 
1 2 'Structure model' 'Refinement description' 
2 3 'Structure model' 'Database references'    
3 3 'Structure model' 'Derived calculations'   
4 4 'Structure model' 'Data collection'        
5 4 'Structure model' 'Refinement description' 
# 
loop_
_pdbx_audit_revision_category.ordinal 
_pdbx_audit_revision_category.revision_ordinal 
_pdbx_audit_revision_category.data_content_type 
_pdbx_audit_revision_category.category 
1 2 'Structure model' software                      
2 3 'Structure model' citation                      
3 3 'Structure model' database_2                    
4 3 'Structure model' struct_ref_seq_dif            
5 3 'Structure model' struct_site                   
6 4 'Structure model' chem_comp_atom                
7 4 'Structure model' chem_comp_bond                
8 4 'Structure model' pdbx_initial_refinement_model 
# 
loop_
_pdbx_audit_revision_item.ordinal 
_pdbx_audit_revision_item.revision_ordinal 
_pdbx_audit_revision_item.data_content_type 
_pdbx_audit_revision_item.item 
1  2 'Structure model' '_software.name'                      
2  3 'Structure model' '_citation.journal_volume'            
3  3 'Structure model' '_citation.page_first'                
4  3 'Structure model' '_citation.page_last'                 
5  3 'Structure model' '_citation.title'                     
6  3 'Structure model' '_database_2.pdbx_DOI'                
7  3 'Structure model' '_database_2.pdbx_database_accession' 
8  3 'Structure model' '_struct_ref_seq_dif.details'         
9  3 'Structure model' '_struct_site.pdbx_auth_asym_id'      
10 3 'Structure model' '_struct_site.pdbx_auth_comp_id'      
11 3 'Structure model' '_struct_site.pdbx_auth_seq_id'       
# 
loop_
_software.name 
_software.classification 
_software.version 
_software.citation_id 
_software.pdbx_ordinal 
SERGUI   'data collection' .   ? 1 
MOLREP   phasing           .   ? 2 
REFMAC   refinement        5.5 ? 3 
HKL-2000 'data reduction'  .   ? 4 
HKL-2000 'data scaling'    .   ? 5 
# 
loop_
_pdbx_validate_rmsd_angle.id 
_pdbx_validate_rmsd_angle.PDB_model_num 
_pdbx_validate_rmsd_angle.auth_atom_id_1 
_pdbx_validate_rmsd_angle.auth_asym_id_1 
_pdbx_validate_rmsd_angle.auth_comp_id_1 
_pdbx_validate_rmsd_angle.auth_seq_id_1 
_pdbx_validate_rmsd_angle.PDB_ins_code_1 
_pdbx_validate_rmsd_angle.label_alt_id_1 
_pdbx_validate_rmsd_angle.auth_atom_id_2 
_pdbx_validate_rmsd_angle.auth_asym_id_2 
_pdbx_validate_rmsd_angle.auth_comp_id_2 
_pdbx_validate_rmsd_angle.auth_seq_id_2 
_pdbx_validate_rmsd_angle.PDB_ins_code_2 
_pdbx_validate_rmsd_angle.label_alt_id_2 
_pdbx_validate_rmsd_angle.auth_atom_id_3 
_pdbx_validate_rmsd_angle.auth_asym_id_3 
_pdbx_validate_rmsd_angle.auth_comp_id_3 
_pdbx_validate_rmsd_angle.auth_seq_id_3 
_pdbx_validate_rmsd_angle.PDB_ins_code_3 
_pdbx_validate_rmsd_angle.label_alt_id_3 
_pdbx_validate_rmsd_angle.angle_value 
_pdbx_validate_rmsd_angle.angle_target_value 
_pdbx_validate_rmsd_angle.angle_deviation 
_pdbx_validate_rmsd_angle.angle_standard_deviation 
_pdbx_validate_rmsd_angle.linker_flag 
1 1 CB A ASP 13 ? ? CG A ASP 13 ? ? OD1 A ASP 13 ? ? 123.85 118.30 5.55  0.90 N 
2 1 CB A ASP 13 ? ? CG A ASP 13 ? ? OD2 A ASP 13 ? ? 112.64 118.30 -5.66 0.90 N 
3 1 CB A ASP 89 ? ? CG A ASP 89 ? ? OD1 A ASP 89 ? ? 123.78 118.30 5.48  0.90 N 
# 
_pdbx_validate_torsion.id              1 
_pdbx_validate_torsion.PDB_model_num   1 
_pdbx_validate_torsion.auth_comp_id    LEU 
_pdbx_validate_torsion.auth_asym_id    A 
_pdbx_validate_torsion.auth_seq_id     53 
_pdbx_validate_torsion.PDB_ins_code    ? 
_pdbx_validate_torsion.label_alt_id    ? 
_pdbx_validate_torsion.phi             55.84 
_pdbx_validate_torsion.psi             -140.70 
# 
loop_
_pdbx_unobs_or_zero_occ_residues.id 
_pdbx_unobs_or_zero_occ_residues.PDB_model_num 
_pdbx_unobs_or_zero_occ_residues.polymer_flag 
_pdbx_unobs_or_zero_occ_residues.occupancy_flag 
_pdbx_unobs_or_zero_occ_residues.auth_asym_id 
_pdbx_unobs_or_zero_occ_residues.auth_comp_id 
_pdbx_unobs_or_zero_occ_residues.auth_seq_id 
_pdbx_unobs_or_zero_occ_residues.PDB_ins_code 
_pdbx_unobs_or_zero_occ_residues.label_asym_id 
_pdbx_unobs_or_zero_occ_residues.label_comp_id 
_pdbx_unobs_or_zero_occ_residues.label_seq_id 
1 1 Y 1 A GLY -2 ? A GLY 1 
2 1 Y 1 A SER -1 ? A SER 2 
3 1 Y 1 A HIS 0  ? A HIS 3 
4 1 Y 1 A MET 1  ? A MET 4 
# 
loop_
_chem_comp_atom.comp_id 
_chem_comp_atom.atom_id 
_chem_comp_atom.type_symbol 
_chem_comp_atom.pdbx_aromatic_flag 
_chem_comp_atom.pdbx_stereo_config 
_chem_comp_atom.pdbx_ordinal 
ALA N    N N N 1   
ALA CA   C N S 2   
ALA C    C N N 3   
ALA O    O N N 4   
ALA CB   C N N 5   
ALA OXT  O N N 6   
ALA H    H N N 7   
ALA H2   H N N 8   
ALA HA   H N N 9   
ALA HB1  H N N 10  
ALA HB2  H N N 11  
ALA HB3  H N N 12  
ALA HXT  H N N 13  
ARG N    N N N 14  
ARG CA   C N S 15  
ARG C    C N N 16  
ARG O    O N N 17  
ARG CB   C N N 18  
ARG CG   C N N 19  
ARG CD   C N N 20  
ARG NE   N N N 21  
ARG CZ   C N N 22  
ARG NH1  N N N 23  
ARG NH2  N N N 24  
ARG OXT  O N N 25  
ARG H    H N N 26  
ARG H2   H N N 27  
ARG HA   H N N 28  
ARG HB2  H N N 29  
ARG HB3  H N N 30  
ARG HG2  H N N 31  
ARG HG3  H N N 32  
ARG HD2  H N N 33  
ARG HD3  H N N 34  
ARG HE   H N N 35  
ARG HH11 H N N 36  
ARG HH12 H N N 37  
ARG HH21 H N N 38  
ARG HH22 H N N 39  
ARG HXT  H N N 40  
ASN N    N N N 41  
ASN CA   C N S 42  
ASN C    C N N 43  
ASN O    O N N 44  
ASN CB   C N N 45  
ASN CG   C N N 46  
ASN OD1  O N N 47  
ASN ND2  N N N 48  
ASN OXT  O N N 49  
ASN H    H N N 50  
ASN H2   H N N 51  
ASN HA   H N N 52  
ASN HB2  H N N 53  
ASN HB3  H N N 54  
ASN HD21 H N N 55  
ASN HD22 H N N 56  
ASN HXT  H N N 57  
ASP N    N N N 58  
ASP CA   C N S 59  
ASP C    C N N 60  
ASP O    O N N 61  
ASP CB   C N N 62  
ASP CG   C N N 63  
ASP OD1  O N N 64  
ASP OD2  O N N 65  
ASP OXT  O N N 66  
ASP H    H N N 67  
ASP H2   H N N 68  
ASP HA   H N N 69  
ASP HB2  H N N 70  
ASP HB3  H N N 71  
ASP HD2  H N N 72  
ASP HXT  H N N 73  
CYS N    N N N 74  
CYS CA   C N R 75  
CYS C    C N N 76  
CYS O    O N N 77  
CYS CB   C N N 78  
CYS SG   S N N 79  
CYS OXT  O N N 80  
CYS H    H N N 81  
CYS H2   H N N 82  
CYS HA   H N N 83  
CYS HB2  H N N 84  
CYS HB3  H N N 85  
CYS HG   H N N 86  
CYS HXT  H N N 87  
GLN N    N N N 88  
GLN CA   C N S 89  
GLN C    C N N 90  
GLN O    O N N 91  
GLN CB   C N N 92  
GLN CG   C N N 93  
GLN CD   C N N 94  
GLN OE1  O N N 95  
GLN NE2  N N N 96  
GLN OXT  O N N 97  
GLN H    H N N 98  
GLN H2   H N N 99  
GLN HA   H N N 100 
GLN HB2  H N N 101 
GLN HB3  H N N 102 
GLN HG2  H N N 103 
GLN HG3  H N N 104 
GLN HE21 H N N 105 
GLN HE22 H N N 106 
GLN HXT  H N N 107 
GLU N    N N N 108 
GLU CA   C N S 109 
GLU C    C N N 110 
GLU O    O N N 111 
GLU CB   C N N 112 
GLU CG   C N N 113 
GLU CD   C N N 114 
GLU OE1  O N N 115 
GLU OE2  O N N 116 
GLU OXT  O N N 117 
GLU H    H N N 118 
GLU H2   H N N 119 
GLU HA   H N N 120 
GLU HB2  H N N 121 
GLU HB3  H N N 122 
GLU HG2  H N N 123 
GLU HG3  H N N 124 
GLU HE2  H N N 125 
GLU HXT  H N N 126 
GLY N    N N N 127 
GLY CA   C N N 128 
GLY C    C N N 129 
GLY O    O N N 130 
GLY OXT  O N N 131 
GLY H    H N N 132 
GLY H2   H N N 133 
GLY HA2  H N N 134 
GLY HA3  H N N 135 
GLY HXT  H N N 136 
HIS N    N N N 137 
HIS CA   C N S 138 
HIS C    C N N 139 
HIS O    O N N 140 
HIS CB   C N N 141 
HIS CG   C Y N 142 
HIS ND1  N Y N 143 
HIS CD2  C Y N 144 
HIS CE1  C Y N 145 
HIS NE2  N Y N 146 
HIS OXT  O N N 147 
HIS H    H N N 148 
HIS H2   H N N 149 
HIS HA   H N N 150 
HIS HB2  H N N 151 
HIS HB3  H N N 152 
HIS HD1  H N N 153 
HIS HD2  H N N 154 
HIS HE1  H N N 155 
HIS HE2  H N N 156 
HIS HXT  H N N 157 
HOH O    O N N 158 
HOH H1   H N N 159 
HOH H2   H N N 160 
ILE N    N N N 161 
ILE CA   C N S 162 
ILE C    C N N 163 
ILE O    O N N 164 
ILE CB   C N S 165 
ILE CG1  C N N 166 
ILE CG2  C N N 167 
ILE CD1  C N N 168 
ILE OXT  O N N 169 
ILE H    H N N 170 
ILE H2   H N N 171 
ILE HA   H N N 172 
ILE HB   H N N 173 
ILE HG12 H N N 174 
ILE HG13 H N N 175 
ILE HG21 H N N 176 
ILE HG22 H N N 177 
ILE HG23 H N N 178 
ILE HD11 H N N 179 
ILE HD12 H N N 180 
ILE HD13 H N N 181 
ILE HXT  H N N 182 
LEU N    N N N 183 
LEU CA   C N S 184 
LEU C    C N N 185 
LEU O    O N N 186 
LEU CB   C N N 187 
LEU CG   C N N 188 
LEU CD1  C N N 189 
LEU CD2  C N N 190 
LEU OXT  O N N 191 
LEU H    H N N 192 
LEU H2   H N N 193 
LEU HA   H N N 194 
LEU HB2  H N N 195 
LEU HB3  H N N 196 
LEU HG   H N N 197 
LEU HD11 H N N 198 
LEU HD12 H N N 199 
LEU HD13 H N N 200 
LEU HD21 H N N 201 
LEU HD22 H N N 202 
LEU HD23 H N N 203 
LEU HXT  H N N 204 
LYS N    N N N 205 
LYS CA   C N S 206 
LYS C    C N N 207 
LYS O    O N N 208 
LYS CB   C N N 209 
LYS CG   C N N 210 
LYS CD   C N N 211 
LYS CE   C N N 212 
LYS NZ   N N N 213 
LYS OXT  O N N 214 
LYS H    H N N 215 
LYS H2   H N N 216 
LYS HA   H N N 217 
LYS HB2  H N N 218 
LYS HB3  H N N 219 
LYS HG2  H N N 220 
LYS HG3  H N N 221 
LYS HD2  H N N 222 
LYS HD3  H N N 223 
LYS HE2  H N N 224 
LYS HE3  H N N 225 
LYS HZ1  H N N 226 
LYS HZ2  H N N 227 
LYS HZ3  H N N 228 
LYS HXT  H N N 229 
MET N    N N N 230 
MET CA   C N S 231 
MET C    C N N 232 
MET O    O N N 233 
MET CB   C N N 234 
MET CG   C N N 235 
MET SD   S N N 236 
MET CE   C N N 237 
MET OXT  O N N 238 
MET H    H N N 239 
MET H2   H N N 240 
MET HA   H N N 241 
MET HB2  H N N 242 
MET HB3  H N N 243 
MET HG2  H N N 244 
MET HG3  H N N 245 
MET HE1  H N N 246 
MET HE2  H N N 247 
MET HE3  H N N 248 
MET HXT  H N N 249 
MYR C1   C N N 250 
MYR O1   O N N 251 
MYR O2   O N N 252 
MYR C2   C N N 253 
MYR C3   C N N 254 
MYR C4   C N N 255 
MYR C5   C N N 256 
MYR C6   C N N 257 
MYR C7   C N N 258 
MYR C8   C N N 259 
MYR C9   C N N 260 
MYR C10  C N N 261 
MYR C11  C N N 262 
MYR C12  C N N 263 
MYR C13  C N N 264 
MYR C14  C N N 265 
MYR HO2  H N N 266 
MYR H21  H N N 267 
MYR H22  H N N 268 
MYR H31  H N N 269 
MYR H32  H N N 270 
MYR H41  H N N 271 
MYR H42  H N N 272 
MYR H51  H N N 273 
MYR H52  H N N 274 
MYR H61  H N N 275 
MYR H62  H N N 276 
MYR H71  H N N 277 
MYR H72  H N N 278 
MYR H81  H N N 279 
MYR H82  H N N 280 
MYR H91  H N N 281 
MYR H92  H N N 282 
MYR H101 H N N 283 
MYR H102 H N N 284 
MYR H111 H N N 285 
MYR H112 H N N 286 
MYR H121 H N N 287 
MYR H122 H N N 288 
MYR H131 H N N 289 
MYR H132 H N N 290 
MYR H141 H N N 291 
MYR H142 H N N 292 
MYR H143 H N N 293 
PHE N    N N N 294 
PHE CA   C N S 295 
PHE C    C N N 296 
PHE O    O N N 297 
PHE CB   C N N 298 
PHE CG   C Y N 299 
PHE CD1  C Y N 300 
PHE CD2  C Y N 301 
PHE CE1  C Y N 302 
PHE CE2  C Y N 303 
PHE CZ   C Y N 304 
PHE OXT  O N N 305 
PHE H    H N N 306 
PHE H2   H N N 307 
PHE HA   H N N 308 
PHE HB2  H N N 309 
PHE HB3  H N N 310 
PHE HD1  H N N 311 
PHE HD2  H N N 312 
PHE HE1  H N N 313 
PHE HE2  H N N 314 
PHE HZ   H N N 315 
PHE HXT  H N N 316 
PRO N    N N N 317 
PRO CA   C N S 318 
PRO C    C N N 319 
PRO O    O N N 320 
PRO CB   C N N 321 
PRO CG   C N N 322 
PRO CD   C N N 323 
PRO OXT  O N N 324 
PRO H    H N N 325 
PRO HA   H N N 326 
PRO HB2  H N N 327 
PRO HB3  H N N 328 
PRO HG2  H N N 329 
PRO HG3  H N N 330 
PRO HD2  H N N 331 
PRO HD3  H N N 332 
PRO HXT  H N N 333 
SER N    N N N 334 
SER CA   C N S 335 
SER C    C N N 336 
SER O    O N N 337 
SER CB   C N N 338 
SER OG   O N N 339 
SER OXT  O N N 340 
SER H    H N N 341 
SER H2   H N N 342 
SER HA   H N N 343 
SER HB2  H N N 344 
SER HB3  H N N 345 
SER HG   H N N 346 
SER HXT  H N N 347 
THR N    N N N 348 
THR CA   C N S 349 
THR C    C N N 350 
THR O    O N N 351 
THR CB   C N R 352 
THR OG1  O N N 353 
THR CG2  C N N 354 
THR OXT  O N N 355 
THR H    H N N 356 
THR H2   H N N 357 
THR HA   H N N 358 
THR HB   H N N 359 
THR HG1  H N N 360 
THR HG21 H N N 361 
THR HG22 H N N 362 
THR HG23 H N N 363 
THR HXT  H N N 364 
TYR N    N N N 365 
TYR CA   C N S 366 
TYR C    C N N 367 
TYR O    O N N 368 
TYR CB   C N N 369 
TYR CG   C Y N 370 
TYR CD1  C Y N 371 
TYR CD2  C Y N 372 
TYR CE1  C Y N 373 
TYR CE2  C Y N 374 
TYR CZ   C Y N 375 
TYR OH   O N N 376 
TYR OXT  O N N 377 
TYR H    H N N 378 
TYR H2   H N N 379 
TYR HA   H N N 380 
TYR HB2  H N N 381 
TYR HB3  H N N 382 
TYR HD1  H N N 383 
TYR HD2  H N N 384 
TYR HE1  H N N 385 
TYR HE2  H N N 386 
TYR HH   H N N 387 
TYR HXT  H N N 388 
VAL N    N N N 389 
VAL CA   C N S 390 
VAL C    C N N 391 
VAL O    O N N 392 
VAL CB   C N N 393 
VAL CG1  C N N 394 
VAL CG2  C N N 395 
VAL OXT  O N N 396 
VAL H    H N N 397 
VAL H2   H N N 398 
VAL HA   H N N 399 
VAL HB   H N N 400 
VAL HG11 H N N 401 
VAL HG12 H N N 402 
VAL HG13 H N N 403 
VAL HG21 H N N 404 
VAL HG22 H N N 405 
VAL HG23 H N N 406 
VAL HXT  H N N 407 
# 
loop_
_chem_comp_bond.comp_id 
_chem_comp_bond.atom_id_1 
_chem_comp_bond.atom_id_2 
_chem_comp_bond.value_order 
_chem_comp_bond.pdbx_aromatic_flag 
_chem_comp_bond.pdbx_stereo_config 
_chem_comp_bond.pdbx_ordinal 
ALA N   CA   sing N N 1   
ALA N   H    sing N N 2   
ALA N   H2   sing N N 3   
ALA CA  C    sing N N 4   
ALA CA  CB   sing N N 5   
ALA CA  HA   sing N N 6   
ALA C   O    doub N N 7   
ALA C   OXT  sing N N 8   
ALA CB  HB1  sing N N 9   
ALA CB  HB2  sing N N 10  
ALA CB  HB3  sing N N 11  
ALA OXT HXT  sing N N 12  
ARG N   CA   sing N N 13  
ARG N   H    sing N N 14  
ARG N   H2   sing N N 15  
ARG CA  C    sing N N 16  
ARG CA  CB   sing N N 17  
ARG CA  HA   sing N N 18  
ARG C   O    doub N N 19  
ARG C   OXT  sing N N 20  
ARG CB  CG   sing N N 21  
ARG CB  HB2  sing N N 22  
ARG CB  HB3  sing N N 23  
ARG CG  CD   sing N N 24  
ARG CG  HG2  sing N N 25  
ARG CG  HG3  sing N N 26  
ARG CD  NE   sing N N 27  
ARG CD  HD2  sing N N 28  
ARG CD  HD3  sing N N 29  
ARG NE  CZ   sing N N 30  
ARG NE  HE   sing N N 31  
ARG CZ  NH1  sing N N 32  
ARG CZ  NH2  doub N N 33  
ARG NH1 HH11 sing N N 34  
ARG NH1 HH12 sing N N 35  
ARG NH2 HH21 sing N N 36  
ARG NH2 HH22 sing N N 37  
ARG OXT HXT  sing N N 38  
ASN N   CA   sing N N 39  
ASN N   H    sing N N 40  
ASN N   H2   sing N N 41  
ASN CA  C    sing N N 42  
ASN CA  CB   sing N N 43  
ASN CA  HA   sing N N 44  
ASN C   O    doub N N 45  
ASN C   OXT  sing N N 46  
ASN CB  CG   sing N N 47  
ASN CB  HB2  sing N N 48  
ASN CB  HB3  sing N N 49  
ASN CG  OD1  doub N N 50  
ASN CG  ND2  sing N N 51  
ASN ND2 HD21 sing N N 52  
ASN ND2 HD22 sing N N 53  
ASN OXT HXT  sing N N 54  
ASP N   CA   sing N N 55  
ASP N   H    sing N N 56  
ASP N   H2   sing N N 57  
ASP CA  C    sing N N 58  
ASP CA  CB   sing N N 59  
ASP CA  HA   sing N N 60  
ASP C   O    doub N N 61  
ASP C   OXT  sing N N 62  
ASP CB  CG   sing N N 63  
ASP CB  HB2  sing N N 64  
ASP CB  HB3  sing N N 65  
ASP CG  OD1  doub N N 66  
ASP CG  OD2  sing N N 67  
ASP OD2 HD2  sing N N 68  
ASP OXT HXT  sing N N 69  
CYS N   CA   sing N N 70  
CYS N   H    sing N N 71  
CYS N   H2   sing N N 72  
CYS CA  C    sing N N 73  
CYS CA  CB   sing N N 74  
CYS CA  HA   sing N N 75  
CYS C   O    doub N N 76  
CYS C   OXT  sing N N 77  
CYS CB  SG   sing N N 78  
CYS CB  HB2  sing N N 79  
CYS CB  HB3  sing N N 80  
CYS SG  HG   sing N N 81  
CYS OXT HXT  sing N N 82  
GLN N   CA   sing N N 83  
GLN N   H    sing N N 84  
GLN N   H2   sing N N 85  
GLN CA  C    sing N N 86  
GLN CA  CB   sing N N 87  
GLN CA  HA   sing N N 88  
GLN C   O    doub N N 89  
GLN C   OXT  sing N N 90  
GLN CB  CG   sing N N 91  
GLN CB  HB2  sing N N 92  
GLN CB  HB3  sing N N 93  
GLN CG  CD   sing N N 94  
GLN CG  HG2  sing N N 95  
GLN CG  HG3  sing N N 96  
GLN CD  OE1  doub N N 97  
GLN CD  NE2  sing N N 98  
GLN NE2 HE21 sing N N 99  
GLN NE2 HE22 sing N N 100 
GLN OXT HXT  sing N N 101 
GLU N   CA   sing N N 102 
GLU N   H    sing N N 103 
GLU N   H2   sing N N 104 
GLU CA  C    sing N N 105 
GLU CA  CB   sing N N 106 
GLU CA  HA   sing N N 107 
GLU C   O    doub N N 108 
GLU C   OXT  sing N N 109 
GLU CB  CG   sing N N 110 
GLU CB  HB2  sing N N 111 
GLU CB  HB3  sing N N 112 
GLU CG  CD   sing N N 113 
GLU CG  HG2  sing N N 114 
GLU CG  HG3  sing N N 115 
GLU CD  OE1  doub N N 116 
GLU CD  OE2  sing N N 117 
GLU OE2 HE2  sing N N 118 
GLU OXT HXT  sing N N 119 
GLY N   CA   sing N N 120 
GLY N   H    sing N N 121 
GLY N   H2   sing N N 122 
GLY CA  C    sing N N 123 
GLY CA  HA2  sing N N 124 
GLY CA  HA3  sing N N 125 
GLY C   O    doub N N 126 
GLY C   OXT  sing N N 127 
GLY OXT HXT  sing N N 128 
HIS N   CA   sing N N 129 
HIS N   H    sing N N 130 
HIS N   H2   sing N N 131 
HIS CA  C    sing N N 132 
HIS CA  CB   sing N N 133 
HIS CA  HA   sing N N 134 
HIS C   O    doub N N 135 
HIS C   OXT  sing N N 136 
HIS CB  CG   sing N N 137 
HIS CB  HB2  sing N N 138 
HIS CB  HB3  sing N N 139 
HIS CG  ND1  sing Y N 140 
HIS CG  CD2  doub Y N 141 
HIS ND1 CE1  doub Y N 142 
HIS ND1 HD1  sing N N 143 
HIS CD2 NE2  sing Y N 144 
HIS CD2 HD2  sing N N 145 
HIS CE1 NE2  sing Y N 146 
HIS CE1 HE1  sing N N 147 
HIS NE2 HE2  sing N N 148 
HIS OXT HXT  sing N N 149 
HOH O   H1   sing N N 150 
HOH O   H2   sing N N 151 
ILE N   CA   sing N N 152 
ILE N   H    sing N N 153 
ILE N   H2   sing N N 154 
ILE CA  C    sing N N 155 
ILE CA  CB   sing N N 156 
ILE CA  HA   sing N N 157 
ILE C   O    doub N N 158 
ILE C   OXT  sing N N 159 
ILE CB  CG1  sing N N 160 
ILE CB  CG2  sing N N 161 
ILE CB  HB   sing N N 162 
ILE CG1 CD1  sing N N 163 
ILE CG1 HG12 sing N N 164 
ILE CG1 HG13 sing N N 165 
ILE CG2 HG21 sing N N 166 
ILE CG2 HG22 sing N N 167 
ILE CG2 HG23 sing N N 168 
ILE CD1 HD11 sing N N 169 
ILE CD1 HD12 sing N N 170 
ILE CD1 HD13 sing N N 171 
ILE OXT HXT  sing N N 172 
LEU N   CA   sing N N 173 
LEU N   H    sing N N 174 
LEU N   H2   sing N N 175 
LEU CA  C    sing N N 176 
LEU CA  CB   sing N N 177 
LEU CA  HA   sing N N 178 
LEU C   O    doub N N 179 
LEU C   OXT  sing N N 180 
LEU CB  CG   sing N N 181 
LEU CB  HB2  sing N N 182 
LEU CB  HB3  sing N N 183 
LEU CG  CD1  sing N N 184 
LEU CG  CD2  sing N N 185 
LEU CG  HG   sing N N 186 
LEU CD1 HD11 sing N N 187 
LEU CD1 HD12 sing N N 188 
LEU CD1 HD13 sing N N 189 
LEU CD2 HD21 sing N N 190 
LEU CD2 HD22 sing N N 191 
LEU CD2 HD23 sing N N 192 
LEU OXT HXT  sing N N 193 
LYS N   CA   sing N N 194 
LYS N   H    sing N N 195 
LYS N   H2   sing N N 196 
LYS CA  C    sing N N 197 
LYS CA  CB   sing N N 198 
LYS CA  HA   sing N N 199 
LYS C   O    doub N N 200 
LYS C   OXT  sing N N 201 
LYS CB  CG   sing N N 202 
LYS CB  HB2  sing N N 203 
LYS CB  HB3  sing N N 204 
LYS CG  CD   sing N N 205 
LYS CG  HG2  sing N N 206 
LYS CG  HG3  sing N N 207 
LYS CD  CE   sing N N 208 
LYS CD  HD2  sing N N 209 
LYS CD  HD3  sing N N 210 
LYS CE  NZ   sing N N 211 
LYS CE  HE2  sing N N 212 
LYS CE  HE3  sing N N 213 
LYS NZ  HZ1  sing N N 214 
LYS NZ  HZ2  sing N N 215 
LYS NZ  HZ3  sing N N 216 
LYS OXT HXT  sing N N 217 
MET N   CA   sing N N 218 
MET N   H    sing N N 219 
MET N   H2   sing N N 220 
MET CA  C    sing N N 221 
MET CA  CB   sing N N 222 
MET CA  HA   sing N N 223 
MET C   O    doub N N 224 
MET C   OXT  sing N N 225 
MET CB  CG   sing N N 226 
MET CB  HB2  sing N N 227 
MET CB  HB3  sing N N 228 
MET CG  SD   sing N N 229 
MET CG  HG2  sing N N 230 
MET CG  HG3  sing N N 231 
MET SD  CE   sing N N 232 
MET CE  HE1  sing N N 233 
MET CE  HE2  sing N N 234 
MET CE  HE3  sing N N 235 
MET OXT HXT  sing N N 236 
MYR C1  O1   doub N N 237 
MYR C1  O2   sing N N 238 
MYR C1  C2   sing N N 239 
MYR O2  HO2  sing N N 240 
MYR C2  C3   sing N N 241 
MYR C2  H21  sing N N 242 
MYR C2  H22  sing N N 243 
MYR C3  C4   sing N N 244 
MYR C3  H31  sing N N 245 
MYR C3  H32  sing N N 246 
MYR C4  C5   sing N N 247 
MYR C4  H41  sing N N 248 
MYR C4  H42  sing N N 249 
MYR C5  C6   sing N N 250 
MYR C5  H51  sing N N 251 
MYR C5  H52  sing N N 252 
MYR C6  C7   sing N N 253 
MYR C6  H61  sing N N 254 
MYR C6  H62  sing N N 255 
MYR C7  C8   sing N N 256 
MYR C7  H71  sing N N 257 
MYR C7  H72  sing N N 258 
MYR C8  C9   sing N N 259 
MYR C8  H81  sing N N 260 
MYR C8  H82  sing N N 261 
MYR C9  C10  sing N N 262 
MYR C9  H91  sing N N 263 
MYR C9  H92  sing N N 264 
MYR C10 C11  sing N N 265 
MYR C10 H101 sing N N 266 
MYR C10 H102 sing N N 267 
MYR C11 C12  sing N N 268 
MYR C11 H111 sing N N 269 
MYR C11 H112 sing N N 270 
MYR C12 C13  sing N N 271 
MYR C12 H121 sing N N 272 
MYR C12 H122 sing N N 273 
MYR C13 C14  sing N N 274 
MYR C13 H131 sing N N 275 
MYR C13 H132 sing N N 276 
MYR C14 H141 sing N N 277 
MYR C14 H142 sing N N 278 
MYR C14 H143 sing N N 279 
PHE N   CA   sing N N 280 
PHE N   H    sing N N 281 
PHE N   H2   sing N N 282 
PHE CA  C    sing N N 283 
PHE CA  CB   sing N N 284 
PHE CA  HA   sing N N 285 
PHE C   O    doub N N 286 
PHE C   OXT  sing N N 287 
PHE CB  CG   sing N N 288 
PHE CB  HB2  sing N N 289 
PHE CB  HB3  sing N N 290 
PHE CG  CD1  doub Y N 291 
PHE CG  CD2  sing Y N 292 
PHE CD1 CE1  sing Y N 293 
PHE CD1 HD1  sing N N 294 
PHE CD2 CE2  doub Y N 295 
PHE CD2 HD2  sing N N 296 
PHE CE1 CZ   doub Y N 297 
PHE CE1 HE1  sing N N 298 
PHE CE2 CZ   sing Y N 299 
PHE CE2 HE2  sing N N 300 
PHE CZ  HZ   sing N N 301 
PHE OXT HXT  sing N N 302 
PRO N   CA   sing N N 303 
PRO N   CD   sing N N 304 
PRO N   H    sing N N 305 
PRO CA  C    sing N N 306 
PRO CA  CB   sing N N 307 
PRO CA  HA   sing N N 308 
PRO C   O    doub N N 309 
PRO C   OXT  sing N N 310 
PRO CB  CG   sing N N 311 
PRO CB  HB2  sing N N 312 
PRO CB  HB3  sing N N 313 
PRO CG  CD   sing N N 314 
PRO CG  HG2  sing N N 315 
PRO CG  HG3  sing N N 316 
PRO CD  HD2  sing N N 317 
PRO CD  HD3  sing N N 318 
PRO OXT HXT  sing N N 319 
SER N   CA   sing N N 320 
SER N   H    sing N N 321 
SER N   H2   sing N N 322 
SER CA  C    sing N N 323 
SER CA  CB   sing N N 324 
SER CA  HA   sing N N 325 
SER C   O    doub N N 326 
SER C   OXT  sing N N 327 
SER CB  OG   sing N N 328 
SER CB  HB2  sing N N 329 
SER CB  HB3  sing N N 330 
SER OG  HG   sing N N 331 
SER OXT HXT  sing N N 332 
THR N   CA   sing N N 333 
THR N   H    sing N N 334 
THR N   H2   sing N N 335 
THR CA  C    sing N N 336 
THR CA  CB   sing N N 337 
THR CA  HA   sing N N 338 
THR C   O    doub N N 339 
THR C   OXT  sing N N 340 
THR CB  OG1  sing N N 341 
THR CB  CG2  sing N N 342 
THR CB  HB   sing N N 343 
THR OG1 HG1  sing N N 344 
THR CG2 HG21 sing N N 345 
THR CG2 HG22 sing N N 346 
THR CG2 HG23 sing N N 347 
THR OXT HXT  sing N N 348 
TYR N   CA   sing N N 349 
TYR N   H    sing N N 350 
TYR N   H2   sing N N 351 
TYR CA  C    sing N N 352 
TYR CA  CB   sing N N 353 
TYR CA  HA   sing N N 354 
TYR C   O    doub N N 355 
TYR C   OXT  sing N N 356 
TYR CB  CG   sing N N 357 
TYR CB  HB2  sing N N 358 
TYR CB  HB3  sing N N 359 
TYR CG  CD1  doub Y N 360 
TYR CG  CD2  sing Y N 361 
TYR CD1 CE1  sing Y N 362 
TYR CD1 HD1  sing N N 363 
TYR CD2 CE2  doub Y N 364 
TYR CD2 HD2  sing N N 365 
TYR CE1 CZ   doub Y N 366 
TYR CE1 HE1  sing N N 367 
TYR CE2 CZ   sing Y N 368 
TYR CE2 HE2  sing N N 369 
TYR CZ  OH   sing N N 370 
TYR OH  HH   sing N N 371 
TYR OXT HXT  sing N N 372 
VAL N   CA   sing N N 373 
VAL N   H    sing N N 374 
VAL N   H2   sing N N 375 
VAL CA  C    sing N N 376 
VAL CA  CB   sing N N 377 
VAL CA  HA   sing N N 378 
VAL C   O    doub N N 379 
VAL C   OXT  sing N N 380 
VAL CB  CG1  sing N N 381 
VAL CB  CG2  sing N N 382 
VAL CB  HB   sing N N 383 
VAL CG1 HG11 sing N N 384 
VAL CG1 HG12 sing N N 385 
VAL CG1 HG13 sing N N 386 
VAL CG2 HG21 sing N N 387 
VAL CG2 HG22 sing N N 388 
VAL CG2 HG23 sing N N 389 
VAL OXT HXT  sing N N 390 
# 
loop_
_pdbx_entity_nonpoly.entity_id 
_pdbx_entity_nonpoly.name 
_pdbx_entity_nonpoly.comp_id 
2 'MYRISTIC ACID' MYR 
3 water           HOH 
# 
_pdbx_initial_refinement_model.id               1 
_pdbx_initial_refinement_model.entity_id_list   ? 
_pdbx_initial_refinement_model.type             'experimental model' 
_pdbx_initial_refinement_model.source_name      PDB 
_pdbx_initial_refinement_model.accession_code   2EJX 
_pdbx_initial_refinement_model.details          ? 
# 
